data_8HK0
#
_entry.id   8HK0
#
_cell.length_a   137.080
_cell.length_b   137.080
_cell.length_c   148.060
_cell.angle_alpha   90.00
_cell.angle_beta   90.00
_cell.angle_gamma   90.00
#
_symmetry.space_group_name_H-M   'P 4 21 2'
#
loop_
_entity.id
_entity.type
_entity.pdbx_description
1 polymer Dehydrogenase
2 polymer 'Acyl-CoA dehydrogenase'
3 non-polymer 'FLAVIN-ADENINE DINUCLEOTIDE'
4 non-polymer 'PENTAETHYLENE GLYCOL'
5 water water
#
loop_
_entity_poly.entity_id
_entity_poly.type
_entity_poly.pdbx_seq_one_letter_code
_entity_poly.pdbx_strand_id
1 'polypeptide(L)'
;MDLTPDPLLVQLRGALRTALAGVPVRSGVHGPPVADGPSGPAREVLDRLGAADFERPASAGGLGLGLTAGVVVAEELGRA
ACGNPYRADALAASLGHPGGAASAGWEALPVGAGVTATARAGGWDLTGAATADGPADGPLLVAARAGGEPLLVAVEPGAP
GLTAGTGCWPQVVRFEATPVTPADVVGALDDSPTGPLARARLRQAAYLLGVADGAHRIAVRHAGVRRQFDTRLRDLPAVA
FPLARAMVALRATRAVVYRGASLVDSQDAGTGTAPVAALATAAGTGTAPLVALATAAETARDVVRSCMQACGVRAMTDEL
GLHRYFRLVAAEAGRYGEPAALWRLAGAARLDRARRAAGGGAAGSQVAAAARSRHHHHHH
;
C,D
2 'polypeptide(L)'
;MRYGFTEEQQRFRADVRQALRSAEVRAAVADATPADGVEPDMRTLYRLLGKLGLLAVHWPAEFGGADRPLTDAAIVAEEL
VRAGVPDTLHVNTIQIVGQFLLMAGSAEQKRRHLPALAQGERFASVLYTEPDAGSDLGALRTVAEPDGDGYRLTGTKVFS
LKTRFVDLGLCAARTTPGAGKYQGISLFLVDLTAPGVTVSVIPGVSDEQFHRVDLDAVPVSGDDLIGARDQGWPLLNEAL
AIERTGLDYFLKAERWLEAALEALADRDPESTHDAHLEHIGRFDGALAADHVLAWEVLTGLASGRVDPVTAAVAKYHSSE
LARDVAEWAAGVPDPGQRADRAPAAVVLDSAYREAPGLTLSAGTSEVMLQIMATAFDSLGQEKR
;
A,B
#
loop_
_chem_comp.id
_chem_comp.type
_chem_comp.name
_chem_comp.formula
1PE non-polymer 'PENTAETHYLENE GLYCOL' 'C10 H22 O6'
FAD non-polymer 'FLAVIN-ADENINE DINUCLEOTIDE' 'C27 H33 N9 O15 P2'
#
# COMPACT_ATOMS: atom_id res chain seq x y z
N MET A 1 28.45 13.28 -3.00
CA MET A 1 27.85 13.91 -4.17
C MET A 1 27.30 15.30 -3.80
N ASP A 2 27.34 16.22 -4.77
CA ASP A 2 26.89 17.58 -4.57
C ASP A 2 25.66 17.84 -5.44
N LEU A 3 24.56 18.24 -4.81
CA LEU A 3 23.28 18.41 -5.49
C LEU A 3 22.77 19.85 -5.38
N THR A 4 23.68 20.81 -5.31
CA THR A 4 23.30 22.21 -5.41
C THR A 4 22.78 22.50 -6.82
N PRO A 5 21.72 23.30 -6.94
CA PRO A 5 21.15 23.58 -8.26
C PRO A 5 22.14 24.25 -9.21
N ASP A 6 22.12 23.79 -10.45
CA ASP A 6 22.83 24.42 -11.55
C ASP A 6 22.15 25.75 -11.89
N PRO A 7 22.87 26.88 -11.85
CA PRO A 7 22.23 28.18 -12.17
C PRO A 7 21.70 28.30 -13.59
N LEU A 8 22.39 27.75 -14.60
CA LEU A 8 21.92 27.85 -15.97
C LEU A 8 20.57 27.17 -16.15
N LEU A 9 20.31 26.11 -15.38
CA LEU A 9 19.09 25.33 -15.52
C LEU A 9 17.95 25.94 -14.72
N VAL A 10 18.25 26.50 -13.55
CA VAL A 10 17.25 27.24 -12.80
C VAL A 10 16.65 28.35 -13.65
N GLN A 11 17.49 29.08 -14.38
CA GLN A 11 16.96 30.05 -15.33
C GLN A 11 16.16 29.37 -16.43
N LEU A 12 16.67 28.24 -16.95
CA LEU A 12 15.96 27.58 -18.04
C LEU A 12 14.58 27.11 -17.58
N ARG A 13 14.50 26.56 -16.37
CA ARG A 13 13.20 26.17 -15.81
C ARG A 13 12.28 27.37 -15.66
N GLY A 14 12.79 28.45 -15.04
CA GLY A 14 11.98 29.65 -14.89
C GLY A 14 11.43 30.16 -16.22
N ALA A 15 12.28 30.20 -17.25
CA ALA A 15 11.81 30.67 -18.55
C ALA A 15 10.75 29.75 -19.14
N LEU A 16 10.96 28.43 -19.06
CA LEU A 16 9.94 27.50 -19.54
C LEU A 16 8.64 27.66 -18.77
N ARG A 17 8.73 27.77 -17.44
CA ARG A 17 7.53 27.79 -16.61
C ARG A 17 6.62 28.94 -16.97
N THR A 18 7.17 30.16 -17.08
CA THR A 18 6.33 31.32 -17.37
C THR A 18 5.83 31.30 -18.82
N ALA A 19 6.65 30.87 -19.78
CA ALA A 19 6.18 30.83 -21.16
C ALA A 19 5.12 29.75 -21.36
N LEU A 20 5.28 28.58 -20.73
CA LEU A 20 4.25 27.55 -20.83
C LEU A 20 2.98 27.97 -20.10
N ALA A 21 3.10 28.81 -19.07
CA ALA A 21 1.88 29.32 -18.44
C ALA A 21 1.12 30.28 -19.34
N GLY A 22 1.73 30.73 -20.43
CA GLY A 22 1.01 31.52 -21.43
C GLY A 22 0.29 30.70 -22.48
N VAL A 23 0.31 29.38 -22.38
CA VAL A 23 -0.36 28.52 -23.35
C VAL A 23 -1.71 28.13 -22.76
N PRO A 24 -2.81 28.45 -23.42
CA PRO A 24 -4.12 28.07 -22.91
C PRO A 24 -4.24 26.56 -22.79
N VAL A 25 -4.96 26.13 -21.77
CA VAL A 25 -5.15 24.70 -21.51
C VAL A 25 -6.49 24.30 -22.12
N ARG A 26 -6.57 23.03 -22.55
CA ARG A 26 -7.83 22.51 -23.08
C ARG A 26 -8.95 22.65 -22.05
N SER A 27 -10.13 23.11 -22.49
CA SER A 27 -11.14 23.52 -21.54
C SER A 27 -12.16 22.42 -21.18
N GLY A 28 -12.12 21.27 -21.83
CA GLY A 28 -13.13 20.27 -21.55
C GLY A 28 -12.89 19.46 -20.26
N VAL A 29 -13.92 18.72 -19.88
CA VAL A 29 -13.77 17.68 -18.88
C VAL A 29 -13.76 16.29 -19.50
N HIS A 30 -14.31 16.14 -20.72
CA HIS A 30 -14.31 14.89 -21.49
C HIS A 30 -13.31 15.00 -22.65
N GLY A 31 -13.03 13.85 -23.26
CA GLY A 31 -12.13 13.79 -24.38
C GLY A 31 -10.67 13.91 -23.99
N PRO A 32 -9.83 14.17 -24.98
CA PRO A 32 -8.39 14.31 -24.71
C PRO A 32 -8.13 15.49 -23.79
N PRO A 33 -7.36 15.30 -22.72
CA PRO A 33 -7.06 16.42 -21.82
C PRO A 33 -6.05 17.41 -22.38
N VAL A 34 -5.33 17.04 -23.43
CA VAL A 34 -4.35 17.90 -24.07
C VAL A 34 -4.40 17.64 -25.57
N ALA A 35 -3.87 18.58 -26.33
CA ALA A 35 -3.58 18.37 -27.74
C ALA A 35 -2.08 18.09 -27.85
N ASP A 36 -1.68 16.83 -27.91
CA ASP A 36 -0.25 16.59 -28.11
C ASP A 36 0.02 16.06 -29.53
N GLY A 37 1.30 15.80 -29.80
CA GLY A 37 1.80 15.69 -31.15
C GLY A 37 2.86 16.76 -31.37
N PRO A 38 3.67 16.61 -32.41
CA PRO A 38 4.79 17.54 -32.61
C PRO A 38 4.38 19.01 -32.73
N SER A 39 3.15 19.33 -33.15
CA SER A 39 2.80 20.73 -33.41
C SER A 39 1.56 21.15 -32.62
N GLY A 40 1.42 20.68 -31.38
CA GLY A 40 0.37 21.17 -30.52
C GLY A 40 0.64 22.59 -30.05
N PRO A 41 -0.31 23.14 -29.30
CA PRO A 41 -0.26 24.60 -28.98
C PRO A 41 1.00 25.07 -28.25
N ALA A 42 1.73 24.20 -27.56
CA ALA A 42 2.97 24.63 -26.91
C ALA A 42 4.21 24.52 -27.82
N ARG A 43 4.04 24.14 -29.09
CA ARG A 43 5.19 24.12 -29.99
C ARG A 43 5.78 25.53 -30.18
N GLU A 44 4.94 26.55 -30.33
CA GLU A 44 5.45 27.91 -30.53
C GLU A 44 6.39 28.33 -29.41
N VAL A 45 5.99 28.09 -28.15
CA VAL A 45 6.83 28.52 -27.05
C VAL A 45 8.15 27.74 -27.02
N LEU A 46 8.11 26.44 -27.35
CA LEU A 46 9.35 25.66 -27.40
C LEU A 46 10.26 26.12 -28.53
N ASP A 47 9.68 26.41 -29.71
CA ASP A 47 10.44 26.93 -30.83
C ASP A 47 11.09 28.27 -30.46
N ARG A 48 10.33 29.15 -29.82
CA ARG A 48 10.85 30.47 -29.47
C ARG A 48 12.06 30.35 -28.54
N LEU A 49 12.00 29.46 -27.54
CA LEU A 49 13.13 29.29 -26.62
C LEU A 49 14.23 28.38 -27.16
N GLY A 50 14.11 27.89 -28.38
CA GLY A 50 15.12 27.02 -28.96
C GLY A 50 15.30 25.66 -28.31
N ALA A 51 14.20 25.06 -27.83
CA ALA A 51 14.31 23.79 -27.11
C ALA A 51 14.81 22.67 -28.00
N ALA A 52 14.51 22.74 -29.30
CA ALA A 52 14.94 21.71 -30.24
C ALA A 52 16.46 21.60 -30.33
N ASP A 53 17.19 22.62 -29.86
CA ASP A 53 18.66 22.61 -29.85
C ASP A 53 19.26 22.37 -28.47
N PHE A 54 18.45 22.15 -27.43
CA PHE A 54 18.98 22.01 -26.08
C PHE A 54 19.89 20.82 -25.96
N GLU A 55 19.43 19.67 -26.44
CA GLU A 55 20.18 18.41 -26.27
C GLU A 55 21.38 18.29 -27.22
N ARG A 56 21.25 18.72 -28.47
CA ARG A 56 22.36 18.55 -29.45
C ARG A 56 23.63 19.23 -28.94
N PRO A 57 24.81 18.63 -29.12
CA PRO A 57 26.05 19.22 -28.66
C PRO A 57 26.43 20.50 -29.42
N ALA A 58 27.25 21.33 -28.80
CA ALA A 58 27.67 22.63 -29.36
C ALA A 58 28.38 22.42 -30.70
N SER A 59 29.21 21.38 -30.82
CA SER A 59 29.93 21.04 -32.08
C SER A 59 28.95 20.72 -33.20
N ALA A 60 27.81 20.11 -32.90
CA ALA A 60 26.77 19.80 -33.91
C ALA A 60 25.84 20.99 -34.16
N GLY A 61 26.07 22.13 -33.50
CA GLY A 61 25.26 23.34 -33.66
C GLY A 61 24.21 23.51 -32.58
N GLY A 62 24.20 22.62 -31.59
CA GLY A 62 23.20 22.73 -30.50
C GLY A 62 23.72 23.56 -29.34
N LEU A 63 22.97 23.67 -28.27
CA LEU A 63 23.43 24.49 -27.12
C LEU A 63 24.24 23.64 -26.15
N GLY A 64 24.39 22.34 -26.39
CA GLY A 64 25.21 21.52 -25.51
C GLY A 64 24.71 21.47 -24.10
N LEU A 65 23.39 21.61 -23.89
CA LEU A 65 22.83 21.52 -22.54
C LEU A 65 22.58 20.07 -22.08
N GLY A 66 22.57 19.10 -23.01
CA GLY A 66 22.40 17.70 -22.63
C GLY A 66 20.96 17.26 -22.39
N LEU A 67 20.84 15.99 -22.01
CA LEU A 67 19.54 15.40 -21.71
C LEU A 67 18.93 16.00 -20.46
N THR A 68 19.74 16.57 -19.58
CA THR A 68 19.18 17.23 -18.40
C THR A 68 18.22 18.33 -18.82
N ALA A 69 18.57 19.11 -19.84
CA ALA A 69 17.67 20.15 -20.32
C ALA A 69 16.43 19.54 -20.93
N GLY A 70 16.59 18.44 -21.67
CA GLY A 70 15.42 17.73 -22.18
C GLY A 70 14.47 17.31 -21.08
N VAL A 71 15.01 16.84 -19.96
CA VAL A 71 14.21 16.43 -18.82
C VAL A 71 13.48 17.62 -18.20
N VAL A 72 14.16 18.76 -18.05
CA VAL A 72 13.51 19.97 -17.55
C VAL A 72 12.33 20.36 -18.43
N VAL A 73 12.55 20.39 -19.75
CA VAL A 73 11.47 20.71 -20.69
C VAL A 73 10.29 19.79 -20.46
N ALA A 74 10.56 18.47 -20.40
CA ALA A 74 9.50 17.49 -20.29
C ALA A 74 8.77 17.61 -18.95
N GLU A 75 9.50 17.84 -17.87
CA GLU A 75 8.84 18.02 -16.58
C GLU A 75 7.94 19.25 -16.61
N GLU A 76 8.45 20.37 -17.15
CA GLU A 76 7.67 21.61 -17.16
C GLU A 76 6.47 21.48 -18.09
N LEU A 77 6.60 20.68 -19.15
CA LEU A 77 5.46 20.37 -20.01
C LEU A 77 4.41 19.54 -19.27
N GLY A 78 4.85 18.61 -18.43
CA GLY A 78 3.92 17.82 -17.66
C GLY A 78 3.20 18.62 -16.60
N ARG A 79 3.93 19.50 -15.88
CA ARG A 79 3.28 20.31 -14.87
C ARG A 79 2.25 21.25 -15.49
N ALA A 80 2.53 21.76 -16.68
CA ALA A 80 1.61 22.71 -17.32
C ALA A 80 0.32 22.05 -17.80
N ALA A 81 0.36 20.74 -18.07
CA ALA A 81 -0.77 20.03 -18.67
C ALA A 81 -1.20 20.70 -19.96
N CYS A 82 -0.23 21.09 -20.80
CA CYS A 82 -0.51 21.70 -22.08
C CYS A 82 -0.22 20.79 -23.27
N GLY A 83 0.10 19.51 -23.04
CA GLY A 83 0.50 18.59 -24.10
C GLY A 83 2.01 18.52 -24.27
N ASN A 84 2.47 17.55 -25.07
CA ASN A 84 3.91 17.28 -25.20
C ASN A 84 4.38 17.29 -26.66
N PRO A 85 4.74 18.47 -27.18
CA PRO A 85 5.32 18.54 -28.54
C PRO A 85 6.83 18.36 -28.57
N TYR A 86 7.45 18.08 -27.44
CA TYR A 86 8.88 17.85 -27.39
C TYR A 86 9.25 16.39 -27.69
N ARG A 87 8.53 15.43 -27.10
CA ARG A 87 9.09 14.09 -26.90
C ARG A 87 9.39 13.37 -28.22
N ALA A 88 8.52 13.52 -29.22
CA ALA A 88 8.68 12.74 -30.46
C ALA A 88 9.78 13.30 -31.34
N ASP A 89 9.91 14.62 -31.40
CA ASP A 89 10.96 15.24 -32.21
C ASP A 89 12.33 15.13 -31.53
N ALA A 90 12.40 15.11 -30.20
CA ALA A 90 13.65 14.78 -29.51
C ALA A 90 14.08 13.33 -29.77
N LEU A 91 13.14 12.39 -29.75
CA LEU A 91 13.51 11.00 -30.05
C LEU A 91 14.05 10.90 -31.48
N ALA A 92 13.33 11.50 -32.44
CA ALA A 92 13.76 11.45 -33.83
C ALA A 92 15.12 12.12 -34.02
N ALA A 93 15.32 13.29 -33.40
CA ALA A 93 16.58 14.01 -33.55
C ALA A 93 17.76 13.22 -32.97
N SER A 94 17.55 12.54 -31.84
CA SER A 94 18.61 11.67 -31.33
C SER A 94 18.99 10.57 -32.32
N LEU A 95 18.22 10.36 -33.38
CA LEU A 95 18.56 9.40 -34.42
C LEU A 95 18.79 10.04 -35.79
N GLY A 96 19.08 11.34 -35.84
CA GLY A 96 19.36 11.98 -37.11
C GLY A 96 18.19 12.01 -38.07
N HIS A 97 16.97 11.95 -37.56
CA HIS A 97 15.78 11.91 -38.37
C HIS A 97 15.00 13.20 -38.20
N PRO A 98 14.46 13.78 -39.28
CA PRO A 98 13.72 15.05 -39.13
C PRO A 98 12.40 14.82 -38.42
N GLY A 99 11.84 15.91 -37.92
CA GLY A 99 10.73 15.82 -37.00
C GLY A 99 9.37 15.63 -37.65
N GLY A 100 8.33 15.90 -36.86
CA GLY A 100 6.98 15.97 -37.35
C GLY A 100 6.16 14.70 -37.24
N ALA A 101 6.71 13.59 -36.75
CA ALA A 101 5.94 12.36 -36.68
C ALA A 101 5.46 12.07 -35.25
N ALA A 102 4.46 11.24 -35.15
CA ALA A 102 4.04 10.72 -33.86
C ALA A 102 4.77 9.42 -33.60
N SER A 103 5.16 9.22 -32.36
CA SER A 103 5.85 8.02 -31.91
C SER A 103 4.84 7.03 -31.29
N ALA A 104 5.06 5.73 -31.53
CA ALA A 104 4.07 4.72 -31.16
C ALA A 104 4.70 3.37 -30.84
N GLY A 105 4.05 2.63 -29.95
CA GLY A 105 4.40 1.25 -29.69
C GLY A 105 5.28 1.03 -28.48
N TRP A 106 5.52 2.07 -27.69
CA TRP A 106 6.37 1.97 -26.52
C TRP A 106 5.75 1.16 -25.42
N GLU A 107 4.43 1.00 -25.40
CA GLU A 107 3.77 0.35 -24.28
C GLU A 107 4.11 -1.13 -24.15
N ALA A 108 4.70 -1.74 -25.18
CA ALA A 108 4.90 -3.17 -25.23
C ALA A 108 6.30 -3.52 -24.77
N LEU A 109 6.40 -4.48 -23.86
CA LEU A 109 7.68 -5.00 -23.43
C LEU A 109 7.71 -6.51 -23.66
N PRO A 110 8.76 -7.06 -24.29
CA PRO A 110 9.99 -6.37 -24.65
C PRO A 110 9.80 -5.37 -25.80
N VAL A 111 10.79 -4.49 -25.95
CA VAL A 111 10.66 -3.33 -26.82
C VAL A 111 10.22 -3.77 -28.20
N GLY A 112 9.13 -3.17 -28.69
CA GLY A 112 8.63 -3.42 -30.02
C GLY A 112 7.68 -4.61 -30.15
N ALA A 113 7.41 -5.36 -29.07
CA ALA A 113 6.65 -6.60 -29.18
C ALA A 113 5.23 -6.38 -29.69
N GLY A 114 4.66 -5.19 -29.53
CA GLY A 114 3.29 -4.94 -30.00
C GLY A 114 3.16 -4.84 -31.50
N VAL A 115 4.26 -4.64 -32.21
CA VAL A 115 4.28 -4.57 -33.67
C VAL A 115 5.37 -5.53 -34.11
N THR A 116 5.00 -6.69 -34.63
CA THR A 116 5.99 -7.64 -35.09
C THR A 116 6.25 -7.44 -36.56
N ALA A 117 7.54 -7.39 -36.92
CA ALA A 117 7.99 -7.29 -38.29
C ALA A 117 8.52 -8.66 -38.72
N THR A 118 7.88 -9.26 -39.71
CA THR A 118 8.33 -10.54 -40.21
C THR A 118 9.01 -10.34 -41.56
N ALA A 119 10.14 -11.02 -41.73
CA ALA A 119 10.98 -10.82 -42.91
C ALA A 119 10.23 -11.13 -44.21
N ARG A 120 10.35 -10.22 -45.16
CA ARG A 120 9.87 -10.36 -46.54
C ARG A 120 11.09 -10.32 -47.46
N ALA A 121 10.85 -10.24 -48.76
CA ALA A 121 11.99 -10.15 -49.67
C ALA A 121 12.68 -8.79 -49.54
N GLY A 122 11.98 -7.72 -49.87
CA GLY A 122 12.60 -6.41 -49.87
C GLY A 122 12.53 -5.67 -48.54
N GLY A 123 12.34 -6.40 -47.43
CA GLY A 123 12.13 -5.75 -46.15
C GLY A 123 11.40 -6.56 -45.09
N TRP A 124 10.32 -6.00 -44.56
CA TRP A 124 9.50 -6.68 -43.57
C TRP A 124 8.04 -6.31 -43.77
N ASP A 125 7.16 -7.08 -43.13
CA ASP A 125 5.75 -6.75 -43.02
C ASP A 125 5.39 -6.60 -41.55
N LEU A 126 4.69 -5.52 -41.24
CA LEU A 126 4.33 -5.15 -39.88
C LEU A 126 2.89 -5.54 -39.60
N THR A 127 2.67 -6.23 -38.48
CA THR A 127 1.31 -6.49 -38.01
C THR A 127 1.27 -6.24 -36.51
N GLY A 128 0.21 -5.56 -36.06
CA GLY A 128 0.01 -5.31 -34.65
C GLY A 128 -0.79 -4.03 -34.46
N ALA A 129 -0.83 -3.57 -33.22
CA ALA A 129 -1.44 -2.29 -32.91
C ALA A 129 -0.56 -1.59 -31.88
N ALA A 130 -0.72 -0.28 -31.79
CA ALA A 130 0.21 0.55 -31.03
C ALA A 130 -0.45 1.84 -30.58
N THR A 131 -0.11 2.29 -29.39
CA THR A 131 -0.53 3.59 -28.91
C THR A 131 0.39 4.68 -29.46
N ALA A 132 -0.19 5.73 -30.04
CA ALA A 132 0.54 6.88 -30.55
C ALA A 132 0.54 8.03 -29.54
N ASP A 133 1.61 8.83 -29.58
CA ASP A 133 1.67 10.07 -28.82
C ASP A 133 1.26 11.29 -29.65
N GLY A 134 0.73 11.09 -30.84
CA GLY A 134 0.33 12.20 -31.66
C GLY A 134 -0.76 11.75 -32.60
N PRO A 135 -1.03 12.55 -33.64
CA PRO A 135 -2.08 12.17 -34.61
C PRO A 135 -1.78 10.81 -35.22
N ALA A 136 -2.71 9.89 -35.04
CA ALA A 136 -2.51 8.54 -35.57
C ALA A 136 -2.60 8.52 -37.10
N ASP A 137 -3.21 9.52 -37.72
CA ASP A 137 -3.29 9.61 -39.16
C ASP A 137 -2.15 10.40 -39.80
N GLY A 138 -1.16 10.86 -39.02
CA GLY A 138 -0.01 11.53 -39.59
C GLY A 138 1.15 10.58 -39.85
N PRO A 139 2.33 11.12 -40.14
CA PRO A 139 3.52 10.27 -40.18
C PRO A 139 3.84 9.76 -38.78
N LEU A 140 4.44 8.57 -38.73
CA LEU A 140 4.63 7.83 -37.49
C LEU A 140 6.05 7.30 -37.38
N LEU A 141 6.46 7.10 -36.15
CA LEU A 141 7.72 6.44 -35.73
C LEU A 141 7.23 5.25 -34.88
N VAL A 142 7.43 4.02 -35.35
CA VAL A 142 6.83 2.84 -34.72
C VAL A 142 7.92 1.95 -34.15
N ALA A 143 7.85 1.71 -32.84
CA ALA A 143 8.67 0.66 -32.24
C ALA A 143 8.12 -0.70 -32.66
N ALA A 144 8.94 -1.46 -33.37
CA ALA A 144 8.56 -2.76 -33.92
C ALA A 144 9.66 -3.76 -33.59
N ARG A 145 9.39 -5.05 -33.81
CA ARG A 145 10.33 -6.07 -33.42
C ARG A 145 10.50 -7.08 -34.55
N ALA A 146 11.71 -7.16 -35.09
CA ALA A 146 12.07 -8.07 -36.16
C ALA A 146 12.93 -9.15 -35.53
N GLY A 147 12.42 -10.39 -35.51
CA GLY A 147 13.14 -11.54 -34.99
C GLY A 147 13.87 -11.34 -33.69
N GLY A 148 13.31 -10.57 -32.77
CA GLY A 148 13.99 -10.28 -31.52
C GLY A 148 14.96 -9.11 -31.58
N GLU A 149 15.03 -8.41 -32.72
CA GLU A 149 15.80 -7.19 -32.81
C GLU A 149 14.83 -6.01 -32.74
N PRO A 150 14.88 -5.17 -31.72
CA PRO A 150 13.95 -4.04 -31.64
C PRO A 150 14.39 -2.87 -32.51
N LEU A 151 13.46 -2.34 -33.30
CA LEU A 151 13.80 -1.26 -34.21
C LEU A 151 12.65 -0.25 -34.34
N LEU A 152 13.04 0.94 -34.75
CA LEU A 152 12.15 2.09 -34.94
C LEU A 152 11.92 2.31 -36.43
N VAL A 153 10.67 2.21 -36.88
CA VAL A 153 10.34 2.27 -38.31
C VAL A 153 9.53 3.52 -38.63
N ALA A 154 9.94 4.23 -39.67
CA ALA A 154 9.18 5.41 -40.16
C ALA A 154 8.08 4.88 -41.06
N VAL A 155 6.84 5.32 -40.85
CA VAL A 155 5.69 4.87 -41.67
C VAL A 155 5.00 6.12 -42.21
N GLU A 156 4.74 6.15 -43.51
CA GLU A 156 4.06 7.29 -44.18
C GLU A 156 2.57 7.29 -43.83
N PRO A 157 1.90 8.45 -43.89
CA PRO A 157 0.50 8.57 -43.51
C PRO A 157 -0.51 7.65 -44.19
N GLY A 158 -0.36 7.32 -45.47
CA GLY A 158 -1.39 6.43 -46.03
C GLY A 158 -0.85 5.08 -46.45
N ALA A 159 0.05 4.47 -45.69
CA ALA A 159 0.63 3.19 -46.08
C ALA A 159 -0.44 2.10 -46.12
N PRO A 160 -0.31 1.12 -47.02
CA PRO A 160 -1.31 0.05 -47.08
C PRO A 160 -1.30 -0.78 -45.80
N GLY A 161 -2.50 -1.22 -45.38
CA GLY A 161 -2.64 -1.99 -44.16
C GLY A 161 -2.56 -1.18 -42.90
N LEU A 162 -2.50 0.15 -43.02
CA LEU A 162 -2.38 1.06 -41.90
C LEU A 162 -3.73 1.69 -41.60
N THR A 163 -4.27 1.44 -40.41
CA THR A 163 -5.54 2.01 -39.98
C THR A 163 -5.30 2.85 -38.74
N ALA A 164 -5.79 4.08 -38.76
CA ALA A 164 -5.63 5.01 -37.66
C ALA A 164 -6.93 5.05 -36.86
N GLY A 165 -6.86 4.69 -35.59
CA GLY A 165 -7.99 4.80 -34.70
C GLY A 165 -7.95 6.11 -33.95
N THR A 166 -8.69 7.10 -34.44
CA THR A 166 -8.65 8.43 -33.86
C THR A 166 -9.83 8.70 -32.92
N GLY A 167 -10.75 7.75 -32.75
CA GLY A 167 -11.79 7.94 -31.76
C GLY A 167 -11.25 8.05 -30.33
N CYS A 168 -10.37 7.12 -29.94
CA CYS A 168 -9.96 7.07 -28.56
C CYS A 168 -8.84 8.06 -28.29
N TRP A 169 -8.53 8.22 -27.00
CA TRP A 169 -7.34 8.92 -26.58
C TRP A 169 -6.72 8.12 -25.43
N PRO A 170 -5.41 7.87 -25.46
CA PRO A 170 -4.49 8.26 -26.54
C PRO A 170 -4.79 7.47 -27.81
N GLN A 171 -4.45 8.05 -28.96
CA GLN A 171 -4.86 7.49 -30.24
C GLN A 171 -4.07 6.23 -30.57
N VAL A 172 -4.57 5.47 -31.52
CA VAL A 172 -4.05 4.13 -31.77
C VAL A 172 -3.82 3.94 -33.26
N VAL A 173 -2.79 3.17 -33.57
CA VAL A 173 -2.43 2.83 -34.93
C VAL A 173 -2.42 1.31 -35.05
N ARG A 174 -3.08 0.80 -36.09
CA ARG A 174 -3.10 -0.62 -36.40
C ARG A 174 -2.40 -0.89 -37.73
N PHE A 175 -1.58 -1.94 -37.76
CA PHE A 175 -0.92 -2.38 -38.99
C PHE A 175 -1.42 -3.78 -39.32
N GLU A 176 -1.92 -3.97 -40.54
CA GLU A 176 -2.24 -5.29 -41.06
C GLU A 176 -1.29 -5.56 -42.23
N ALA A 177 -0.18 -6.24 -41.93
CA ALA A 177 0.89 -6.53 -42.90
C ALA A 177 1.35 -5.29 -43.66
N THR A 178 1.55 -4.19 -42.94
CA THR A 178 2.05 -2.96 -43.56
C THR A 178 3.52 -3.12 -43.93
N PRO A 179 3.91 -2.85 -45.18
CA PRO A 179 5.27 -3.16 -45.65
C PRO A 179 6.26 -2.01 -45.51
N VAL A 180 7.42 -2.37 -44.98
CA VAL A 180 8.49 -1.36 -44.77
C VAL A 180 9.77 -1.94 -45.38
N THR A 181 10.71 -1.06 -45.68
CA THR A 181 11.98 -1.52 -46.28
C THR A 181 13.13 -1.17 -45.33
N PRO A 182 14.36 -1.64 -45.56
CA PRO A 182 15.49 -1.30 -44.71
C PRO A 182 15.75 0.21 -44.63
N ALA A 183 15.47 0.95 -45.70
CA ALA A 183 15.57 2.42 -45.78
C ALA A 183 14.57 3.11 -44.83
N ASP A 184 13.44 2.46 -44.51
CA ASP A 184 12.43 2.99 -43.58
C ASP A 184 12.86 2.81 -42.11
N VAL A 185 13.89 2.03 -41.85
CA VAL A 185 14.37 1.83 -40.44
C VAL A 185 15.11 3.08 -39.97
N VAL A 186 14.61 3.73 -38.92
CA VAL A 186 15.24 4.96 -38.44
C VAL A 186 16.42 4.65 -37.55
N GLY A 187 16.35 3.52 -36.86
CA GLY A 187 17.47 3.12 -35.98
C GLY A 187 17.09 1.97 -35.09
N ALA A 188 18.08 1.36 -34.46
CA ALA A 188 17.85 0.25 -33.52
C ALA A 188 17.36 0.79 -32.18
N LEU A 189 16.68 -0.04 -31.41
CA LEU A 189 16.16 0.39 -30.09
C LEU A 189 16.66 -0.62 -29.05
N ASP A 190 17.98 -0.64 -28.90
CA ASP A 190 18.72 -1.54 -27.99
C ASP A 190 18.69 -0.97 -26.57
N ASP A 191 19.24 -1.72 -25.62
CA ASP A 191 19.22 -1.38 -24.17
C ASP A 191 20.48 -0.61 -23.78
N SER A 192 21.19 -0.05 -24.75
CA SER A 192 22.43 0.72 -24.52
C SER A 192 22.17 1.85 -23.52
N PRO A 193 23.11 2.12 -22.61
CA PRO A 193 22.92 3.11 -21.55
C PRO A 193 22.69 4.56 -22.02
N THR A 194 23.33 5.00 -23.10
CA THR A 194 23.11 6.38 -23.57
C THR A 194 22.37 6.37 -24.90
N GLY A 195 21.74 5.24 -25.22
CA GLY A 195 20.99 5.07 -26.48
C GLY A 195 19.67 5.81 -26.54
N PRO A 196 19.07 5.95 -27.73
CA PRO A 196 17.81 6.66 -27.88
C PRO A 196 16.67 6.19 -26.97
N LEU A 197 16.56 4.87 -26.77
CA LEU A 197 15.52 4.34 -25.90
C LEU A 197 15.69 4.82 -24.47
N ALA A 198 16.94 4.80 -23.98
CA ALA A 198 17.25 5.24 -22.63
C ALA A 198 16.94 6.72 -22.44
N ARG A 199 17.30 7.55 -23.42
CA ARG A 199 16.92 8.96 -23.34
C ARG A 199 15.40 9.11 -23.41
N ALA A 200 14.74 8.35 -24.28
CA ALA A 200 13.29 8.48 -24.42
C ALA A 200 12.58 8.09 -23.13
N ARG A 201 13.07 7.04 -22.45
CA ARG A 201 12.54 6.67 -21.15
C ARG A 201 12.76 7.78 -20.12
N LEU A 202 13.92 8.40 -20.13
CA LEU A 202 14.16 9.44 -19.13
C LEU A 202 13.27 10.65 -19.37
N ARG A 203 13.05 11.01 -20.64
CA ARG A 203 12.12 12.08 -20.95
C ARG A 203 10.70 11.74 -20.50
N GLN A 204 10.27 10.50 -20.71
CA GLN A 204 8.94 10.12 -20.25
C GLN A 204 8.84 10.14 -18.74
N ALA A 205 9.89 9.68 -18.04
CA ALA A 205 9.90 9.77 -16.57
C ALA A 205 9.74 11.20 -16.11
N ALA A 206 10.46 12.13 -16.77
CA ALA A 206 10.38 13.53 -16.41
C ALA A 206 8.98 14.07 -16.63
N TYR A 207 8.36 13.67 -17.75
CA TYR A 207 7.00 14.11 -18.04
C TYR A 207 6.04 13.67 -16.95
N LEU A 208 6.14 12.42 -16.50
CA LEU A 208 5.28 11.92 -15.42
C LEU A 208 5.56 12.65 -14.12
N LEU A 209 6.83 13.01 -13.87
CA LEU A 209 7.16 13.77 -12.68
C LEU A 209 6.47 15.12 -12.68
N GLY A 210 6.46 15.81 -13.84
CA GLY A 210 5.76 17.08 -13.94
C GLY A 210 4.25 16.96 -13.78
N VAL A 211 3.66 15.87 -14.29
CA VAL A 211 2.22 15.65 -14.17
C VAL A 211 1.83 15.46 -12.71
N ALA A 212 2.46 14.50 -12.05
CA ALA A 212 2.24 14.31 -10.62
C ALA A 212 2.46 15.60 -9.84
N ASP A 213 3.50 16.36 -10.19
CA ASP A 213 3.84 17.59 -9.48
C ASP A 213 2.75 18.65 -9.66
N GLY A 214 2.29 18.84 -10.91
CA GLY A 214 1.19 19.75 -11.15
C GLY A 214 -0.04 19.38 -10.35
N ALA A 215 -0.41 18.09 -10.35
CA ALA A 215 -1.58 17.63 -9.61
C ALA A 215 -1.43 17.90 -8.12
N HIS A 216 -0.27 17.56 -7.58
CA HIS A 216 -0.05 17.74 -6.15
C HIS A 216 -0.12 19.22 -5.77
N ARG A 217 0.43 20.10 -6.62
CA ARG A 217 0.34 21.55 -6.40
C ARG A 217 -1.10 22.01 -6.21
N ILE A 218 -2.02 21.52 -7.03
CA ILE A 218 -3.38 22.07 -6.90
C ILE A 218 -4.10 21.47 -5.70
N ALA A 219 -3.83 20.21 -5.34
CA ALA A 219 -4.47 19.66 -4.15
C ALA A 219 -3.95 20.34 -2.88
N VAL A 220 -2.65 20.60 -2.79
CA VAL A 220 -2.13 21.32 -1.63
C VAL A 220 -2.79 22.69 -1.54
N ARG A 221 -2.90 23.40 -2.68
CA ARG A 221 -3.54 24.72 -2.70
C ARG A 221 -4.99 24.65 -2.29
N HIS A 222 -5.75 23.72 -2.87
CA HIS A 222 -7.16 23.56 -2.47
C HIS A 222 -7.27 23.19 -1.00
N ALA A 223 -6.44 22.27 -0.51
CA ALA A 223 -6.53 21.88 0.88
C ALA A 223 -6.28 23.04 1.82
N GLY A 224 -5.67 24.13 1.33
CA GLY A 224 -5.47 25.31 2.13
C GLY A 224 -6.65 26.27 2.18
N VAL A 225 -7.56 26.22 1.20
CA VAL A 225 -8.70 27.15 1.21
C VAL A 225 -9.99 26.44 1.63
N ARG A 226 -10.13 25.17 1.27
CA ARG A 226 -11.38 24.46 1.55
C ARG A 226 -11.46 24.14 3.05
N ARG A 227 -12.57 24.52 3.68
CA ARG A 227 -12.78 24.29 5.10
C ARG A 227 -13.98 23.37 5.30
N GLN A 228 -13.86 22.46 6.27
CA GLN A 228 -14.98 21.64 6.77
C GLN A 228 -14.75 21.41 8.26
N PHE A 229 -15.84 21.47 9.05
CA PHE A 229 -15.76 21.42 10.52
C PHE A 229 -14.88 22.55 11.06
N ASP A 230 -14.89 23.68 10.34
CA ASP A 230 -14.21 24.92 10.73
C ASP A 230 -12.70 24.78 10.86
N THR A 231 -12.10 23.85 10.10
CA THR A 231 -10.64 23.78 9.99
C THR A 231 -10.26 23.61 8.53
N ARG A 232 -9.06 24.08 8.19
CA ARG A 232 -8.52 23.84 6.86
C ARG A 232 -8.42 22.33 6.61
N LEU A 233 -8.73 21.91 5.38
CA LEU A 233 -8.50 20.52 5.01
C LEU A 233 -7.06 20.10 5.33
N ARG A 234 -6.10 20.98 5.04
CA ARG A 234 -4.68 20.64 5.28
C ARG A 234 -4.41 20.48 6.78
N ASP A 235 -5.27 21.00 7.65
CA ASP A 235 -5.13 20.83 9.11
C ASP A 235 -5.80 19.56 9.64
N LEU A 236 -6.37 18.71 8.77
CA LEU A 236 -6.95 17.45 9.21
C LEU A 236 -5.97 16.33 8.91
N PRO A 237 -5.46 15.62 9.92
CA PRO A 237 -4.49 14.53 9.68
C PRO A 237 -4.86 13.57 8.57
N ALA A 238 -6.14 13.26 8.38
CA ALA A 238 -6.50 12.28 7.37
C ALA A 238 -6.30 12.80 5.95
N VAL A 239 -6.23 14.12 5.77
CA VAL A 239 -5.95 14.70 4.45
C VAL A 239 -4.48 15.08 4.33
N ALA A 240 -3.91 15.67 5.40
CA ALA A 240 -2.54 16.15 5.31
C ALA A 240 -1.55 15.00 5.18
N PHE A 241 -1.77 13.87 5.87
CA PHE A 241 -0.82 12.78 5.81
C PHE A 241 -0.72 12.18 4.41
N PRO A 242 -1.81 11.88 3.69
CA PRO A 242 -1.66 11.47 2.29
C PRO A 242 -0.98 12.51 1.40
N LEU A 243 -1.24 13.80 1.63
CA LEU A 243 -0.55 14.81 0.84
C LEU A 243 0.94 14.87 1.17
N ALA A 244 1.31 14.59 2.41
CA ALA A 244 2.73 14.57 2.77
C ALA A 244 3.43 13.34 2.22
N ARG A 245 2.73 12.20 2.14
CA ARG A 245 3.34 11.02 1.53
C ARG A 245 3.58 11.23 0.04
N ALA A 246 2.64 11.85 -0.67
CA ALA A 246 2.86 12.13 -2.08
C ALA A 246 4.09 13.00 -2.28
N MET A 247 4.32 13.96 -1.38
CA MET A 247 5.50 14.79 -1.51
C MET A 247 6.77 13.96 -1.42
N VAL A 248 6.81 12.97 -0.53
CA VAL A 248 7.96 12.09 -0.44
C VAL A 248 8.20 11.39 -1.77
N ALA A 249 7.15 10.83 -2.37
CA ALA A 249 7.30 10.13 -3.63
C ALA A 249 7.79 11.08 -4.73
N LEU A 250 7.26 12.31 -4.76
CA LEU A 250 7.69 13.28 -5.76
C LEU A 250 9.18 13.57 -5.64
N ARG A 251 9.66 13.74 -4.41
CA ARG A 251 11.09 14.01 -4.18
C ARG A 251 11.95 12.80 -4.54
N ALA A 252 11.47 11.59 -4.20
CA ALA A 252 12.17 10.38 -4.62
C ALA A 252 12.23 10.28 -6.14
N THR A 253 11.13 10.60 -6.81
CA THR A 253 11.12 10.57 -8.27
C THR A 253 12.04 11.62 -8.87
N ARG A 254 12.01 12.84 -8.33
CA ARG A 254 12.94 13.86 -8.80
C ARG A 254 14.38 13.39 -8.65
N ALA A 255 14.68 12.66 -7.58
CA ALA A 255 16.04 12.17 -7.37
C ALA A 255 16.46 11.21 -8.49
N VAL A 256 15.62 10.23 -8.83
CA VAL A 256 16.11 9.26 -9.82
C VAL A 256 16.03 9.82 -11.22
N VAL A 257 15.07 10.71 -11.50
CA VAL A 257 14.98 11.22 -12.87
C VAL A 257 16.18 12.09 -13.21
N TYR A 258 16.61 12.95 -12.28
CA TYR A 258 17.74 13.82 -12.58
C TYR A 258 19.07 13.11 -12.38
N ARG A 259 19.12 12.10 -11.50
CA ARG A 259 20.31 11.25 -11.49
C ARG A 259 20.51 10.57 -12.84
N GLY A 260 19.43 10.05 -13.42
CA GLY A 260 19.53 9.34 -14.67
C GLY A 260 19.95 10.25 -15.81
N ALA A 261 19.35 11.44 -15.86
CA ALA A 261 19.71 12.42 -16.88
C ALA A 261 21.17 12.84 -16.74
N SER A 262 21.66 13.00 -15.51
CA SER A 262 23.04 13.41 -15.31
C SER A 262 24.02 12.29 -15.65
N LEU A 263 23.64 11.03 -15.41
CA LEU A 263 24.54 9.92 -15.72
C LEU A 263 24.70 9.73 -17.23
N VAL A 264 23.60 9.90 -17.99
CA VAL A 264 23.68 9.83 -19.44
C VAL A 264 24.57 10.94 -19.97
N ASP A 265 24.40 12.16 -19.45
CA ASP A 265 25.22 13.30 -19.88
C ASP A 265 26.69 13.08 -19.55
N SER A 266 26.97 12.53 -18.37
CA SER A 266 28.35 12.23 -17.97
C SER A 266 29.04 11.34 -18.99
N GLN A 267 28.41 10.22 -19.35
CA GLN A 267 29.03 9.32 -20.31
C GLN A 267 29.18 9.95 -21.69
N ASP A 268 28.31 10.88 -22.05
CA ASP A 268 28.45 11.63 -23.30
C ASP A 268 29.65 12.56 -23.32
N ALA A 269 30.16 12.95 -22.15
CA ALA A 269 31.33 13.84 -22.06
C ALA A 269 32.61 13.07 -21.76
N GLY A 270 32.64 12.33 -20.64
CA GLY A 270 33.84 11.66 -20.18
C GLY A 270 34.50 10.75 -21.20
N ALA A 283 28.57 1.22 -11.85
CA ALA A 283 27.82 0.40 -10.89
C ALA A 283 26.51 -0.08 -11.50
N GLY A 284 25.51 0.81 -11.51
CA GLY A 284 24.22 0.51 -12.09
C GLY A 284 23.79 1.47 -13.17
N THR A 285 24.75 1.97 -13.96
CA THR A 285 24.42 2.94 -15.01
C THR A 285 23.38 2.41 -15.98
N GLY A 286 23.42 1.10 -16.28
CA GLY A 286 22.56 0.56 -17.30
C GLY A 286 21.09 0.63 -16.96
N THR A 287 20.76 0.49 -15.68
CA THR A 287 19.35 0.45 -15.30
C THR A 287 18.74 1.81 -14.98
N ALA A 288 19.52 2.88 -14.93
CA ALA A 288 19.01 4.16 -14.48
C ALA A 288 17.79 4.66 -15.25
N PRO A 289 17.71 4.57 -16.59
CA PRO A 289 16.47 4.98 -17.26
C PRO A 289 15.26 4.19 -16.81
N LEU A 290 15.42 2.90 -16.58
CA LEU A 290 14.30 2.09 -16.11
C LEU A 290 13.88 2.49 -14.71
N VAL A 291 14.86 2.69 -13.82
CA VAL A 291 14.59 3.09 -12.44
C VAL A 291 13.79 4.38 -12.43
N ALA A 292 14.23 5.35 -13.23
CA ALA A 292 13.53 6.63 -13.28
C ALA A 292 12.12 6.45 -13.81
N LEU A 293 11.96 5.73 -14.92
CA LEU A 293 10.63 5.58 -15.50
C LEU A 293 9.70 4.84 -14.56
N ALA A 294 10.20 3.79 -13.91
CA ALA A 294 9.30 2.94 -13.14
C ALA A 294 8.88 3.64 -11.86
N THR A 295 9.80 4.36 -11.22
CA THR A 295 9.44 5.16 -10.06
C THR A 295 8.42 6.23 -10.44
N ALA A 296 8.61 6.88 -11.59
CA ALA A 296 7.75 8.00 -11.96
C ALA A 296 6.35 7.52 -12.33
N ALA A 297 6.24 6.37 -13.00
CA ALA A 297 4.94 5.79 -13.33
C ALA A 297 4.12 5.46 -12.09
N GLU A 298 4.76 4.86 -11.08
CA GLU A 298 4.05 4.47 -9.85
C GLU A 298 3.75 5.70 -8.99
N THR A 299 4.71 6.62 -8.92
CA THR A 299 4.50 7.86 -8.20
C THR A 299 3.32 8.64 -8.79
N ALA A 300 3.25 8.74 -10.12
CA ALA A 300 2.14 9.50 -10.70
C ALA A 300 0.79 8.86 -10.34
N ARG A 301 0.69 7.53 -10.39
CA ARG A 301 -0.58 6.89 -10.02
C ARG A 301 -0.92 7.13 -8.54
N ASP A 302 0.07 6.98 -7.66
CA ASP A 302 -0.14 7.09 -6.22
C ASP A 302 -0.43 8.52 -5.80
N VAL A 303 0.29 9.48 -6.39
CA VAL A 303 0.06 10.90 -6.11
C VAL A 303 -1.34 11.30 -6.54
N VAL A 304 -1.75 10.93 -7.75
CA VAL A 304 -3.00 11.46 -8.29
C VAL A 304 -4.20 10.88 -7.54
N ARG A 305 -4.16 9.58 -7.24
CA ARG A 305 -5.23 8.99 -6.43
C ARG A 305 -5.38 9.72 -5.10
N SER A 306 -4.27 10.09 -4.46
CA SER A 306 -4.32 10.76 -3.18
C SER A 306 -4.86 12.19 -3.32
N CYS A 307 -4.46 12.88 -4.39
CA CYS A 307 -4.94 14.23 -4.63
C CYS A 307 -6.45 14.26 -4.86
N MET A 308 -6.97 13.29 -5.62
CA MET A 308 -8.40 13.17 -5.88
C MET A 308 -9.19 12.95 -4.59
N GLN A 309 -8.70 12.06 -3.72
CA GLN A 309 -9.37 11.81 -2.45
C GLN A 309 -9.33 13.05 -1.57
N ALA A 310 -8.20 13.74 -1.55
CA ALA A 310 -8.04 14.87 -0.64
C ALA A 310 -8.94 16.04 -1.02
N CYS A 311 -9.29 16.19 -2.30
CA CYS A 311 -10.15 17.29 -2.76
C CYS A 311 -11.62 16.90 -2.96
N GLY A 312 -12.01 15.63 -2.74
CA GLY A 312 -13.43 15.35 -2.86
C GLY A 312 -13.94 15.41 -4.30
N VAL A 313 -15.26 15.50 -4.41
CA VAL A 313 -15.96 15.50 -5.72
C VAL A 313 -15.38 16.58 -6.63
N ARG A 314 -15.01 17.72 -6.07
CA ARG A 314 -14.46 18.78 -6.89
C ARG A 314 -13.29 18.30 -7.74
N ALA A 315 -12.51 17.33 -7.23
CA ALA A 315 -11.42 16.78 -8.05
C ALA A 315 -11.95 16.26 -9.38
N MET A 316 -13.20 15.78 -9.41
CA MET A 316 -13.76 15.20 -10.62
C MET A 316 -14.34 16.22 -11.60
N THR A 317 -14.31 17.51 -11.28
CA THR A 317 -14.97 18.53 -12.08
C THR A 317 -13.97 19.61 -12.50
N ASP A 318 -14.44 20.54 -13.34
CA ASP A 318 -13.63 21.69 -13.72
C ASP A 318 -13.59 22.77 -12.64
N GLU A 319 -14.12 22.53 -11.45
CA GLU A 319 -13.87 23.43 -10.34
C GLU A 319 -12.39 23.47 -9.94
N LEU A 320 -11.60 22.47 -10.33
CA LEU A 320 -10.23 22.50 -9.80
C LEU A 320 -9.12 22.41 -10.86
N GLY A 321 -9.34 21.67 -11.94
CA GLY A 321 -8.25 21.42 -12.85
C GLY A 321 -7.46 20.16 -12.57
N LEU A 322 -7.75 19.42 -11.49
CA LEU A 322 -7.10 18.12 -11.28
C LEU A 322 -7.47 17.14 -12.38
N HIS A 323 -8.67 17.26 -12.93
CA HIS A 323 -9.15 16.28 -13.90
C HIS A 323 -8.23 16.15 -15.13
N ARG A 324 -7.43 17.18 -15.46
CA ARG A 324 -6.56 17.05 -16.63
C ARG A 324 -5.36 16.16 -16.32
N TYR A 325 -4.75 16.32 -15.14
CA TYR A 325 -3.69 15.42 -14.70
C TYR A 325 -4.22 14.02 -14.49
N PHE A 326 -5.47 13.90 -14.01
CA PHE A 326 -6.06 12.60 -13.80
C PHE A 326 -6.14 11.81 -15.11
N ARG A 327 -6.70 12.39 -16.16
CA ARG A 327 -6.73 11.67 -17.43
C ARG A 327 -5.34 11.51 -18.02
N LEU A 328 -4.42 12.44 -17.75
CA LEU A 328 -3.06 12.32 -18.29
C LEU A 328 -2.35 11.10 -17.73
N VAL A 329 -2.46 10.86 -16.41
CA VAL A 329 -1.77 9.73 -15.80
C VAL A 329 -2.34 8.41 -16.32
N ALA A 330 -3.66 8.38 -16.57
CA ALA A 330 -4.30 7.22 -17.18
C ALA A 330 -3.60 6.78 -18.46
N ALA A 331 -3.20 7.74 -19.29
CA ALA A 331 -2.53 7.41 -20.54
C ALA A 331 -1.02 7.28 -20.38
N GLU A 332 -0.40 8.14 -19.58
CA GLU A 332 1.05 8.27 -19.57
C GLU A 332 1.74 7.28 -18.66
N ALA A 333 1.08 6.83 -17.59
CA ALA A 333 1.74 5.96 -16.62
C ALA A 333 2.25 4.69 -17.27
N GLY A 334 1.54 4.14 -18.26
CA GLY A 334 1.99 2.94 -18.93
C GLY A 334 2.38 3.06 -20.39
N ARG A 335 2.48 4.29 -20.92
CA ARG A 335 2.74 4.45 -22.36
C ARG A 335 4.11 3.88 -22.75
N TYR A 336 5.08 3.90 -21.84
CA TYR A 336 6.38 3.32 -22.09
C TYR A 336 6.56 2.00 -21.34
N GLY A 337 5.46 1.34 -20.98
CA GLY A 337 5.55 0.02 -20.40
C GLY A 337 5.05 -0.03 -18.97
N GLU A 338 4.56 -1.18 -18.54
CA GLU A 338 4.08 -1.29 -17.18
C GLU A 338 5.23 -1.27 -16.18
N PRO A 339 5.08 -0.53 -15.08
CA PRO A 339 6.19 -0.43 -14.10
C PRO A 339 6.66 -1.76 -13.55
N ALA A 340 5.74 -2.66 -13.15
CA ALA A 340 6.20 -3.95 -12.67
C ALA A 340 7.09 -4.64 -13.70
N ALA A 341 6.72 -4.52 -14.98
CA ALA A 341 7.54 -5.08 -16.07
C ALA A 341 8.88 -4.36 -16.19
N LEU A 342 8.87 -3.04 -16.03
CA LEU A 342 10.14 -2.31 -16.02
C LEU A 342 10.97 -2.74 -14.82
N TRP A 343 10.32 -2.91 -13.66
CA TRP A 343 11.05 -3.28 -12.45
C TRP A 343 11.68 -4.66 -12.59
N ARG A 344 10.98 -5.60 -13.23
CA ARG A 344 11.55 -6.94 -13.43
C ARG A 344 12.78 -6.87 -14.33
N LEU A 345 12.73 -6.05 -15.38
CA LEU A 345 13.93 -5.84 -16.20
C LEU A 345 15.07 -5.25 -15.36
N ALA A 346 14.76 -4.28 -14.51
CA ALA A 346 15.78 -3.75 -13.60
C ALA A 346 16.25 -4.82 -12.62
N GLY A 347 15.33 -5.67 -12.15
CA GLY A 347 15.69 -6.70 -11.19
C GLY A 347 16.64 -7.72 -11.77
N ALA A 348 16.40 -8.17 -13.00
CA ALA A 348 17.27 -9.18 -13.60
C ALA A 348 18.68 -8.65 -13.78
N ALA A 349 18.83 -7.38 -14.17
CA ALA A 349 20.16 -6.78 -14.28
C ALA A 349 20.88 -6.79 -12.94
N ARG A 350 20.16 -6.46 -11.86
CA ARG A 350 20.76 -6.41 -10.53
C ARG A 350 21.13 -7.80 -10.02
N LEU A 351 20.21 -8.76 -10.16
CA LEU A 351 20.50 -10.13 -9.76
C LEU A 351 21.65 -10.72 -10.59
N ASP A 352 21.68 -10.39 -11.88
CA ASP A 352 22.79 -10.87 -12.71
C ASP A 352 24.11 -10.28 -12.26
N ARG A 353 24.12 -9.00 -11.89
CA ARG A 353 25.33 -8.45 -11.29
C ARG A 353 25.68 -9.16 -9.99
N ALA A 354 24.67 -9.60 -9.23
CA ALA A 354 24.93 -10.35 -7.99
C ALA A 354 25.45 -11.76 -8.27
N ARG A 355 24.92 -12.43 -9.31
CA ARG A 355 25.45 -13.74 -9.66
C ARG A 355 26.92 -13.65 -10.06
N ARG A 356 27.30 -12.56 -10.73
CA ARG A 356 28.69 -12.38 -11.13
C ARG A 356 29.61 -12.15 -9.93
N ALA A 357 29.11 -11.45 -8.90
CA ALA A 357 29.92 -11.14 -7.74
C ALA A 357 30.25 -12.37 -6.89
N ALA A 358 29.50 -13.45 -7.04
CA ALA A 358 29.69 -14.65 -6.23
C ALA A 358 30.26 -15.80 -7.05
N MET B 1 -27.88 -15.77 1.01
CA MET B 1 -26.67 -16.26 1.64
C MET B 1 -26.84 -16.00 3.14
N ASP B 2 -27.37 -17.03 3.82
CA ASP B 2 -27.63 -16.97 5.26
C ASP B 2 -26.32 -17.04 6.03
N LEU B 3 -26.15 -16.11 6.98
CA LEU B 3 -24.91 -15.99 7.76
C LEU B 3 -25.17 -15.86 9.26
N THR B 4 -26.38 -16.20 9.72
CA THR B 4 -26.69 -16.15 11.15
C THR B 4 -25.97 -17.28 11.90
N PRO B 5 -25.64 -17.06 13.18
CA PRO B 5 -24.79 -18.00 13.91
C PRO B 5 -25.50 -19.29 14.29
N ASP B 6 -24.70 -20.41 14.31
CA ASP B 6 -24.98 -21.81 14.65
C ASP B 6 -24.60 -22.08 16.09
N PRO B 7 -25.54 -22.55 16.92
CA PRO B 7 -25.21 -22.75 18.34
C PRO B 7 -24.05 -23.70 18.59
N LEU B 8 -23.95 -24.81 17.85
CA LEU B 8 -22.94 -25.82 18.15
C LEU B 8 -21.52 -25.28 18.02
N LEU B 9 -21.25 -24.51 16.98
CA LEU B 9 -19.92 -23.90 16.86
C LEU B 9 -19.72 -22.85 17.94
N VAL B 10 -20.78 -22.14 18.32
CA VAL B 10 -20.70 -21.11 19.35
C VAL B 10 -20.24 -21.71 20.68
N GLN B 11 -20.78 -22.87 21.05
CA GLN B 11 -20.33 -23.54 22.26
C GLN B 11 -18.87 -23.98 22.12
N LEU B 12 -18.52 -24.60 20.99
CA LEU B 12 -17.15 -25.06 20.76
C LEU B 12 -16.17 -23.92 20.96
N ARG B 13 -16.40 -22.79 20.30
CA ARG B 13 -15.50 -21.65 20.43
C ARG B 13 -15.40 -21.16 21.86
N GLY B 14 -16.53 -21.07 22.56
CA GLY B 14 -16.50 -20.60 23.93
C GLY B 14 -15.72 -21.53 24.83
N ALA B 15 -15.88 -22.84 24.63
CA ALA B 15 -15.12 -23.80 25.43
C ALA B 15 -13.62 -23.76 25.10
N LEU B 16 -13.26 -23.61 23.82
CA LEU B 16 -11.84 -23.43 23.48
C LEU B 16 -11.27 -22.15 24.09
N ARG B 17 -11.99 -21.04 23.94
CA ARG B 17 -11.43 -19.76 24.36
C ARG B 17 -11.19 -19.75 25.85
N THR B 18 -12.19 -20.22 26.62
CA THR B 18 -12.02 -20.32 28.07
C THR B 18 -10.89 -21.27 28.43
N ALA B 19 -10.88 -22.47 27.84
CA ALA B 19 -9.85 -23.43 28.21
C ALA B 19 -8.46 -22.90 27.86
N LEU B 20 -8.30 -22.28 26.68
CA LEU B 20 -6.98 -21.84 26.24
C LEU B 20 -6.48 -20.62 27.00
N ALA B 21 -7.37 -19.81 27.56
CA ALA B 21 -6.94 -18.67 28.37
C ALA B 21 -6.17 -19.11 29.62
N GLY B 22 -6.33 -20.36 30.05
CA GLY B 22 -5.49 -20.88 31.14
C GLY B 22 -4.09 -21.29 30.73
N VAL B 23 -3.86 -21.58 29.45
CA VAL B 23 -2.58 -22.19 29.04
C VAL B 23 -1.45 -21.19 29.24
N PRO B 24 -0.34 -21.60 29.85
CA PRO B 24 0.75 -20.64 30.11
C PRO B 24 1.51 -20.31 28.82
N VAL B 25 1.79 -19.04 28.67
CA VAL B 25 2.42 -18.50 27.47
C VAL B 25 3.92 -18.36 27.72
N ARG B 26 4.73 -18.74 26.72
CA ARG B 26 6.18 -18.77 26.87
C ARG B 26 6.75 -17.36 27.06
N SER B 27 7.60 -17.20 28.06
CA SER B 27 7.88 -15.88 28.62
C SER B 27 9.10 -15.17 28.01
N GLY B 28 9.77 -15.77 27.04
CA GLY B 28 10.90 -15.10 26.44
C GLY B 28 10.53 -14.04 25.42
N VAL B 29 11.50 -13.19 25.12
CA VAL B 29 11.40 -12.25 24.01
C VAL B 29 12.29 -12.67 22.84
N HIS B 30 13.28 -13.52 23.07
CA HIS B 30 14.06 -14.20 22.05
C HIS B 30 13.66 -15.67 21.99
N GLY B 31 14.24 -16.39 21.03
CA GLY B 31 13.97 -17.80 20.86
C GLY B 31 12.60 -18.00 20.26
N PRO B 32 12.13 -19.25 20.21
CA PRO B 32 10.78 -19.52 19.67
C PRO B 32 9.71 -18.82 20.49
N PRO B 33 8.70 -18.24 19.85
CA PRO B 33 7.63 -17.61 20.61
C PRO B 33 6.61 -18.59 21.17
N VAL B 34 6.62 -19.85 20.71
CA VAL B 34 5.66 -20.86 21.13
C VAL B 34 6.38 -22.21 21.17
N ALA B 35 5.78 -23.16 21.88
CA ALA B 35 6.24 -24.55 21.86
C ALA B 35 5.39 -25.27 20.81
N ASP B 36 6.01 -25.60 19.69
CA ASP B 36 5.30 -26.22 18.58
C ASP B 36 5.50 -27.72 18.60
N GLY B 37 4.60 -28.42 17.93
CA GLY B 37 4.62 -29.86 17.88
C GLY B 37 3.38 -30.45 18.50
N PRO B 38 3.15 -31.75 18.29
CA PRO B 38 1.92 -32.37 18.80
C PRO B 38 1.83 -32.44 20.33
N SER B 39 2.89 -32.12 21.09
CA SER B 39 2.88 -32.27 22.54
C SER B 39 3.15 -30.96 23.27
N GLY B 40 2.55 -29.86 22.82
CA GLY B 40 2.71 -28.58 23.49
C GLY B 40 1.78 -28.44 24.68
N PRO B 41 1.93 -27.31 25.40
CA PRO B 41 1.09 -27.09 26.58
C PRO B 41 -0.41 -26.99 26.28
N ALA B 42 -0.80 -26.67 25.04
CA ALA B 42 -2.21 -26.69 24.67
C ALA B 42 -2.69 -28.07 24.25
N ARG B 43 -1.77 -29.01 24.03
CA ARG B 43 -2.18 -30.38 23.73
C ARG B 43 -3.14 -30.92 24.80
N GLU B 44 -2.87 -30.62 26.07
CA GLU B 44 -3.71 -31.12 27.16
C GLU B 44 -5.14 -30.59 27.04
N VAL B 45 -5.29 -29.30 26.78
CA VAL B 45 -6.61 -28.70 26.64
C VAL B 45 -7.37 -29.34 25.48
N LEU B 46 -6.69 -29.52 24.33
CA LEU B 46 -7.34 -30.07 23.15
C LEU B 46 -7.79 -31.51 23.40
N ASP B 47 -6.96 -32.29 24.07
CA ASP B 47 -7.28 -33.69 24.37
C ASP B 47 -8.47 -33.80 25.30
N ARG B 48 -8.52 -32.98 26.35
CA ARG B 48 -9.66 -32.97 27.25
C ARG B 48 -10.95 -32.75 26.47
N LEU B 49 -10.98 -31.70 25.65
CA LEU B 49 -12.15 -31.35 24.86
C LEU B 49 -12.40 -32.30 23.69
N GLY B 50 -11.55 -33.31 23.49
CA GLY B 50 -11.74 -34.27 22.41
C GLY B 50 -11.59 -33.70 21.01
N ALA B 51 -10.55 -32.89 20.79
CA ALA B 51 -10.35 -32.30 19.46
C ALA B 51 -10.14 -33.35 18.38
N ALA B 52 -9.61 -34.52 18.75
CA ALA B 52 -9.38 -35.59 17.77
C ALA B 52 -10.65 -35.98 17.03
N ASP B 53 -11.81 -35.82 17.66
CA ASP B 53 -13.09 -36.25 17.10
C ASP B 53 -13.90 -35.10 16.52
N PHE B 54 -13.33 -33.89 16.40
CA PHE B 54 -14.12 -32.76 15.93
C PHE B 54 -14.48 -32.89 14.46
N GLU B 55 -13.46 -33.05 13.63
CA GLU B 55 -13.68 -33.14 12.16
C GLU B 55 -14.29 -34.50 11.80
N ARG B 56 -14.22 -35.47 12.70
CA ARG B 56 -14.82 -36.81 12.43
C ARG B 56 -16.31 -36.62 12.15
N PRO B 57 -16.86 -37.17 11.05
CA PRO B 57 -18.26 -37.03 10.67
C PRO B 57 -19.27 -37.88 11.45
N ALA B 58 -20.54 -37.77 11.07
CA ALA B 58 -21.65 -38.51 11.71
C ALA B 58 -21.38 -40.00 11.60
N SER B 59 -20.99 -40.45 10.41
CA SER B 59 -20.59 -41.85 10.14
C SER B 59 -19.23 -42.06 10.83
N ALA B 60 -18.95 -43.29 11.24
CA ALA B 60 -17.72 -43.65 11.99
C ALA B 60 -17.60 -42.94 13.34
N GLY B 61 -18.72 -42.75 14.02
CA GLY B 61 -18.71 -42.26 15.42
C GLY B 61 -17.88 -41.02 15.68
N GLY B 62 -18.21 -39.90 15.03
CA GLY B 62 -17.48 -38.64 15.29
C GLY B 62 -18.46 -37.52 15.59
N LEU B 63 -18.01 -36.47 16.28
CA LEU B 63 -18.85 -35.30 16.63
C LEU B 63 -19.68 -34.87 15.42
N GLY B 64 -19.04 -34.59 14.30
CA GLY B 64 -19.77 -34.21 13.09
C GLY B 64 -19.78 -32.71 12.81
N LEU B 65 -18.77 -31.97 13.27
CA LEU B 65 -18.71 -30.51 13.01
C LEU B 65 -17.91 -30.17 11.73
N GLY B 66 -17.27 -31.16 11.10
CA GLY B 66 -16.52 -30.96 9.85
C GLY B 66 -15.28 -30.08 9.92
N LEU B 67 -14.79 -29.63 8.77
CA LEU B 67 -13.60 -28.79 8.72
C LEU B 67 -13.81 -27.53 9.55
N THR B 68 -15.05 -27.04 9.64
CA THR B 68 -15.31 -25.78 10.35
C THR B 68 -14.85 -25.87 11.81
N ALA B 69 -15.05 -27.02 12.45
CA ALA B 69 -14.53 -27.22 13.79
C ALA B 69 -13.01 -27.12 13.79
N GLY B 70 -12.35 -27.72 12.78
CA GLY B 70 -10.91 -27.62 12.72
C GLY B 70 -10.44 -26.19 12.56
N VAL B 71 -11.15 -25.42 11.73
CA VAL B 71 -10.85 -24.01 11.54
C VAL B 71 -11.05 -23.23 12.84
N VAL B 72 -12.10 -23.56 13.60
CA VAL B 72 -12.33 -22.89 14.88
C VAL B 72 -11.21 -23.20 15.88
N VAL B 73 -10.79 -24.46 15.96
CA VAL B 73 -9.68 -24.81 16.82
C VAL B 73 -8.44 -24.01 16.43
N ALA B 74 -8.12 -23.99 15.13
CA ALA B 74 -6.89 -23.34 14.68
C ALA B 74 -6.95 -21.83 14.90
N GLU B 75 -8.12 -21.22 14.77
CA GLU B 75 -8.23 -19.79 15.01
C GLU B 75 -7.94 -19.46 16.47
N GLU B 76 -8.49 -20.25 17.40
CA GLU B 76 -8.28 -19.98 18.82
C GLU B 76 -6.84 -20.27 19.27
N LEU B 77 -6.21 -21.30 18.70
CA LEU B 77 -4.80 -21.51 18.98
C LEU B 77 -3.97 -20.31 18.57
N GLY B 78 -4.24 -19.76 17.38
CA GLY B 78 -3.49 -18.60 16.94
C GLY B 78 -3.77 -17.40 17.82
N ARG B 79 -5.04 -17.24 18.23
CA ARG B 79 -5.42 -16.10 19.03
C ARG B 79 -4.69 -16.11 20.37
N ALA B 80 -4.52 -17.30 20.94
CA ALA B 80 -3.89 -17.48 22.24
C ALA B 80 -2.37 -17.39 22.19
N ALA B 81 -1.79 -17.50 20.99
CA ALA B 81 -0.33 -17.55 20.81
C ALA B 81 0.30 -18.62 21.71
N CYS B 82 -0.38 -19.76 21.85
CA CYS B 82 0.06 -20.86 22.72
C CYS B 82 0.69 -22.03 21.95
N GLY B 83 0.96 -21.87 20.66
CA GLY B 83 1.42 -22.97 19.85
C GLY B 83 0.28 -23.67 19.14
N ASN B 84 0.65 -24.55 18.21
CA ASN B 84 -0.31 -25.29 17.40
C ASN B 84 0.00 -26.77 17.55
N PRO B 85 -0.62 -27.46 18.51
CA PRO B 85 -0.44 -28.91 18.63
C PRO B 85 -1.47 -29.67 17.84
N TYR B 86 -2.13 -29.00 16.90
CA TYR B 86 -3.29 -29.57 16.21
C TYR B 86 -3.06 -29.87 14.74
N ARG B 87 -2.33 -29.02 14.00
CA ARG B 87 -2.35 -29.09 12.54
C ARG B 87 -1.69 -30.37 11.98
N ALA B 88 -0.55 -30.79 12.53
CA ALA B 88 0.16 -31.96 12.02
C ALA B 88 -0.65 -33.24 12.20
N ASP B 89 -1.20 -33.43 13.41
CA ASP B 89 -2.07 -34.57 13.67
C ASP B 89 -3.31 -34.54 12.79
N ALA B 90 -3.94 -33.37 12.67
CA ALA B 90 -5.15 -33.31 11.86
C ALA B 90 -4.84 -33.59 10.39
N LEU B 91 -3.67 -33.18 9.91
CA LEU B 91 -3.27 -33.59 8.56
C LEU B 91 -3.12 -35.11 8.48
N ALA B 92 -2.43 -35.72 9.45
CA ALA B 92 -2.25 -37.17 9.44
C ALA B 92 -3.59 -37.88 9.56
N ALA B 93 -4.46 -37.39 10.45
CA ALA B 93 -5.74 -38.06 10.66
C ALA B 93 -6.58 -38.07 9.40
N SER B 94 -6.53 -37.00 8.60
CA SER B 94 -7.30 -36.94 7.35
C SER B 94 -6.83 -37.95 6.32
N LEU B 95 -5.66 -38.58 6.53
CA LEU B 95 -5.14 -39.61 5.65
C LEU B 95 -5.05 -40.98 6.32
N GLY B 96 -5.51 -41.09 7.57
CA GLY B 96 -5.52 -42.36 8.27
C GLY B 96 -4.20 -42.75 8.89
N HIS B 97 -3.18 -41.89 8.76
CA HIS B 97 -1.88 -42.13 9.34
C HIS B 97 -1.91 -41.88 10.85
N PRO B 98 -1.10 -42.61 11.62
CA PRO B 98 -1.04 -42.37 13.07
C PRO B 98 -0.45 -41.00 13.38
N GLY B 99 -0.88 -40.44 14.53
CA GLY B 99 -0.42 -39.12 14.90
C GLY B 99 1.08 -39.07 15.17
N GLY B 100 1.51 -37.96 15.78
CA GLY B 100 2.84 -37.84 16.33
C GLY B 100 3.92 -37.29 15.43
N ALA B 101 3.63 -36.99 14.17
CA ALA B 101 4.64 -36.54 13.23
C ALA B 101 4.59 -35.02 13.05
N ALA B 102 5.76 -34.40 12.93
CA ALA B 102 5.80 -33.04 12.40
C ALA B 102 5.63 -33.09 10.90
N SER B 103 4.98 -32.06 10.34
CA SER B 103 4.87 -31.96 8.89
C SER B 103 5.79 -30.83 8.40
N ALA B 104 6.27 -30.98 7.16
CA ALA B 104 7.32 -30.10 6.67
C ALA B 104 7.24 -29.97 5.15
N GLY B 105 7.75 -28.85 4.62
CA GLY B 105 7.91 -28.67 3.20
C GLY B 105 6.82 -27.89 2.49
N TRP B 106 5.82 -27.37 3.22
CA TRP B 106 4.72 -26.67 2.54
C TRP B 106 5.13 -25.32 1.96
N GLU B 107 6.29 -24.79 2.33
CA GLU B 107 6.63 -23.43 1.93
C GLU B 107 6.93 -23.31 0.44
N ALA B 108 7.32 -24.40 -0.20
CA ALA B 108 7.65 -24.39 -1.61
C ALA B 108 6.41 -24.49 -2.51
N LEU B 109 6.42 -23.75 -3.61
CA LEU B 109 5.42 -23.84 -4.64
C LEU B 109 6.13 -23.97 -5.97
N PRO B 110 5.74 -24.92 -6.85
CA PRO B 110 4.58 -25.84 -6.75
C PRO B 110 4.71 -26.80 -5.58
N VAL B 111 3.60 -27.42 -5.14
CA VAL B 111 3.62 -28.16 -3.88
C VAL B 111 4.68 -29.24 -3.92
N GLY B 112 5.50 -29.30 -2.87
CA GLY B 112 6.53 -30.32 -2.76
C GLY B 112 7.87 -30.01 -3.39
N ALA B 113 8.03 -28.87 -4.06
CA ALA B 113 9.24 -28.62 -4.86
C ALA B 113 10.47 -28.31 -4.02
N GLY B 114 10.34 -28.12 -2.72
CA GLY B 114 11.53 -27.97 -1.89
C GLY B 114 12.23 -29.28 -1.57
N VAL B 115 11.55 -30.42 -1.74
CA VAL B 115 12.13 -31.74 -1.56
C VAL B 115 11.78 -32.57 -2.80
N THR B 116 12.77 -32.80 -3.66
CA THR B 116 12.53 -33.49 -4.92
C THR B 116 12.84 -34.98 -4.75
N ALA B 117 11.99 -35.83 -5.34
CA ALA B 117 12.13 -37.28 -5.26
C ALA B 117 12.59 -37.78 -6.63
N THR B 118 13.81 -38.29 -6.69
CA THR B 118 14.44 -38.66 -7.95
C THR B 118 14.39 -40.17 -8.13
N ALA B 119 13.84 -40.61 -9.26
CA ALA B 119 13.87 -42.03 -9.59
C ALA B 119 15.29 -42.39 -10.00
N ARG B 120 15.97 -43.17 -9.16
CA ARG B 120 17.40 -43.44 -9.32
C ARG B 120 17.69 -44.85 -8.82
N ALA B 121 18.64 -45.51 -9.49
CA ALA B 121 19.01 -46.90 -9.21
C ALA B 121 17.74 -47.74 -9.40
N GLY B 122 17.41 -48.64 -8.49
CA GLY B 122 16.09 -49.25 -8.55
C GLY B 122 15.19 -48.68 -7.48
N GLY B 123 15.26 -47.36 -7.29
CA GLY B 123 14.58 -46.73 -6.19
C GLY B 123 14.27 -45.26 -6.42
N TRP B 124 14.02 -44.56 -5.31
CA TRP B 124 13.73 -43.11 -5.30
C TRP B 124 14.45 -42.52 -4.09
N ASP B 125 14.97 -41.30 -4.21
CA ASP B 125 15.65 -40.65 -3.06
C ASP B 125 15.11 -39.22 -2.89
N LEU B 126 15.01 -38.75 -1.65
CA LEU B 126 14.53 -37.38 -1.38
C LEU B 126 15.71 -36.44 -1.27
N THR B 127 15.68 -35.31 -1.97
CA THR B 127 16.79 -34.34 -1.82
C THR B 127 16.27 -32.91 -1.69
N GLY B 128 16.66 -32.23 -0.63
CA GLY B 128 16.32 -30.82 -0.41
C GLY B 128 16.18 -30.54 1.08
N ALA B 129 15.78 -29.32 1.41
CA ALA B 129 15.55 -28.94 2.79
C ALA B 129 14.13 -28.43 2.95
N ALA B 130 13.57 -28.58 4.14
CA ALA B 130 12.20 -28.14 4.39
C ALA B 130 12.05 -27.59 5.80
N THR B 131 11.08 -26.67 5.94
CA THR B 131 10.70 -26.12 7.23
C THR B 131 9.68 -27.03 7.90
N ALA B 132 9.88 -27.31 9.19
CA ALA B 132 9.00 -28.17 9.95
C ALA B 132 8.08 -27.36 10.88
N ASP B 133 6.89 -27.90 11.16
CA ASP B 133 6.01 -27.31 12.18
C ASP B 133 6.16 -27.96 13.54
N GLY B 134 7.07 -28.92 13.69
CA GLY B 134 7.30 -29.56 14.96
C GLY B 134 8.76 -29.90 15.14
N PRO B 135 9.05 -30.76 16.12
CA PRO B 135 10.45 -31.14 16.36
C PRO B 135 11.04 -31.87 15.16
N ALA B 136 12.20 -31.39 14.72
CA ALA B 136 12.76 -31.84 13.46
C ALA B 136 13.45 -33.20 13.54
N ASP B 137 13.70 -33.70 14.74
CA ASP B 137 14.37 -34.98 14.94
C ASP B 137 13.39 -36.11 15.18
N GLY B 138 12.10 -35.81 15.16
CA GLY B 138 11.10 -36.84 15.30
C GLY B 138 10.69 -37.37 13.94
N PRO B 139 9.59 -38.12 13.92
CA PRO B 139 9.01 -38.53 12.64
C PRO B 139 8.45 -37.35 11.85
N LEU B 140 8.46 -37.49 10.53
CA LEU B 140 8.11 -36.40 9.64
C LEU B 140 7.09 -36.82 8.60
N LEU B 141 6.23 -35.88 8.23
CA LEU B 141 5.45 -35.95 7.00
C LEU B 141 5.94 -34.84 6.08
N VAL B 142 6.50 -35.21 4.93
CA VAL B 142 7.18 -34.27 4.04
C VAL B 142 6.35 -34.11 2.78
N ALA B 143 6.07 -32.85 2.42
CA ALA B 143 5.61 -32.55 1.08
C ALA B 143 6.79 -32.66 0.12
N ALA B 144 6.67 -33.56 -0.84
CA ALA B 144 7.74 -33.84 -1.78
C ALA B 144 7.14 -33.93 -3.17
N ARG B 145 7.98 -33.67 -4.19
CA ARG B 145 7.55 -33.70 -5.58
C ARG B 145 8.34 -34.77 -6.34
N ALA B 146 7.63 -35.79 -6.83
CA ALA B 146 8.21 -36.88 -7.64
C ALA B 146 7.75 -36.70 -9.08
N GLY B 147 8.67 -36.30 -9.95
CA GLY B 147 8.37 -36.22 -11.37
C GLY B 147 7.19 -35.34 -11.69
N GLY B 148 7.04 -34.22 -10.97
CA GLY B 148 5.88 -33.38 -11.14
C GLY B 148 4.67 -33.76 -10.31
N GLU B 149 4.73 -34.87 -9.54
CA GLU B 149 3.57 -35.29 -8.73
C GLU B 149 3.75 -34.90 -7.28
N PRO B 150 2.93 -34.01 -6.73
CA PRO B 150 3.06 -33.64 -5.31
C PRO B 150 2.58 -34.77 -4.40
N LEU B 151 3.42 -35.14 -3.45
CA LEU B 151 3.18 -36.29 -2.58
C LEU B 151 3.54 -35.95 -1.14
N LEU B 152 2.81 -36.55 -0.21
CA LEU B 152 3.14 -36.47 1.21
C LEU B 152 3.81 -37.77 1.61
N VAL B 153 5.02 -37.67 2.15
CA VAL B 153 5.93 -38.79 2.37
C VAL B 153 6.23 -38.91 3.87
N ALA B 154 6.09 -40.13 4.41
CA ALA B 154 6.45 -40.41 5.80
C ALA B 154 7.92 -40.79 5.87
N VAL B 155 8.63 -40.19 6.83
CA VAL B 155 10.06 -40.44 7.03
C VAL B 155 10.29 -40.70 8.50
N GLU B 156 10.94 -41.81 8.80
CA GLU B 156 11.19 -42.10 10.21
C GLU B 156 12.50 -41.47 10.63
N PRO B 157 12.65 -41.15 11.91
CA PRO B 157 13.87 -40.45 12.35
C PRO B 157 15.10 -41.33 12.17
N GLY B 158 16.25 -40.69 12.12
CA GLY B 158 17.49 -41.40 11.91
C GLY B 158 17.65 -42.00 10.53
N ALA B 159 16.79 -41.64 9.58
CA ALA B 159 16.87 -42.21 8.24
C ALA B 159 18.12 -41.73 7.50
N PRO B 160 18.68 -42.56 6.62
CA PRO B 160 19.92 -42.19 5.92
C PRO B 160 19.79 -40.88 5.13
N GLY B 161 20.79 -40.02 5.29
CA GLY B 161 20.86 -38.75 4.59
C GLY B 161 19.97 -37.66 5.16
N LEU B 162 19.34 -37.89 6.31
CA LEU B 162 18.44 -36.94 6.92
C LEU B 162 19.15 -36.27 8.10
N THR B 163 19.28 -34.96 8.04
CA THR B 163 19.90 -34.20 9.12
C THR B 163 18.90 -33.18 9.64
N ALA B 164 18.83 -33.04 10.96
CA ALA B 164 17.86 -32.14 11.58
C ALA B 164 18.55 -30.82 11.90
N GLY B 165 18.01 -29.74 11.34
CA GLY B 165 18.37 -28.39 11.73
C GLY B 165 17.64 -27.97 12.99
N THR B 166 18.13 -28.44 14.12
CA THR B 166 17.67 -28.03 15.44
C THR B 166 18.35 -26.73 15.86
N GLY B 167 17.64 -25.88 16.58
CA GLY B 167 18.21 -24.66 17.08
C GLY B 167 17.84 -23.40 16.31
N CYS B 168 17.39 -23.51 15.06
CA CYS B 168 16.71 -22.38 14.44
C CYS B 168 15.20 -22.60 14.52
N TRP B 169 14.46 -21.49 14.50
CA TRP B 169 13.02 -21.61 14.62
C TRP B 169 12.34 -20.81 13.51
N PRO B 170 11.41 -21.43 12.75
CA PRO B 170 11.02 -22.84 12.88
C PRO B 170 12.14 -23.81 12.54
N GLN B 171 12.02 -25.06 12.96
CA GLN B 171 13.07 -26.03 12.74
C GLN B 171 13.10 -26.45 11.28
N VAL B 172 14.24 -26.98 10.84
CA VAL B 172 14.46 -27.31 9.44
C VAL B 172 14.95 -28.74 9.33
N VAL B 173 14.54 -29.43 8.26
CA VAL B 173 15.01 -30.78 7.99
C VAL B 173 15.66 -30.81 6.61
N ARG B 174 16.74 -31.56 6.49
CA ARG B 174 17.57 -31.65 5.30
C ARG B 174 17.63 -33.09 4.83
N PHE B 175 17.44 -33.32 3.54
CA PHE B 175 17.51 -34.65 2.94
C PHE B 175 18.58 -34.66 1.86
N GLU B 176 19.57 -35.52 2.03
CA GLU B 176 20.63 -35.76 1.04
C GLU B 176 20.47 -37.20 0.55
N ALA B 177 19.80 -37.39 -0.58
CA ALA B 177 19.54 -38.71 -1.16
C ALA B 177 18.90 -39.65 -0.13
N THR B 178 17.93 -39.14 0.61
CA THR B 178 17.24 -39.98 1.58
C THR B 178 16.29 -40.92 0.85
N PRO B 179 16.42 -42.23 1.02
CA PRO B 179 15.69 -43.15 0.15
C PRO B 179 14.26 -43.36 0.64
N VAL B 180 13.36 -43.56 -0.33
CA VAL B 180 11.95 -43.78 -0.05
C VAL B 180 11.40 -44.78 -1.03
N THR B 181 10.30 -45.43 -0.63
CA THR B 181 9.58 -46.40 -1.43
C THR B 181 8.15 -45.94 -1.65
N PRO B 182 7.46 -46.49 -2.65
CA PRO B 182 6.03 -46.15 -2.80
C PRO B 182 5.21 -46.49 -1.57
N ALA B 183 5.68 -47.40 -0.71
CA ALA B 183 5.02 -47.68 0.56
C ALA B 183 5.06 -46.50 1.54
N ASP B 184 6.07 -45.63 1.46
CA ASP B 184 6.13 -44.48 2.36
C ASP B 184 5.20 -43.34 1.96
N VAL B 185 4.58 -43.42 0.78
CA VAL B 185 3.70 -42.35 0.33
C VAL B 185 2.40 -42.42 1.15
N VAL B 186 2.15 -41.39 1.97
CA VAL B 186 0.94 -41.36 2.77
C VAL B 186 -0.25 -40.91 1.93
N GLY B 187 -0.01 -40.08 0.93
CA GLY B 187 -1.08 -39.70 0.02
C GLY B 187 -0.60 -38.62 -0.92
N ALA B 188 -1.47 -38.27 -1.86
CA ALA B 188 -1.18 -37.26 -2.85
C ALA B 188 -1.64 -35.89 -2.35
N LEU B 189 -0.97 -34.85 -2.83
CA LEU B 189 -1.22 -33.50 -2.38
C LEU B 189 -1.66 -32.65 -3.57
N ASP B 190 -2.58 -33.17 -4.38
CA ASP B 190 -3.09 -32.44 -5.54
C ASP B 190 -4.07 -31.36 -5.10
N ASP B 191 -4.76 -30.75 -6.07
CA ASP B 191 -5.60 -29.59 -5.83
C ASP B 191 -7.08 -29.95 -5.74
N SER B 192 -7.43 -31.21 -5.59
CA SER B 192 -8.81 -31.58 -5.41
C SER B 192 -9.44 -30.71 -4.32
N PRO B 193 -10.67 -30.22 -4.52
CA PRO B 193 -11.20 -29.17 -3.62
C PRO B 193 -11.41 -29.61 -2.19
N THR B 194 -11.44 -30.92 -1.93
CA THR B 194 -11.62 -31.47 -0.60
C THR B 194 -10.50 -32.41 -0.19
N GLY B 195 -9.35 -32.34 -0.85
CA GLY B 195 -8.25 -33.20 -0.50
C GLY B 195 -7.56 -32.75 0.77
N PRO B 196 -6.59 -33.56 1.21
CA PRO B 196 -5.82 -33.21 2.41
C PRO B 196 -5.16 -31.86 2.31
N LEU B 197 -4.64 -31.50 1.13
CA LEU B 197 -3.96 -30.23 0.97
C LEU B 197 -4.91 -29.06 1.20
N ALA B 198 -6.09 -29.10 0.58
CA ALA B 198 -7.06 -28.02 0.74
C ALA B 198 -7.45 -27.85 2.20
N ARG B 199 -7.59 -28.95 2.91
CA ARG B 199 -7.94 -28.89 4.35
C ARG B 199 -6.76 -28.31 5.12
N ALA B 200 -5.56 -28.75 4.80
CA ALA B 200 -4.37 -28.23 5.49
C ALA B 200 -4.24 -26.73 5.30
N ARG B 201 -4.52 -26.22 4.10
CA ARG B 201 -4.41 -24.79 3.84
C ARG B 201 -5.46 -24.00 4.61
N LEU B 202 -6.66 -24.55 4.75
CA LEU B 202 -7.69 -23.80 5.46
C LEU B 202 -7.39 -23.75 6.95
N ARG B 203 -6.86 -24.83 7.50
CA ARG B 203 -6.41 -24.83 8.88
C ARG B 203 -5.31 -23.78 9.10
N GLN B 204 -4.34 -23.73 8.19
CA GLN B 204 -3.29 -22.73 8.32
C GLN B 204 -3.82 -21.32 8.17
N ALA B 205 -4.75 -21.10 7.23
CA ALA B 205 -5.37 -19.80 7.06
C ALA B 205 -6.10 -19.38 8.34
N ALA B 206 -6.81 -20.31 8.98
CA ALA B 206 -7.51 -20.00 10.21
C ALA B 206 -6.52 -19.66 11.32
N TYR B 207 -5.40 -20.36 11.36
CA TYR B 207 -4.36 -20.07 12.35
C TYR B 207 -3.82 -18.65 12.17
N LEU B 208 -3.49 -18.28 10.93
CA LEU B 208 -3.05 -16.93 10.65
C LEU B 208 -4.15 -15.92 10.98
N LEU B 209 -5.41 -16.26 10.71
CA LEU B 209 -6.48 -15.36 11.14
C LEU B 209 -6.45 -15.16 12.66
N GLY B 210 -6.23 -16.25 13.43
CA GLY B 210 -6.14 -16.13 14.90
C GLY B 210 -4.97 -15.28 15.36
N VAL B 211 -3.78 -15.52 14.79
CA VAL B 211 -2.58 -14.78 15.17
C VAL B 211 -2.77 -13.28 14.93
N ALA B 212 -3.31 -12.95 13.77
CA ALA B 212 -3.55 -11.55 13.42
C ALA B 212 -4.58 -10.91 14.36
N ASP B 213 -5.68 -11.61 14.63
CA ASP B 213 -6.72 -11.14 15.55
C ASP B 213 -6.15 -10.93 16.95
N GLY B 214 -5.35 -11.89 17.45
CA GLY B 214 -4.72 -11.73 18.75
C GLY B 214 -3.84 -10.50 18.88
N ALA B 215 -3.09 -10.17 17.82
CA ALA B 215 -2.22 -9.00 17.88
C ALA B 215 -3.04 -7.71 17.85
N HIS B 216 -4.11 -7.71 17.07
CA HIS B 216 -4.99 -6.54 16.97
C HIS B 216 -5.63 -6.22 18.32
N ARG B 217 -6.03 -7.26 19.05
CA ARG B 217 -6.66 -7.05 20.35
C ARG B 217 -5.73 -6.29 21.28
N ILE B 218 -4.45 -6.68 21.31
CA ILE B 218 -3.48 -6.00 22.17
C ILE B 218 -3.34 -4.53 21.77
N ALA B 219 -3.17 -4.25 20.47
CA ALA B 219 -2.98 -2.87 20.04
C ALA B 219 -4.20 -2.02 20.35
N VAL B 220 -5.40 -2.56 20.10
CA VAL B 220 -6.61 -1.77 20.34
C VAL B 220 -6.73 -1.41 21.81
N ARG B 221 -6.41 -2.36 22.70
CA ARG B 221 -6.47 -2.09 24.14
C ARG B 221 -5.38 -1.11 24.56
N HIS B 222 -4.15 -1.32 24.11
CA HIS B 222 -3.08 -0.42 24.52
C HIS B 222 -3.28 0.97 23.95
N ALA B 223 -3.85 1.09 22.76
CA ALA B 223 -4.20 2.41 22.24
C ALA B 223 -5.33 3.05 23.06
N GLY B 224 -6.12 2.27 23.79
CA GLY B 224 -7.14 2.86 24.64
C GLY B 224 -6.63 3.42 25.97
N VAL B 225 -5.50 2.93 26.46
CA VAL B 225 -4.94 3.36 27.74
C VAL B 225 -3.88 4.43 27.56
N ARG B 226 -2.93 4.18 26.67
CA ARG B 226 -1.78 5.06 26.48
C ARG B 226 -2.24 6.45 26.03
N ARG B 227 -1.71 7.48 26.65
CA ARG B 227 -2.07 8.84 26.28
C ARG B 227 -0.81 9.67 26.03
N GLN B 228 -0.88 10.51 24.99
CA GLN B 228 0.18 11.42 24.61
C GLN B 228 -0.49 12.69 24.10
N PHE B 229 0.06 13.85 24.45
CA PHE B 229 -0.56 15.15 24.15
C PHE B 229 -1.96 15.24 24.76
N ASP B 230 -2.14 14.62 25.92
CA ASP B 230 -3.41 14.59 26.63
C ASP B 230 -4.55 14.12 25.71
N THR B 231 -4.28 13.06 24.98
CA THR B 231 -5.31 12.37 24.21
C THR B 231 -4.98 10.89 24.19
N ARG B 232 -6.01 10.04 24.23
CA ARG B 232 -5.81 8.63 23.99
C ARG B 232 -5.21 8.43 22.59
N LEU B 233 -4.22 7.54 22.50
CA LEU B 233 -3.67 7.17 21.20
C LEU B 233 -4.77 6.86 20.19
N ARG B 234 -5.83 6.18 20.65
CA ARG B 234 -6.89 5.77 19.73
C ARG B 234 -7.70 6.93 19.17
N ASP B 235 -7.58 8.13 19.73
CA ASP B 235 -8.22 9.32 19.20
C ASP B 235 -7.32 10.09 18.25
N LEU B 236 -6.13 9.58 18.00
CA LEU B 236 -5.25 10.15 16.99
C LEU B 236 -5.54 9.45 15.68
N PRO B 237 -5.91 10.18 14.62
CA PRO B 237 -6.28 9.51 13.36
C PRO B 237 -5.18 8.64 12.78
N ALA B 238 -3.92 9.04 12.95
CA ALA B 238 -2.82 8.23 12.45
C ALA B 238 -2.67 6.92 13.21
N VAL B 239 -3.36 6.75 14.32
CA VAL B 239 -3.42 5.46 15.02
C VAL B 239 -4.74 4.76 14.77
N ALA B 240 -5.87 5.47 14.94
CA ALA B 240 -7.17 4.82 14.77
C ALA B 240 -7.37 4.32 13.34
N PHE B 241 -6.97 5.11 12.35
CA PHE B 241 -7.22 4.70 10.96
C PHE B 241 -6.53 3.39 10.63
N PRO B 242 -5.22 3.20 10.88
CA PRO B 242 -4.61 1.88 10.61
C PRO B 242 -5.20 0.76 11.43
N LEU B 243 -5.63 0.99 12.68
CA LEU B 243 -6.30 -0.07 13.43
C LEU B 243 -7.66 -0.41 12.81
N ALA B 244 -8.40 0.61 12.35
CA ALA B 244 -9.64 0.37 11.65
C ALA B 244 -9.41 -0.40 10.34
N ARG B 245 -8.39 -0.01 9.58
CA ARG B 245 -8.10 -0.75 8.34
C ARG B 245 -7.76 -2.19 8.65
N ALA B 246 -6.98 -2.42 9.71
CA ALA B 246 -6.69 -3.79 10.15
C ALA B 246 -7.97 -4.53 10.49
N MET B 247 -8.96 -3.84 11.03
CA MET B 247 -10.22 -4.51 11.33
C MET B 247 -10.89 -5.01 10.05
N VAL B 248 -10.92 -4.17 9.00
CA VAL B 248 -11.53 -4.59 7.73
C VAL B 248 -10.88 -5.86 7.21
N ALA B 249 -9.55 -5.90 7.22
CA ALA B 249 -8.83 -7.07 6.70
C ALA B 249 -9.11 -8.30 7.55
N LEU B 250 -9.20 -8.13 8.87
CA LEU B 250 -9.54 -9.26 9.73
C LEU B 250 -10.92 -9.81 9.40
N ARG B 251 -11.88 -8.92 9.14
CA ARG B 251 -13.23 -9.38 8.86
C ARG B 251 -13.31 -9.96 7.45
N ALA B 252 -12.56 -9.38 6.51
CA ALA B 252 -12.50 -9.96 5.17
C ALA B 252 -11.87 -11.33 5.22
N THR B 253 -10.87 -11.52 6.09
CA THR B 253 -10.21 -12.82 6.22
C THR B 253 -11.14 -13.85 6.86
N ARG B 254 -11.83 -13.46 7.94
CA ARG B 254 -12.83 -14.33 8.51
C ARG B 254 -13.80 -14.82 7.44
N ALA B 255 -14.22 -13.92 6.55
CA ALA B 255 -15.21 -14.26 5.55
C ALA B 255 -14.71 -15.37 4.61
N VAL B 256 -13.49 -15.27 4.09
CA VAL B 256 -13.06 -16.29 3.14
C VAL B 256 -12.61 -17.57 3.86
N VAL B 257 -12.09 -17.47 5.10
CA VAL B 257 -11.66 -18.67 5.82
C VAL B 257 -12.86 -19.57 6.13
N TYR B 258 -13.95 -18.99 6.65
CA TYR B 258 -15.11 -19.79 7.03
C TYR B 258 -15.92 -20.21 5.81
N ARG B 259 -16.00 -19.35 4.80
CA ARG B 259 -16.59 -19.79 3.54
C ARG B 259 -15.86 -20.99 2.98
N GLY B 260 -14.52 -20.98 3.04
CA GLY B 260 -13.76 -22.12 2.56
C GLY B 260 -14.07 -23.39 3.32
N ALA B 261 -14.16 -23.30 4.65
CA ALA B 261 -14.45 -24.51 5.43
C ALA B 261 -15.88 -24.99 5.16
N SER B 262 -16.81 -24.06 4.96
CA SER B 262 -18.20 -24.44 4.70
C SER B 262 -18.35 -25.12 3.34
N LEU B 263 -17.63 -24.65 2.33
CA LEU B 263 -17.68 -25.33 1.04
C LEU B 263 -17.13 -26.74 1.12
N VAL B 264 -16.06 -26.94 1.89
CA VAL B 264 -15.49 -28.28 2.04
C VAL B 264 -16.48 -29.20 2.74
N ASP B 265 -17.08 -28.73 3.84
CA ASP B 265 -18.05 -29.54 4.56
C ASP B 265 -19.30 -29.81 3.74
N SER B 266 -19.68 -28.88 2.86
CA SER B 266 -20.85 -29.14 2.02
C SER B 266 -20.59 -30.24 1.01
N GLN B 267 -19.35 -30.37 0.56
CA GLN B 267 -19.00 -31.41 -0.41
C GLN B 267 -18.88 -32.78 0.21
N ASP B 268 -18.41 -32.86 1.46
CA ASP B 268 -18.37 -34.13 2.19
C ASP B 268 -19.78 -34.67 2.46
N ALA B 269 -20.72 -33.77 2.76
CA ALA B 269 -22.07 -34.16 3.17
C ALA B 269 -22.97 -34.51 1.98
N ALA B 283 -18.52 -23.70 -9.71
CA ALA B 283 -18.00 -22.34 -9.93
C ALA B 283 -16.66 -22.13 -9.21
N GLY B 284 -16.62 -21.16 -8.30
CA GLY B 284 -15.38 -20.82 -7.61
C GLY B 284 -15.02 -21.68 -6.40
N THR B 285 -15.36 -22.98 -6.44
CA THR B 285 -15.05 -23.87 -5.32
C THR B 285 -13.57 -24.23 -5.27
N GLY B 286 -12.93 -24.33 -6.45
CA GLY B 286 -11.58 -24.88 -6.51
C GLY B 286 -10.51 -24.04 -5.84
N THR B 287 -10.66 -22.72 -5.87
CA THR B 287 -9.63 -21.83 -5.35
C THR B 287 -9.93 -21.32 -3.96
N ALA B 288 -11.05 -21.71 -3.37
CA ALA B 288 -11.40 -21.26 -2.02
C ALA B 288 -10.28 -21.49 -1.00
N PRO B 289 -9.62 -22.66 -0.95
CA PRO B 289 -8.51 -22.80 0.01
C PRO B 289 -7.35 -21.85 -0.26
N LEU B 290 -6.96 -21.67 -1.54
CA LEU B 290 -5.91 -20.71 -1.87
C LEU B 290 -6.33 -19.30 -1.45
N VAL B 291 -7.55 -18.93 -1.78
CA VAL B 291 -8.07 -17.61 -1.45
C VAL B 291 -7.95 -17.38 0.04
N ALA B 292 -8.45 -18.33 0.84
CA ALA B 292 -8.44 -18.17 2.28
C ALA B 292 -7.03 -17.99 2.83
N LEU B 293 -6.08 -18.81 2.37
CA LEU B 293 -4.72 -18.78 2.87
C LEU B 293 -3.98 -17.52 2.44
N ALA B 294 -4.13 -17.13 1.17
CA ALA B 294 -3.39 -15.98 0.68
C ALA B 294 -3.89 -14.69 1.32
N THR B 295 -5.22 -14.53 1.52
CA THR B 295 -5.61 -13.29 2.15
C THR B 295 -5.29 -13.29 3.65
N ALA B 296 -5.29 -14.46 4.31
CA ALA B 296 -4.87 -14.53 5.71
C ALA B 296 -3.39 -14.21 5.91
N ALA B 297 -2.52 -14.75 5.04
CA ALA B 297 -1.09 -14.47 5.13
C ALA B 297 -0.78 -12.98 4.94
N GLU B 298 -1.41 -12.34 3.96
CA GLU B 298 -1.24 -10.89 3.79
C GLU B 298 -1.84 -10.13 4.95
N THR B 299 -3.04 -10.53 5.38
CA THR B 299 -3.71 -9.83 6.49
C THR B 299 -2.88 -9.89 7.75
N ALA B 300 -2.37 -11.08 8.09
CA ALA B 300 -1.52 -11.21 9.27
C ALA B 300 -0.30 -10.29 9.18
N ARG B 301 0.34 -10.20 7.99
CA ARG B 301 1.52 -9.35 7.86
C ARG B 301 1.17 -7.88 7.98
N ASP B 302 0.08 -7.44 7.34
CA ASP B 302 -0.28 -6.03 7.38
C ASP B 302 -0.85 -5.62 8.73
N VAL B 303 -1.66 -6.48 9.36
CA VAL B 303 -2.16 -6.14 10.69
C VAL B 303 -1.01 -5.99 11.68
N VAL B 304 -0.04 -6.89 11.61
CA VAL B 304 1.01 -6.88 12.63
C VAL B 304 1.90 -5.65 12.48
N ARG B 305 2.35 -5.35 11.26
CA ARG B 305 3.06 -4.09 11.01
C ARG B 305 2.34 -2.91 11.65
N SER B 306 1.06 -2.74 11.34
CA SER B 306 0.28 -1.62 11.86
C SER B 306 0.20 -1.65 13.37
N CYS B 307 -0.02 -2.82 13.96
CA CYS B 307 -0.11 -2.90 15.42
C CYS B 307 1.21 -2.51 16.08
N MET B 308 2.35 -2.93 15.51
CA MET B 308 3.65 -2.55 16.07
C MET B 308 3.81 -1.05 16.05
N GLN B 309 3.49 -0.42 14.90
CA GLN B 309 3.66 1.03 14.76
C GLN B 309 2.72 1.79 15.70
N ALA B 310 1.48 1.33 15.83
CA ALA B 310 0.51 2.02 16.67
C ALA B 310 0.88 1.97 18.14
N CYS B 311 1.59 0.91 18.57
CA CYS B 311 1.96 0.74 19.98
C CYS B 311 3.36 1.22 20.29
N GLY B 312 4.10 1.70 19.29
CA GLY B 312 5.41 2.28 19.56
C GLY B 312 6.41 1.24 20.04
N VAL B 313 7.45 1.75 20.71
CA VAL B 313 8.60 0.93 21.09
C VAL B 313 8.21 -0.17 22.06
N ARG B 314 7.14 0.04 22.86
CA ARG B 314 6.65 -1.01 23.74
C ARG B 314 6.31 -2.30 22.99
N ALA B 315 5.86 -2.21 21.74
CA ALA B 315 5.58 -3.38 20.94
C ALA B 315 6.78 -4.29 20.78
N MET B 316 7.99 -3.77 20.89
CA MET B 316 9.19 -4.58 20.74
C MET B 316 9.66 -5.20 22.07
N THR B 317 8.94 -4.98 23.17
CA THR B 317 9.36 -5.41 24.50
C THR B 317 8.26 -6.24 25.15
N ASP B 318 8.61 -6.87 26.27
CA ASP B 318 7.63 -7.70 26.97
C ASP B 318 6.64 -6.88 27.79
N GLU B 319 6.72 -5.55 27.71
CA GLU B 319 5.69 -4.73 28.29
C GLU B 319 4.33 -4.93 27.61
N LEU B 320 4.27 -5.56 26.44
CA LEU B 320 3.00 -5.64 25.73
C LEU B 320 2.50 -7.05 25.41
N GLY B 321 3.34 -7.96 24.94
CA GLY B 321 2.82 -9.23 24.44
C GLY B 321 2.71 -9.32 22.92
N LEU B 322 2.84 -8.19 22.22
CA LEU B 322 2.83 -8.20 20.75
C LEU B 322 4.01 -8.95 20.16
N HIS B 323 5.16 -8.97 20.87
CA HIS B 323 6.37 -9.61 20.33
C HIS B 323 6.17 -11.09 20.00
N ARG B 324 5.21 -11.77 20.65
CA ARG B 324 4.93 -13.17 20.32
C ARG B 324 4.25 -13.30 18.97
N TYR B 325 3.20 -12.51 18.74
CA TYR B 325 2.54 -12.53 17.44
C TYR B 325 3.44 -11.99 16.36
N PHE B 326 4.34 -11.08 16.71
CA PHE B 326 5.28 -10.56 15.74
C PHE B 326 6.22 -11.65 15.25
N ARG B 327 6.74 -12.45 16.19
CA ARG B 327 7.60 -13.57 15.81
C ARG B 327 6.82 -14.68 15.11
N LEU B 328 5.54 -14.86 15.46
CA LEU B 328 4.76 -15.89 14.79
C LEU B 328 4.51 -15.54 13.32
N VAL B 329 4.09 -14.31 13.04
CA VAL B 329 3.82 -13.93 11.66
C VAL B 329 5.07 -14.09 10.81
N ALA B 330 6.23 -13.77 11.37
CA ALA B 330 7.49 -13.99 10.66
C ALA B 330 7.58 -15.41 10.11
N ALA B 331 7.20 -16.40 10.91
CA ALA B 331 7.38 -17.80 10.52
C ALA B 331 6.17 -18.40 9.84
N GLU B 332 4.98 -17.90 10.15
CA GLU B 332 3.73 -18.53 9.71
C GLU B 332 3.18 -17.94 8.43
N ALA B 333 3.45 -16.65 8.14
CA ALA B 333 2.79 -16.06 6.98
C ALA B 333 3.19 -16.76 5.68
N GLY B 334 4.44 -17.21 5.59
CA GLY B 334 4.92 -17.96 4.44
C GLY B 334 5.05 -19.46 4.59
N ARG B 335 4.61 -20.05 5.70
CA ARG B 335 4.84 -21.48 5.95
C ARG B 335 4.25 -22.36 4.86
N TYR B 336 3.06 -22.02 4.36
CA TYR B 336 2.40 -22.81 3.33
C TYR B 336 2.44 -22.14 1.96
N GLY B 337 3.42 -21.25 1.74
CA GLY B 337 3.66 -20.63 0.46
C GLY B 337 3.62 -19.11 0.53
N GLU B 338 4.38 -18.43 -0.33
CA GLU B 338 4.31 -16.98 -0.34
C GLU B 338 2.96 -16.53 -0.90
N PRO B 339 2.32 -15.54 -0.29
CA PRO B 339 1.03 -15.05 -0.82
C PRO B 339 1.07 -14.67 -2.29
N ALA B 340 2.13 -13.99 -2.75
CA ALA B 340 2.22 -13.64 -4.16
C ALA B 340 2.09 -14.88 -5.03
N ALA B 341 2.73 -15.98 -4.61
CA ALA B 341 2.68 -17.21 -5.40
C ALA B 341 1.33 -17.92 -5.28
N LEU B 342 0.74 -17.94 -4.10
CA LEU B 342 -0.59 -18.54 -3.98
C LEU B 342 -1.59 -17.80 -4.87
N TRP B 343 -1.49 -16.46 -4.92
CA TRP B 343 -2.40 -15.68 -5.74
C TRP B 343 -2.24 -16.00 -7.22
N ARG B 344 -1.01 -16.17 -7.68
CA ARG B 344 -0.80 -16.47 -9.10
C ARG B 344 -1.42 -17.81 -9.46
N LEU B 345 -1.33 -18.80 -8.57
CA LEU B 345 -2.05 -20.04 -8.78
C LEU B 345 -3.55 -19.79 -8.86
N ALA B 346 -4.08 -19.03 -7.91
CA ALA B 346 -5.51 -18.70 -7.95
C ALA B 346 -5.88 -17.92 -9.20
N GLY B 347 -5.03 -16.98 -9.62
CA GLY B 347 -5.33 -16.21 -10.81
C GLY B 347 -5.28 -17.04 -12.09
N ALA B 348 -4.34 -17.98 -12.17
CA ALA B 348 -4.27 -18.86 -13.32
C ALA B 348 -5.55 -19.69 -13.44
N ALA B 349 -6.04 -20.23 -12.32
CA ALA B 349 -7.27 -21.03 -12.38
C ALA B 349 -8.43 -20.16 -12.86
N ARG B 350 -8.52 -18.92 -12.38
CA ARG B 350 -9.64 -18.06 -12.73
C ARG B 350 -9.58 -17.64 -14.20
N LEU B 351 -8.37 -17.44 -14.73
CA LEU B 351 -8.23 -17.07 -16.12
C LEU B 351 -8.56 -18.25 -17.03
N ASP B 352 -8.22 -19.46 -16.59
CA ASP B 352 -8.66 -20.67 -17.27
C ASP B 352 -10.17 -20.69 -17.50
N ARG B 353 -10.94 -20.40 -16.45
CA ARG B 353 -12.39 -20.43 -16.59
C ARG B 353 -12.88 -19.41 -17.61
N ALA B 354 -12.28 -18.22 -17.63
CA ALA B 354 -12.62 -17.19 -18.60
C ALA B 354 -12.19 -17.54 -20.02
N ARG B 355 -11.50 -18.65 -20.23
CA ARG B 355 -11.10 -19.03 -21.58
C ARG B 355 -12.03 -20.05 -22.22
N ARG B 356 -12.79 -20.80 -21.42
CA ARG B 356 -13.67 -21.86 -21.91
C ARG B 356 -15.16 -21.62 -21.65
N MET C 1 24.77 20.08 -10.05
CA MET C 1 24.35 18.77 -9.56
C MET C 1 25.29 17.67 -10.07
N ARG C 2 25.95 17.02 -9.11
CA ARG C 2 26.92 15.95 -9.39
C ARG C 2 26.45 14.73 -8.61
N TYR C 3 25.84 13.76 -9.30
CA TYR C 3 25.34 12.52 -8.69
C TYR C 3 26.48 11.51 -8.68
N GLY C 4 27.37 11.63 -7.70
CA GLY C 4 28.62 10.91 -7.71
C GLY C 4 29.68 11.68 -6.95
N PHE C 5 30.83 11.04 -6.80
CA PHE C 5 31.88 11.54 -5.92
C PHE C 5 33.10 11.92 -6.74
N THR C 6 33.79 12.99 -6.29
CA THR C 6 35.02 13.43 -6.91
C THR C 6 36.12 12.37 -6.77
N GLU C 7 37.19 12.53 -7.56
CA GLU C 7 38.34 11.64 -7.43
C GLU C 7 39.01 11.78 -6.07
N GLU C 8 39.04 12.99 -5.51
CA GLU C 8 39.60 13.19 -4.17
C GLU C 8 38.74 12.47 -3.12
N GLN C 9 37.43 12.48 -3.28
CA GLN C 9 36.57 11.75 -2.35
C GLN C 9 36.76 10.25 -2.47
N GLN C 10 36.88 9.73 -3.70
CA GLN C 10 37.01 8.28 -3.78
C GLN C 10 38.41 7.81 -3.41
N ARG C 11 39.43 8.66 -3.51
CA ARG C 11 40.73 8.29 -2.94
C ARG C 11 40.63 8.21 -1.43
N PHE C 12 39.98 9.19 -0.81
CA PHE C 12 39.70 9.10 0.63
C PHE C 12 38.92 7.84 0.95
N ARG C 13 37.85 7.58 0.18
CA ARG C 13 36.97 6.47 0.52
C ARG C 13 37.72 5.14 0.48
N ALA C 14 38.63 4.99 -0.49
CA ALA C 14 39.34 3.72 -0.62
C ALA C 14 40.41 3.55 0.44
N ASP C 15 41.02 4.65 0.91
CA ASP C 15 41.91 4.55 2.04
C ASP C 15 41.16 4.12 3.31
N VAL C 16 39.99 4.73 3.55
CA VAL C 16 39.17 4.34 4.70
C VAL C 16 38.73 2.89 4.57
N ARG C 17 38.44 2.45 3.35
CA ARG C 17 38.04 1.06 3.14
C ARG C 17 39.17 0.11 3.49
N GLN C 18 40.40 0.47 3.12
CA GLN C 18 41.57 -0.36 3.43
C GLN C 18 41.81 -0.41 4.93
N ALA C 19 41.74 0.75 5.61
CA ALA C 19 41.92 0.83 7.05
C ALA C 19 40.92 -0.04 7.79
N LEU C 20 39.72 -0.18 7.25
CA LEU C 20 38.68 -0.99 7.87
C LEU C 20 38.80 -2.49 7.51
N ARG C 21 39.77 -2.88 6.70
CA ARG C 21 39.86 -4.26 6.22
C ARG C 21 41.19 -4.93 6.60
N SER C 22 41.96 -4.31 7.48
CA SER C 22 43.08 -4.97 8.12
C SER C 22 42.60 -6.15 8.97
N ALA C 23 43.50 -7.11 9.19
CA ALA C 23 43.12 -8.33 9.92
C ALA C 23 42.68 -8.03 11.35
N GLU C 24 43.22 -6.99 11.97
CA GLU C 24 42.82 -6.62 13.32
C GLU C 24 41.38 -6.13 13.35
N VAL C 25 41.02 -5.21 12.44
CA VAL C 25 39.65 -4.67 12.44
C VAL C 25 38.64 -5.75 12.07
N ARG C 26 38.96 -6.60 11.08
CA ARG C 26 38.03 -7.64 10.70
C ARG C 26 37.74 -8.57 11.86
N ALA C 27 38.78 -8.90 12.64
CA ALA C 27 38.60 -9.77 13.80
C ALA C 27 37.74 -9.08 14.85
N ALA C 28 38.02 -7.80 15.13
CA ALA C 28 37.23 -7.07 16.10
C ALA C 28 35.77 -6.94 15.64
N VAL C 29 35.56 -6.69 14.35
CA VAL C 29 34.20 -6.54 13.85
C VAL C 29 33.42 -7.82 14.07
N ALA C 30 34.03 -8.96 13.75
CA ALA C 30 33.35 -10.26 13.87
C ALA C 30 33.00 -10.56 15.32
N ASP C 31 33.90 -10.26 16.25
CA ASP C 31 33.56 -10.46 17.65
C ASP C 31 32.50 -9.48 18.14
N ALA C 32 32.25 -8.40 17.42
CA ALA C 32 31.36 -7.35 17.91
C ALA C 32 29.99 -7.30 17.25
N THR C 33 29.71 -8.11 16.24
CA THR C 33 28.46 -7.97 15.51
C THR C 33 27.31 -8.61 16.30
N PRO C 34 26.26 -7.86 16.62
CA PRO C 34 25.10 -8.47 17.28
C PRO C 34 24.39 -9.44 16.34
N ALA C 35 23.92 -10.55 16.90
CA ALA C 35 23.17 -11.57 16.17
C ALA C 35 22.49 -12.46 17.20
N ASP C 36 21.46 -13.19 16.74
CA ASP C 36 20.75 -14.20 17.55
C ASP C 36 20.32 -13.69 18.92
N GLY C 37 19.84 -12.45 18.96
CA GLY C 37 19.49 -11.88 20.25
C GLY C 37 20.64 -11.48 21.16
N VAL C 38 21.90 -11.55 20.68
CA VAL C 38 23.10 -11.25 21.49
C VAL C 38 23.66 -9.89 21.10
N GLU C 39 24.16 -9.17 22.10
CA GLU C 39 24.63 -7.81 21.93
C GLU C 39 26.01 -7.76 22.58
N PRO C 40 27.07 -8.09 21.83
CA PRO C 40 28.41 -8.11 22.42
C PRO C 40 28.97 -6.72 22.69
N ASP C 41 30.03 -6.73 23.48
CA ASP C 41 30.83 -5.54 23.77
C ASP C 41 31.61 -5.12 22.55
N MET C 42 31.51 -3.85 22.17
CA MET C 42 32.26 -3.39 21.02
C MET C 42 33.23 -2.28 21.38
N ARG C 43 33.60 -2.16 22.66
CA ARG C 43 34.51 -1.09 23.05
C ARG C 43 35.90 -1.30 22.48
N THR C 44 36.33 -2.56 22.32
CA THR C 44 37.65 -2.82 21.75
C THR C 44 37.69 -2.49 20.27
N LEU C 45 36.61 -2.79 19.53
CA LEU C 45 36.50 -2.34 18.14
C LEU C 45 36.53 -0.81 18.04
N TYR C 46 35.76 -0.13 18.87
CA TYR C 46 35.67 1.31 18.74
C TYR C 46 36.98 1.99 19.12
N ARG C 47 37.77 1.36 19.99
CA ARG C 47 39.10 1.91 20.28
C ARG C 47 40.01 1.76 19.08
N LEU C 48 39.91 0.65 18.36
CA LEU C 48 40.67 0.50 17.12
C LEU C 48 40.30 1.58 16.12
N LEU C 49 39.00 1.89 16.00
CA LEU C 49 38.55 2.92 15.06
C LEU C 49 38.97 4.31 15.51
N GLY C 50 38.95 4.56 16.82
CA GLY C 50 39.49 5.82 17.32
C GLY C 50 40.98 5.93 17.04
N LYS C 51 41.73 4.85 17.29
CA LYS C 51 43.17 4.85 17.04
C LYS C 51 43.49 5.16 15.59
N LEU C 52 42.65 4.69 14.66
CA LEU C 52 42.83 5.00 13.24
C LEU C 52 42.28 6.35 12.84
N GLY C 53 41.73 7.13 13.77
CA GLY C 53 41.20 8.46 13.48
C GLY C 53 39.97 8.51 12.59
N LEU C 54 39.05 7.54 12.72
CA LEU C 54 37.89 7.48 11.84
C LEU C 54 36.57 7.80 12.52
N LEU C 55 36.56 8.17 13.79
CA LEU C 55 35.28 8.34 14.45
C LEU C 55 34.70 9.74 14.24
N ALA C 56 35.53 10.78 14.19
CA ALA C 56 35.01 12.14 14.11
C ALA C 56 35.85 13.00 13.18
N VAL C 57 36.15 12.48 11.99
CA VAL C 57 37.08 13.18 11.08
C VAL C 57 36.66 14.62 10.85
N HIS C 58 35.37 14.93 10.95
CA HIS C 58 34.93 16.30 10.69
C HIS C 58 35.07 17.21 11.90
N TRP C 59 35.49 16.69 13.05
CA TRP C 59 35.59 17.56 14.20
C TRP C 59 36.87 18.39 14.11
N PRO C 60 36.91 19.50 14.84
CA PRO C 60 38.17 20.26 14.96
C PRO C 60 39.28 19.41 15.54
N ALA C 61 40.52 19.71 15.12
CA ALA C 61 41.68 18.96 15.59
C ALA C 61 41.84 19.08 17.11
N GLU C 62 41.55 20.26 17.66
CA GLU C 62 41.74 20.43 19.10
C GLU C 62 40.86 19.49 19.90
N PHE C 63 39.82 18.92 19.27
CA PHE C 63 38.90 18.00 19.93
C PHE C 63 39.07 16.56 19.45
N GLY C 64 40.11 16.26 18.69
CA GLY C 64 40.33 14.92 18.20
C GLY C 64 39.84 14.65 16.80
N GLY C 65 39.37 15.67 16.07
CA GLY C 65 39.00 15.51 14.69
C GLY C 65 40.16 15.79 13.76
N ALA C 66 39.85 15.77 12.47
CA ALA C 66 40.80 16.07 11.41
C ALA C 66 40.45 17.33 10.65
N ASP C 67 39.39 18.03 11.05
CA ASP C 67 38.89 19.23 10.37
C ASP C 67 38.55 18.95 8.92
N ARG C 68 38.05 17.75 8.65
CA ARG C 68 37.52 17.48 7.33
C ARG C 68 36.07 17.97 7.23
N PRO C 69 35.57 18.20 6.02
CA PRO C 69 34.16 18.56 5.87
C PRO C 69 33.24 17.44 6.33
N LEU C 70 32.05 17.85 6.76
CA LEU C 70 30.96 16.95 7.08
C LEU C 70 30.76 15.85 6.03
N THR C 71 30.95 16.20 4.75
CA THR C 71 30.77 15.19 3.71
C THR C 71 31.86 14.13 3.74
N ASP C 72 33.04 14.46 4.26
CA ASP C 72 34.03 13.41 4.47
C ASP C 72 33.60 12.47 5.59
N ALA C 73 32.88 12.99 6.59
CA ALA C 73 32.38 12.11 7.65
C ALA C 73 31.22 11.23 7.18
N ALA C 74 30.40 11.69 6.23
CA ALA C 74 29.38 10.80 5.67
C ALA C 74 30.03 9.67 4.86
N ILE C 75 31.09 9.99 4.13
CA ILE C 75 31.85 8.93 3.44
C ILE C 75 32.31 7.91 4.46
N VAL C 76 32.85 8.38 5.60
CA VAL C 76 33.32 7.46 6.63
C VAL C 76 32.15 6.64 7.19
N ALA C 77 31.06 7.32 7.53
CA ALA C 77 29.88 6.62 8.04
C ALA C 77 29.43 5.52 7.07
N GLU C 78 29.38 5.82 5.77
CA GLU C 78 28.94 4.81 4.79
C GLU C 78 29.88 3.63 4.81
N GLU C 79 31.19 3.90 4.83
CA GLU C 79 32.18 2.83 4.79
C GLU C 79 32.26 2.09 6.12
N LEU C 80 31.91 2.75 7.23
CA LEU C 80 31.86 2.03 8.50
C LEU C 80 30.85 0.90 8.42
N VAL C 81 29.60 1.24 8.07
CA VAL C 81 28.54 0.23 7.98
C VAL C 81 28.85 -0.81 6.90
N ARG C 82 29.41 -0.38 5.76
CA ARG C 82 29.75 -1.35 4.74
C ARG C 82 30.89 -2.27 5.14
N ALA C 83 31.66 -1.95 6.19
CA ALA C 83 32.72 -2.84 6.64
C ALA C 83 32.25 -3.81 7.75
N GLY C 84 30.97 -3.79 8.11
CA GLY C 84 30.45 -4.63 9.17
C GLY C 84 30.42 -4.00 10.56
N VAL C 85 30.85 -2.74 10.70
CA VAL C 85 30.89 -2.11 12.02
C VAL C 85 29.47 -1.87 12.50
N PRO C 86 29.10 -2.34 13.70
CA PRO C 86 27.82 -1.93 14.28
C PRO C 86 27.90 -0.46 14.65
N ASP C 87 26.93 0.32 14.19
CA ASP C 87 27.05 1.76 14.20
C ASP C 87 26.16 2.47 15.20
N THR C 88 25.40 1.77 16.05
CA THR C 88 24.55 2.48 17.01
C THR C 88 25.38 3.36 17.95
N LEU C 89 26.52 2.84 18.43
CA LEU C 89 27.38 3.62 19.32
C LEU C 89 27.91 4.87 18.63
N HIS C 90 28.33 4.75 17.39
CA HIS C 90 28.81 5.90 16.64
C HIS C 90 27.71 6.95 16.48
N VAL C 91 26.49 6.52 16.09
CA VAL C 91 25.39 7.46 15.93
C VAL C 91 25.12 8.19 17.25
N ASN C 92 25.01 7.45 18.35
CA ASN C 92 24.65 8.06 19.63
C ASN C 92 25.81 8.90 20.19
N THR C 93 27.04 8.39 20.13
CA THR C 93 28.16 9.10 20.75
C THR C 93 28.62 10.28 19.91
N ILE C 94 28.94 10.05 18.64
CA ILE C 94 29.52 11.09 17.80
C ILE C 94 28.45 11.95 17.12
N GLN C 95 27.43 11.32 16.53
CA GLN C 95 26.50 12.05 15.68
C GLN C 95 25.37 12.75 16.45
N ILE C 96 25.11 12.35 17.69
CA ILE C 96 24.08 13.01 18.48
C ILE C 96 24.70 13.73 19.68
N VAL C 97 25.31 12.97 20.59
CA VAL C 97 25.80 13.61 21.81
C VAL C 97 26.97 14.53 21.49
N GLY C 98 27.95 14.04 20.73
CA GLY C 98 29.09 14.87 20.38
C GLY C 98 28.68 16.09 19.60
N GLN C 99 27.75 15.91 18.64
CA GLN C 99 27.32 17.04 17.82
C GLN C 99 26.66 18.10 18.68
N PHE C 100 25.85 17.68 19.66
CA PHE C 100 25.22 18.62 20.57
C PHE C 100 26.27 19.44 21.31
N LEU C 101 27.29 18.78 21.83
CA LEU C 101 28.30 19.50 22.58
C LEU C 101 29.00 20.54 21.72
N LEU C 102 29.33 20.18 20.47
CA LEU C 102 29.88 21.16 19.55
C LEU C 102 28.94 22.32 19.28
N MET C 103 27.63 22.06 19.28
CA MET C 103 26.63 23.06 18.91
C MET C 103 26.23 23.97 20.07
N ALA C 104 26.22 23.47 21.30
CA ALA C 104 25.69 24.20 22.44
C ALA C 104 26.64 24.30 23.63
N GLY C 105 27.74 23.56 23.63
CA GLY C 105 28.60 23.55 24.79
C GLY C 105 29.58 24.71 24.82
N SER C 106 29.97 25.08 26.03
CA SER C 106 31.07 26.01 26.25
C SER C 106 32.40 25.40 25.82
N ALA C 107 33.39 26.26 25.55
CA ALA C 107 34.70 25.79 25.16
C ALA C 107 35.34 24.87 26.20
N GLU C 108 34.96 24.99 27.47
CA GLU C 108 35.46 24.06 28.49
C GLU C 108 34.82 22.68 28.35
N GLN C 109 33.49 22.63 28.31
CA GLN C 109 32.80 21.35 28.21
C GLN C 109 33.28 20.57 27.00
N LYS C 110 33.49 21.27 25.87
CA LYS C 110 34.02 20.61 24.67
C LYS C 110 35.43 20.07 24.90
N ARG C 111 36.23 20.85 25.60
CA ARG C 111 37.60 20.40 25.96
C ARG C 111 37.45 19.26 26.97
N ARG C 112 36.80 19.49 28.11
CA ARG C 112 36.71 18.42 29.15
C ARG C 112 36.07 17.13 28.61
N HIS C 113 35.08 17.22 27.73
CA HIS C 113 34.35 15.98 27.34
C HIS C 113 34.57 15.44 25.93
N LEU C 114 34.90 16.27 24.95
CA LEU C 114 34.89 15.74 23.54
C LEU C 114 36.03 14.83 23.08
N PRO C 115 37.30 15.05 23.48
CA PRO C 115 38.41 14.26 22.94
C PRO C 115 38.31 12.75 23.19
N ALA C 116 37.86 12.34 24.36
CA ALA C 116 37.72 10.90 24.66
C ALA C 116 36.69 10.25 23.72
N LEU C 117 35.62 10.97 23.41
CA LEU C 117 34.60 10.48 22.45
C LEU C 117 35.27 10.31 21.09
N ALA C 118 36.08 11.28 20.67
CA ALA C 118 36.69 11.18 19.33
C ALA C 118 37.77 10.07 19.24
N GLN C 119 38.32 9.66 20.37
CA GLN C 119 39.34 8.63 20.44
C GLN C 119 38.77 7.24 20.65
N GLY C 120 37.46 7.13 20.86
CA GLY C 120 36.86 5.83 21.11
C GLY C 120 37.14 5.26 22.47
N GLU C 121 37.44 6.11 23.46
CA GLU C 121 37.61 5.61 24.81
C GLU C 121 36.40 5.83 25.69
N ARG C 122 35.57 6.85 25.41
CA ARG C 122 34.31 7.01 26.12
C ARG C 122 33.15 7.14 25.14
N PHE C 123 31.95 6.91 25.66
CA PHE C 123 30.74 6.81 24.87
C PHE C 123 29.60 7.47 25.62
N ALA C 124 28.52 7.76 24.89
CA ALA C 124 27.38 8.45 25.48
C ALA C 124 26.09 7.92 24.90
N SER C 125 25.07 7.81 25.76
CA SER C 125 23.70 7.52 25.37
C SER C 125 22.85 8.78 25.43
N VAL C 126 21.66 8.66 24.86
CA VAL C 126 20.70 9.75 24.79
C VAL C 126 19.51 9.38 25.67
N LEU C 127 19.26 10.20 26.68
CA LEU C 127 18.25 9.89 27.70
C LEU C 127 17.19 10.98 27.69
N TYR C 128 16.24 10.85 26.76
CA TYR C 128 15.11 11.77 26.64
C TYR C 128 13.81 11.10 27.05
N THR C 129 13.49 9.98 26.41
CA THR C 129 12.19 9.35 26.58
C THR C 129 11.97 8.93 28.03
N GLU C 130 10.74 9.10 28.49
CA GLU C 130 10.30 8.76 29.83
C GLU C 130 9.05 7.90 29.69
N PRO C 131 8.66 7.20 30.75
CA PRO C 131 7.52 6.27 30.59
C PRO C 131 6.26 6.93 30.06
N ASP C 132 5.99 8.17 30.49
CA ASP C 132 4.81 8.93 30.05
C ASP C 132 5.09 9.89 28.88
N ALA C 133 6.33 9.95 28.37
CA ALA C 133 6.70 10.92 27.33
C ALA C 133 7.47 10.22 26.22
N GLY C 134 6.75 9.78 25.18
CA GLY C 134 7.35 9.20 24.00
C GLY C 134 7.36 10.23 22.88
N SER C 135 6.39 10.14 21.97
CA SER C 135 6.20 11.18 20.96
C SER C 135 6.04 12.56 21.61
N ASP C 136 5.30 12.60 22.71
CA ASP C 136 5.07 13.84 23.46
C ASP C 136 6.21 14.01 24.45
N LEU C 137 7.37 14.45 23.93
CA LEU C 137 8.55 14.58 24.77
C LEU C 137 8.39 15.70 25.80
N GLY C 138 7.55 16.70 25.51
CA GLY C 138 7.33 17.79 26.43
C GLY C 138 6.60 17.41 27.71
N ALA C 139 6.13 16.16 27.80
CA ALA C 139 5.50 15.67 29.02
C ALA C 139 6.51 15.06 30.00
N LEU C 140 7.81 15.26 29.77
CA LEU C 140 8.80 14.66 30.67
C LEU C 140 8.67 15.24 32.07
N ARG C 141 9.01 14.41 33.06
CA ARG C 141 8.84 14.77 34.46
C ARG C 141 10.15 14.80 35.24
N THR C 142 11.27 14.46 34.63
CA THR C 142 12.53 14.46 35.38
C THR C 142 12.89 15.88 35.79
N VAL C 143 13.17 16.06 37.07
CA VAL C 143 13.39 17.37 37.66
C VAL C 143 14.86 17.48 38.05
N ALA C 144 15.42 18.67 37.87
CA ALA C 144 16.79 18.97 38.25
C ALA C 144 16.72 20.04 39.34
N GLU C 145 16.62 19.60 40.59
CA GLU C 145 16.58 20.50 41.75
C GLU C 145 17.97 21.06 42.04
N PRO C 146 18.14 22.38 42.07
CA PRO C 146 19.48 22.95 42.33
C PRO C 146 20.03 22.51 43.68
N ASP C 147 21.35 22.33 43.74
CA ASP C 147 22.07 21.87 44.93
C ASP C 147 23.40 22.63 44.97
N GLY C 148 23.39 23.79 45.60
CA GLY C 148 24.55 24.66 45.53
C GLY C 148 24.75 25.17 44.11
N ASP C 149 25.98 25.02 43.61
CA ASP C 149 26.30 25.34 42.22
C ASP C 149 25.79 24.29 41.26
N GLY C 150 25.55 23.06 41.72
CA GLY C 150 25.14 21.97 40.87
C GLY C 150 23.65 21.70 40.94
N TYR C 151 23.29 20.46 40.63
CA TYR C 151 21.91 20.02 40.67
C TYR C 151 21.88 18.57 41.09
N ARG C 152 20.74 18.15 41.60
CA ARG C 152 20.46 16.73 41.75
C ARG C 152 19.36 16.37 40.76
N LEU C 153 19.36 15.12 40.30
CA LEU C 153 18.49 14.70 39.21
C LEU C 153 17.63 13.52 39.66
N THR C 154 16.31 13.69 39.55
CA THR C 154 15.39 12.59 39.83
C THR C 154 14.45 12.43 38.65
N GLY C 155 14.27 11.18 38.21
CA GLY C 155 13.42 10.88 37.07
C GLY C 155 13.69 9.47 36.57
N THR C 156 12.99 9.11 35.50
CA THR C 156 13.13 7.82 34.85
C THR C 156 13.27 7.99 33.34
N LYS C 157 14.31 7.39 32.79
CA LYS C 157 14.51 7.42 31.34
C LYS C 157 14.33 6.00 30.83
N VAL C 158 13.57 5.82 29.76
CA VAL C 158 13.37 4.45 29.21
C VAL C 158 13.52 4.44 27.69
N PHE C 159 13.86 3.27 27.17
CA PHE C 159 14.01 2.90 25.73
C PHE C 159 15.31 3.40 25.10
N SER C 160 16.31 3.75 25.87
CA SER C 160 17.59 4.14 25.24
C SER C 160 18.34 2.87 24.82
N LEU C 161 19.24 3.01 23.85
CA LEU C 161 20.06 1.86 23.41
C LEU C 161 21.51 2.08 23.86
N LYS C 162 22.22 0.96 24.06
CA LYS C 162 23.65 0.85 24.37
C LYS C 162 24.03 1.36 25.76
N THR C 163 23.04 1.64 26.62
CA THR C 163 23.31 2.48 27.79
C THR C 163 24.17 1.75 28.84
N ARG C 164 24.00 0.43 28.98
CA ARG C 164 24.80 -0.29 29.96
C ARG C 164 26.24 -0.45 29.52
N PHE C 165 26.58 -0.11 28.27
CA PHE C 165 27.96 -0.11 27.79
C PHE C 165 28.57 1.27 27.74
N VAL C 166 27.86 2.33 28.09
CA VAL C 166 28.35 3.70 27.89
C VAL C 166 28.62 4.36 29.22
N ASP C 167 29.24 5.55 29.15
CA ASP C 167 29.70 6.28 30.33
C ASP C 167 28.94 7.57 30.59
N LEU C 168 28.40 8.21 29.56
CA LEU C 168 27.71 9.48 29.71
C LEU C 168 26.27 9.36 29.20
N GLY C 169 25.40 10.19 29.76
CA GLY C 169 24.02 10.24 29.30
C GLY C 169 23.58 11.66 29.07
N LEU C 170 23.09 11.99 27.88
CA LEU C 170 22.55 13.31 27.63
C LEU C 170 21.09 13.31 28.09
N CYS C 171 20.80 14.06 29.14
CA CYS C 171 19.56 13.92 29.89
C CYS C 171 18.77 15.22 29.86
N ALA C 172 17.47 15.12 29.59
CA ALA C 172 16.58 16.27 29.61
C ALA C 172 15.88 16.31 30.96
N ALA C 173 15.96 17.46 31.64
CA ALA C 173 15.37 17.63 32.97
C ALA C 173 14.78 19.02 33.14
N ARG C 174 13.74 19.11 33.97
CA ARG C 174 13.07 20.37 34.26
C ARG C 174 13.85 21.11 35.34
N THR C 175 14.53 22.18 34.95
CA THR C 175 15.28 22.98 35.95
C THR C 175 14.29 23.87 36.72
N THR C 176 13.38 24.51 35.99
CA THR C 176 12.31 25.31 36.58
C THR C 176 10.99 24.62 36.28
N PRO C 177 10.53 23.73 37.16
CA PRO C 177 9.27 23.04 36.93
C PRO C 177 8.08 23.98 37.02
N GLY C 178 6.95 23.50 36.49
CA GLY C 178 5.71 24.25 36.58
C GLY C 178 5.68 25.56 35.82
N ALA C 179 6.70 25.85 35.02
CA ALA C 179 6.74 27.06 34.23
C ALA C 179 6.16 26.87 32.82
N GLY C 180 5.37 25.83 32.62
CA GLY C 180 4.81 25.51 31.33
C GLY C 180 5.37 24.22 30.77
N LYS C 181 4.66 23.66 29.78
CA LYS C 181 5.04 22.38 29.20
C LYS C 181 6.41 22.45 28.52
N TYR C 182 6.58 23.41 27.62
CA TYR C 182 7.80 23.55 26.84
C TYR C 182 8.75 24.60 27.41
N GLN C 183 8.66 24.86 28.71
CA GLN C 183 9.50 25.84 29.37
C GLN C 183 10.26 25.18 30.51
N GLY C 184 11.41 25.77 30.84
CA GLY C 184 12.16 25.31 31.98
C GLY C 184 12.76 23.94 31.84
N ILE C 185 13.23 23.58 30.65
CA ILE C 185 13.87 22.30 30.40
C ILE C 185 15.34 22.56 30.14
N SER C 186 16.21 21.71 30.71
CA SER C 186 17.65 21.84 30.51
C SER C 186 18.25 20.47 30.22
N LEU C 187 19.39 20.48 29.53
CA LEU C 187 20.12 19.29 29.14
C LEU C 187 21.37 19.15 30.00
N PHE C 188 21.57 17.97 30.57
CA PHE C 188 22.70 17.66 31.44
C PHE C 188 23.47 16.49 30.86
N LEU C 189 24.80 16.60 30.85
CA LEU C 189 25.66 15.45 30.55
C LEU C 189 25.94 14.72 31.86
N VAL C 190 25.26 13.62 32.08
CA VAL C 190 25.29 12.91 33.35
C VAL C 190 26.32 11.79 33.30
N ASP C 191 27.24 11.77 34.28
CA ASP C 191 28.10 10.62 34.52
C ASP C 191 27.26 9.46 35.03
N LEU C 192 27.31 8.31 34.33
CA LEU C 192 26.45 7.18 34.66
C LEU C 192 27.01 6.31 35.78
N THR C 193 28.18 6.64 36.30
CA THR C 193 28.70 6.00 37.50
C THR C 193 28.31 6.74 38.78
N ALA C 194 27.98 8.04 38.67
CA ALA C 194 27.56 8.90 39.78
C ALA C 194 26.52 8.23 40.66
N PRO C 195 26.42 8.63 41.94
CA PRO C 195 25.51 7.91 42.85
C PRO C 195 24.05 8.04 42.42
N GLY C 196 23.28 6.99 42.69
CA GLY C 196 21.85 7.00 42.44
C GLY C 196 21.42 6.62 41.05
N VAL C 197 22.36 6.39 40.12
CA VAL C 197 22.05 5.93 38.78
C VAL C 197 21.88 4.41 38.82
N THR C 198 20.80 3.92 38.19
CA THR C 198 20.55 2.48 38.05
C THR C 198 20.20 2.18 36.59
N VAL C 199 21.17 1.69 35.84
CA VAL C 199 20.92 1.20 34.49
C VAL C 199 20.43 -0.23 34.57
N SER C 200 19.47 -0.58 33.73
CA SER C 200 18.94 -1.94 33.66
C SER C 200 18.34 -2.14 32.27
N VAL C 201 18.09 -3.41 31.93
CA VAL C 201 17.71 -3.79 30.57
C VAL C 201 16.24 -4.09 30.50
N ILE C 202 15.56 -3.45 29.55
CA ILE C 202 14.22 -3.87 29.11
C ILE C 202 14.43 -4.81 27.92
N PRO C 203 14.06 -6.09 28.04
CA PRO C 203 14.26 -7.02 26.93
C PRO C 203 13.57 -6.51 25.66
N GLY C 204 14.27 -6.64 24.55
CA GLY C 204 13.72 -6.24 23.27
C GLY C 204 13.86 -7.36 22.26
N VAL C 205 12.91 -7.40 21.32
CA VAL C 205 12.87 -8.48 20.34
C VAL C 205 14.10 -8.44 19.46
N SER C 206 14.65 -7.25 19.24
CA SER C 206 15.82 -7.01 18.43
C SER C 206 17.08 -7.44 19.18
N ASP C 207 18.20 -7.44 18.45
CA ASP C 207 19.48 -7.82 19.04
C ASP C 207 19.88 -6.82 20.13
N GLU C 208 19.88 -5.53 19.80
CA GLU C 208 20.24 -4.51 20.77
C GLU C 208 19.07 -4.24 21.71
N GLN C 209 19.37 -4.17 23.00
CA GLN C 209 18.35 -4.13 24.03
C GLN C 209 18.03 -2.70 24.41
N PHE C 210 16.81 -2.52 24.90
CA PHE C 210 16.44 -1.23 25.46
C PHE C 210 16.91 -1.14 26.91
N HIS C 211 16.84 0.06 27.46
CA HIS C 211 17.33 0.31 28.80
C HIS C 211 16.36 1.21 29.57
N ARG C 212 16.30 0.98 30.88
CA ARG C 212 15.69 1.88 31.85
C ARG C 212 16.82 2.49 32.68
N VAL C 213 16.77 3.79 32.90
CA VAL C 213 17.78 4.50 33.69
C VAL C 213 17.07 5.22 34.84
N ASP C 214 17.55 4.99 36.06
CA ASP C 214 16.89 5.48 37.27
C ASP C 214 17.76 6.53 37.93
N LEU C 215 17.22 7.72 38.08
CA LEU C 215 17.89 8.83 38.73
C LEU C 215 17.18 9.09 40.06
N ASP C 216 17.85 8.76 41.16
CA ASP C 216 17.39 9.12 42.51
C ASP C 216 18.34 10.17 43.08
N ALA C 217 17.97 11.44 42.93
CA ALA C 217 18.76 12.57 43.43
C ALA C 217 20.19 12.48 42.91
N VAL C 218 20.31 12.12 41.65
CA VAL C 218 21.62 11.90 41.04
C VAL C 218 22.31 13.26 41.01
N PRO C 219 23.49 13.39 41.60
CA PRO C 219 24.14 14.70 41.68
C PRO C 219 24.90 15.01 40.40
N VAL C 220 24.70 16.20 39.88
CA VAL C 220 25.30 16.62 38.61
C VAL C 220 25.95 17.98 38.78
N SER C 221 27.19 18.10 38.34
CA SER C 221 27.91 19.36 38.43
C SER C 221 27.25 20.42 37.55
N GLY C 222 27.38 21.68 37.98
CA GLY C 222 26.83 22.77 37.20
C GLY C 222 27.49 22.93 35.85
N ASP C 223 28.77 22.57 35.74
CA ASP C 223 29.44 22.62 34.46
C ASP C 223 29.01 21.50 33.51
N ASP C 224 28.20 20.56 33.98
CA ASP C 224 27.68 19.48 33.15
C ASP C 224 26.31 19.82 32.55
N LEU C 225 25.85 21.06 32.69
CA LEU C 225 24.63 21.52 32.03
C LEU C 225 25.02 22.13 30.69
N ILE C 226 24.66 21.44 29.61
CA ILE C 226 25.04 21.84 28.26
C ILE C 226 23.99 22.82 27.75
N GLY C 227 24.45 23.95 27.21
CA GLY C 227 23.54 24.95 26.69
C GLY C 227 22.91 25.80 27.76
N ALA C 228 22.15 26.80 27.31
CA ALA C 228 21.59 27.79 28.23
C ALA C 228 20.52 27.17 29.11
N ARG C 229 20.61 27.41 30.41
CA ARG C 229 19.67 26.84 31.37
C ARG C 229 18.25 27.23 31.00
N ASP C 230 17.33 26.28 31.15
CA ASP C 230 15.90 26.40 30.88
C ASP C 230 15.58 26.55 29.41
N GLN C 231 16.60 26.58 28.54
CA GLN C 231 16.45 26.69 27.10
C GLN C 231 16.60 25.34 26.39
N GLY C 232 16.29 24.25 27.10
CA GLY C 232 16.61 22.93 26.57
C GLY C 232 15.70 22.50 25.43
N TRP C 233 14.42 22.83 25.52
CA TRP C 233 13.49 22.42 24.47
C TRP C 233 13.86 22.93 23.09
N PRO C 234 14.17 24.22 22.88
CA PRO C 234 14.56 24.65 21.52
C PRO C 234 15.93 24.13 21.11
N LEU C 235 16.86 24.00 22.06
CA LEU C 235 18.17 23.42 21.77
C LEU C 235 18.03 21.97 21.34
N LEU C 236 17.22 21.19 22.07
CA LEU C 236 17.10 19.76 21.84
C LEU C 236 16.52 19.45 20.47
N ASN C 237 15.48 20.20 20.07
CA ASN C 237 14.93 19.97 18.75
C ASN C 237 15.79 20.55 17.64
N GLU C 238 16.58 21.59 17.94
CA GLU C 238 17.54 22.06 16.95
C GLU C 238 18.59 20.98 16.67
N ALA C 239 19.00 20.25 17.71
CA ALA C 239 20.03 19.24 17.55
C ALA C 239 19.51 18.02 16.81
N LEU C 240 18.29 17.60 17.15
CA LEU C 240 17.63 16.44 16.50
C LEU C 240 17.48 16.78 15.02
N ALA C 241 17.15 18.04 14.72
CA ALA C 241 16.96 18.43 13.33
C ALA C 241 18.26 18.31 12.54
N ILE C 242 19.40 18.67 13.16
CA ILE C 242 20.70 18.59 12.49
C ILE C 242 21.11 17.13 12.27
N GLU C 243 20.69 16.25 13.16
CA GLU C 243 21.12 14.83 13.06
C GLU C 243 20.28 14.08 12.03
N ARG C 244 19.20 14.68 11.55
CA ARG C 244 18.28 13.98 10.64
C ARG C 244 18.83 14.02 9.22
N THR C 245 19.26 12.88 8.69
CA THR C 245 19.71 12.81 7.31
C THR C 245 19.13 11.64 6.54
N GLY C 246 18.66 10.58 7.21
CA GLY C 246 18.30 9.35 6.52
C GLY C 246 19.47 8.46 6.12
N LEU C 247 20.72 8.93 6.23
CA LEU C 247 21.86 8.14 5.75
C LEU C 247 21.97 6.81 6.51
N ASP C 248 21.73 6.83 7.82
CA ASP C 248 21.86 5.61 8.62
C ASP C 248 20.86 4.54 8.19
N TYR C 249 19.67 4.93 7.74
CA TYR C 249 18.70 3.93 7.28
C TYR C 249 19.01 3.49 5.86
N PHE C 250 19.41 4.42 4.98
CA PHE C 250 19.89 4.05 3.67
C PHE C 250 20.85 2.86 3.72
N LEU C 251 21.84 2.93 4.62
CA LEU C 251 22.91 1.93 4.69
C LEU C 251 22.40 0.61 5.25
N LYS C 252 21.39 0.64 6.12
CA LYS C 252 20.74 -0.60 6.56
C LYS C 252 20.01 -1.27 5.39
N ALA C 253 19.18 -0.51 4.68
CA ALA C 253 18.48 -1.04 3.51
C ALA C 253 19.46 -1.60 2.48
N GLU C 254 20.55 -0.88 2.23
CA GLU C 254 21.59 -1.38 1.33
C GLU C 254 22.17 -2.71 1.82
N ARG C 255 22.55 -2.78 3.11
CA ARG C 255 23.12 -4.00 3.65
C ARG C 255 22.14 -5.17 3.50
N TRP C 256 20.87 -4.93 3.76
CA TRP C 256 19.88 -6.00 3.76
C TRP C 256 19.53 -6.46 2.34
N LEU C 257 19.42 -5.52 1.39
CA LEU C 257 19.16 -5.92 0.00
C LEU C 257 20.35 -6.66 -0.59
N GLU C 258 21.57 -6.30 -0.19
CA GLU C 258 22.72 -7.02 -0.68
C GLU C 258 22.82 -8.41 -0.06
N ALA C 259 22.43 -8.53 1.21
CA ALA C 259 22.37 -9.85 1.85
C ALA C 259 21.36 -10.77 1.16
N ALA C 260 20.18 -10.24 0.81
CA ALA C 260 19.20 -11.06 0.13
C ALA C 260 19.69 -11.48 -1.27
N LEU C 261 20.34 -10.57 -2.00
CA LEU C 261 20.89 -10.94 -3.30
C LEU C 261 21.97 -12.00 -3.16
N GLU C 262 22.82 -11.87 -2.13
CA GLU C 262 23.82 -12.89 -1.87
C GLU C 262 23.16 -14.24 -1.57
N ALA C 263 22.13 -14.27 -0.73
CA ALA C 263 21.44 -15.53 -0.47
C ALA C 263 20.85 -16.11 -1.75
N LEU C 264 20.23 -15.27 -2.56
CA LEU C 264 19.66 -15.71 -3.82
C LEU C 264 20.73 -16.23 -4.76
N ALA C 265 21.86 -15.54 -4.84
CA ALA C 265 22.92 -15.91 -5.77
C ALA C 265 23.76 -17.08 -5.29
N ASP C 266 23.75 -17.36 -3.99
CA ASP C 266 24.44 -18.53 -3.44
C ASP C 266 23.66 -19.82 -3.65
N ARG C 267 22.55 -19.78 -4.36
CA ARG C 267 21.69 -20.93 -4.58
C ARG C 267 21.44 -21.07 -6.09
N ASP C 268 21.49 -22.30 -6.59
CA ASP C 268 21.62 -22.54 -8.03
C ASP C 268 20.43 -21.96 -8.81
N PRO C 269 20.67 -21.33 -9.98
CA PRO C 269 19.64 -20.72 -10.85
C PRO C 269 18.66 -21.74 -11.44
N THR C 272 17.18 -18.47 -12.09
CA THR C 272 16.60 -17.26 -12.69
C THR C 272 15.83 -16.44 -11.64
N HIS C 273 15.26 -17.13 -10.65
CA HIS C 273 14.60 -16.49 -9.51
C HIS C 273 13.51 -15.53 -9.95
N ASP C 274 12.70 -15.97 -10.92
CA ASP C 274 11.78 -15.05 -11.60
C ASP C 274 10.87 -14.31 -10.63
N ALA C 275 10.42 -14.98 -9.57
CA ALA C 275 9.46 -14.42 -8.63
C ALA C 275 10.02 -13.26 -7.81
N HIS C 276 11.33 -13.17 -7.63
CA HIS C 276 11.87 -12.09 -6.83
C HIS C 276 12.21 -10.83 -7.63
N LEU C 277 12.07 -10.87 -8.97
CA LEU C 277 12.70 -9.85 -9.81
C LEU C 277 12.08 -8.47 -9.62
N GLU C 278 10.76 -8.38 -9.58
CA GLU C 278 10.10 -7.09 -9.39
C GLU C 278 10.57 -6.41 -8.11
N HIS C 279 10.58 -7.15 -7.00
CA HIS C 279 11.00 -6.57 -5.73
C HIS C 279 12.46 -6.14 -5.75
N ILE C 280 13.34 -6.97 -6.30
CA ILE C 280 14.75 -6.60 -6.40
C ILE C 280 14.88 -5.30 -7.18
N GLY C 281 14.12 -5.20 -8.30
CA GLY C 281 14.13 -3.98 -9.08
C GLY C 281 13.65 -2.77 -8.31
N ARG C 282 12.45 -2.84 -7.72
CA ARG C 282 11.91 -1.68 -7.01
C ARG C 282 12.82 -1.25 -5.88
N PHE C 283 13.29 -2.22 -5.07
CA PHE C 283 14.13 -1.89 -3.93
C PHE C 283 15.46 -1.29 -4.37
N ASP C 284 16.09 -1.85 -5.40
CA ASP C 284 17.30 -1.23 -5.94
C ASP C 284 17.03 0.20 -6.42
N GLY C 285 15.92 0.42 -7.13
CA GLY C 285 15.60 1.77 -7.58
C GLY C 285 15.33 2.72 -6.42
N ALA C 286 14.55 2.27 -5.42
CA ALA C 286 14.28 3.12 -4.27
C ALA C 286 15.54 3.34 -3.45
N LEU C 287 16.43 2.37 -3.45
CA LEU C 287 17.73 2.56 -2.79
C LEU C 287 18.49 3.73 -3.41
N ALA C 288 18.56 3.78 -4.75
CA ALA C 288 19.23 4.88 -5.45
C ALA C 288 18.55 6.23 -5.17
N ALA C 289 17.21 6.26 -5.13
CA ALA C 289 16.54 7.50 -4.75
C ALA C 289 16.90 7.88 -3.33
N ASP C 290 16.94 6.90 -2.46
CA ASP C 290 17.20 7.18 -1.05
C ASP C 290 18.62 7.70 -0.83
N HIS C 291 19.59 7.16 -1.58
CA HIS C 291 20.96 7.64 -1.48
C HIS C 291 21.06 9.12 -1.84
N VAL C 292 20.37 9.53 -2.90
CA VAL C 292 20.38 10.94 -3.31
C VAL C 292 19.67 11.80 -2.26
N LEU C 293 18.52 11.34 -1.72
CA LEU C 293 17.82 12.14 -0.72
C LEU C 293 18.69 12.38 0.50
N ALA C 294 19.48 11.38 0.90
CA ALA C 294 20.39 11.54 2.03
C ALA C 294 21.45 12.59 1.72
N TRP C 295 22.06 12.50 0.54
CA TRP C 295 23.08 13.48 0.19
C TRP C 295 22.47 14.86 -0.10
N GLU C 296 21.17 14.94 -0.42
CA GLU C 296 20.53 16.24 -0.51
C GLU C 296 20.56 16.94 0.83
N VAL C 297 20.40 16.18 1.92
CA VAL C 297 20.53 16.76 3.25
C VAL C 297 21.96 17.14 3.56
N LEU C 298 22.94 16.29 3.21
CA LEU C 298 24.33 16.58 3.57
C LEU C 298 24.86 17.80 2.83
N THR C 299 24.60 17.91 1.52
CA THR C 299 24.97 19.10 0.77
C THR C 299 24.41 20.37 1.41
N GLY C 300 23.16 20.30 1.87
CA GLY C 300 22.58 21.46 2.54
C GLY C 300 23.23 21.73 3.88
N LEU C 301 23.42 20.68 4.68
CA LEU C 301 24.06 20.85 5.99
C LEU C 301 25.45 21.44 5.86
N ALA C 302 26.23 20.94 4.89
CA ALA C 302 27.59 21.43 4.67
C ALA C 302 27.63 22.91 4.33
N SER C 303 26.59 23.44 3.68
CA SER C 303 26.56 24.87 3.38
C SER C 303 26.06 25.72 4.54
N GLY C 304 25.55 25.11 5.61
CA GLY C 304 25.09 25.86 6.76
C GLY C 304 23.62 26.20 6.77
N ARG C 305 22.82 25.54 5.94
CA ARG C 305 21.37 25.71 5.89
C ARG C 305 20.71 24.44 6.41
N VAL C 306 19.81 24.58 7.37
CA VAL C 306 19.05 23.46 7.90
C VAL C 306 17.62 23.58 7.38
N ASP C 307 17.27 22.71 6.41
CA ASP C 307 15.93 22.60 5.87
C ASP C 307 15.23 21.43 6.55
N PRO C 308 14.36 21.67 7.54
CA PRO C 308 13.79 20.52 8.28
C PRO C 308 12.83 19.66 7.43
N VAL C 309 12.22 20.21 6.38
CA VAL C 309 11.34 19.43 5.54
C VAL C 309 12.13 18.41 4.72
N THR C 310 13.28 18.83 4.16
CA THR C 310 14.11 17.94 3.35
C THR C 310 14.68 16.81 4.21
N ALA C 311 15.21 17.16 5.38
CA ALA C 311 15.65 16.15 6.33
C ALA C 311 14.51 15.20 6.68
N ALA C 312 13.29 15.72 6.85
CA ALA C 312 12.16 14.88 7.21
C ALA C 312 11.78 13.95 6.04
N VAL C 313 11.90 14.43 4.81
CA VAL C 313 11.65 13.56 3.64
C VAL C 313 12.63 12.41 3.61
N ALA C 314 13.92 12.71 3.79
CA ALA C 314 14.93 11.67 3.71
C ALA C 314 14.78 10.64 4.81
N LYS C 315 14.52 11.09 6.03
CA LYS C 315 14.31 10.15 7.12
C LYS C 315 13.13 9.23 6.82
N TYR C 316 12.01 9.81 6.41
CA TYR C 316 10.82 9.01 6.14
C TYR C 316 11.07 8.00 5.03
N HIS C 317 11.66 8.43 3.93
CA HIS C 317 11.84 7.55 2.78
C HIS C 317 12.80 6.41 3.10
N SER C 318 13.91 6.70 3.77
CA SER C 318 14.92 5.67 4.06
C SER C 318 14.46 4.70 5.13
N SER C 319 13.78 5.19 6.16
CA SER C 319 13.39 4.27 7.23
C SER C 319 12.24 3.37 6.79
N GLU C 320 11.29 3.90 6.01
CA GLU C 320 10.23 3.08 5.45
C GLU C 320 10.78 2.11 4.41
N LEU C 321 11.73 2.58 3.60
CA LEU C 321 12.40 1.68 2.68
C LEU C 321 13.15 0.58 3.43
N ALA C 322 13.88 0.94 4.49
CA ALA C 322 14.64 -0.10 5.20
C ALA C 322 13.70 -1.11 5.86
N ARG C 323 12.57 -0.64 6.37
CA ARG C 323 11.62 -1.58 6.95
C ARG C 323 11.06 -2.50 5.87
N ASP C 324 10.71 -1.95 4.71
CA ASP C 324 10.15 -2.78 3.64
C ASP C 324 11.16 -3.81 3.17
N VAL C 325 12.43 -3.40 3.01
CA VAL C 325 13.46 -4.35 2.61
C VAL C 325 13.63 -5.42 3.67
N ALA C 326 13.61 -5.04 4.95
CA ALA C 326 13.81 -6.05 5.99
C ALA C 326 12.69 -7.09 5.95
N GLU C 327 11.45 -6.65 5.77
CA GLU C 327 10.32 -7.57 5.80
C GLU C 327 10.38 -8.54 4.63
N TRP C 328 10.59 -8.04 3.43
CA TRP C 328 10.69 -8.91 2.26
C TRP C 328 11.94 -9.77 2.30
N ALA C 329 13.09 -9.17 2.65
CA ALA C 329 14.34 -9.93 2.61
C ALA C 329 14.35 -11.07 3.62
N ALA C 330 13.59 -10.96 4.70
CA ALA C 330 13.65 -12.02 5.70
C ALA C 330 13.05 -13.31 5.17
N GLY C 331 12.14 -13.22 4.18
CA GLY C 331 11.59 -14.41 3.54
C GLY C 331 12.43 -15.03 2.41
N VAL C 332 13.56 -14.44 2.06
CA VAL C 332 14.39 -14.88 0.93
C VAL C 332 15.32 -16.08 1.24
N PRO C 333 16.04 -16.12 2.36
CA PRO C 333 16.86 -17.32 2.61
C PRO C 333 16.01 -18.58 2.65
N ASP C 334 16.51 -19.66 2.05
CA ASP C 334 15.74 -20.89 2.01
C ASP C 334 15.86 -21.65 3.33
N PRO C 335 15.09 -22.71 3.55
CA PRO C 335 15.25 -23.43 4.81
C PRO C 335 16.66 -23.95 5.03
N GLY C 336 17.30 -24.44 3.97
CA GLY C 336 18.66 -24.92 4.12
C GLY C 336 19.63 -23.82 4.54
N GLN C 337 19.41 -22.60 4.08
CA GLN C 337 20.29 -21.51 4.46
C GLN C 337 20.09 -21.10 5.90
N ARG C 338 18.86 -21.14 6.40
CA ARG C 338 18.62 -20.86 7.81
C ARG C 338 19.26 -21.95 8.68
N ALA C 339 19.14 -23.21 8.29
CA ALA C 339 19.70 -24.31 9.07
C ALA C 339 21.22 -24.24 9.15
N ASP C 340 21.88 -23.87 8.06
CA ASP C 340 23.34 -23.84 8.01
C ASP C 340 23.90 -22.49 8.47
N ARG C 341 23.06 -21.53 8.83
CA ARG C 341 23.49 -20.19 9.23
C ARG C 341 24.40 -19.57 8.18
N ALA C 342 23.95 -19.63 6.94
CA ALA C 342 24.53 -18.77 5.93
C ALA C 342 24.67 -17.36 6.52
N PRO C 343 25.79 -16.70 6.31
CA PRO C 343 25.96 -15.34 6.86
C PRO C 343 24.84 -14.38 6.47
N ALA C 344 24.30 -14.48 5.25
CA ALA C 344 23.20 -13.59 4.90
C ALA C 344 21.91 -13.95 5.65
N ALA C 345 21.71 -15.24 5.96
CA ALA C 345 20.51 -15.59 6.74
C ALA C 345 20.59 -15.02 8.15
N VAL C 346 21.79 -14.98 8.74
CA VAL C 346 21.94 -14.41 10.08
C VAL C 346 21.68 -12.90 10.05
N VAL C 347 22.28 -12.17 9.10
CA VAL C 347 22.00 -10.73 9.11
C VAL C 347 20.54 -10.46 8.79
N LEU C 348 19.89 -11.32 7.98
CA LEU C 348 18.51 -11.04 7.62
C LEU C 348 17.56 -11.37 8.78
N ASP C 349 17.89 -12.41 9.56
CA ASP C 349 17.13 -12.66 10.77
C ASP C 349 17.21 -11.46 11.73
N SER C 350 18.42 -10.92 11.91
CA SER C 350 18.56 -9.70 12.71
C SER C 350 17.78 -8.54 12.10
N ALA C 351 17.81 -8.41 10.77
CA ALA C 351 17.19 -7.27 10.10
C ALA C 351 15.69 -7.23 10.38
N TYR C 352 15.04 -8.39 10.26
CA TYR C 352 13.61 -8.52 10.52
C TYR C 352 13.22 -8.00 11.90
N ARG C 353 14.00 -8.36 12.92
CA ARG C 353 13.65 -8.00 14.30
C ARG C 353 14.08 -6.58 14.66
N GLU C 354 14.99 -6.01 13.89
CA GLU C 354 15.29 -4.60 13.99
C GLU C 354 14.24 -3.72 13.32
N ALA C 355 13.65 -4.21 12.22
CA ALA C 355 12.82 -3.39 11.33
C ALA C 355 11.73 -2.58 12.04
N PRO C 356 10.95 -3.11 12.99
CA PRO C 356 9.86 -2.30 13.56
C PRO C 356 10.32 -1.00 14.16
N GLY C 357 11.55 -0.96 14.69
CA GLY C 357 12.03 0.21 15.39
C GLY C 357 12.40 1.37 14.49
N LEU C 358 12.64 1.09 13.20
CA LEU C 358 13.21 2.10 12.31
C LEU C 358 12.25 3.25 12.08
N THR C 359 10.96 2.96 12.02
CA THR C 359 9.97 3.99 11.82
C THR C 359 9.53 4.65 13.12
N LEU C 360 10.25 4.38 14.22
CA LEU C 360 9.94 4.96 15.52
C LEU C 360 11.07 5.78 16.14
N SER C 361 12.33 5.41 15.90
CA SER C 361 13.45 6.09 16.54
C SER C 361 13.75 7.42 15.84
N ALA C 362 14.25 8.37 16.63
CA ALA C 362 14.69 9.67 16.11
C ALA C 362 13.57 10.39 15.36
N GLY C 363 12.36 10.32 15.93
CA GLY C 363 11.17 10.85 15.30
C GLY C 363 10.41 9.77 14.53
N THR C 364 9.14 9.57 14.85
CA THR C 364 8.37 8.53 14.20
C THR C 364 8.01 8.94 12.78
N SER C 365 7.53 7.97 12.01
CA SER C 365 7.07 8.26 10.65
C SER C 365 6.01 9.34 10.67
N GLU C 366 5.11 9.29 11.66
CA GLU C 366 4.01 10.22 11.74
C GLU C 366 4.50 11.64 12.01
N VAL C 367 5.54 11.79 12.85
CA VAL C 367 6.07 13.11 13.12
C VAL C 367 6.74 13.70 11.87
N MET C 368 7.44 12.86 11.09
CA MET C 368 8.03 13.34 9.85
C MET C 368 6.96 13.91 8.92
N LEU C 369 5.84 13.21 8.79
CA LEU C 369 4.76 13.69 7.92
C LEU C 369 4.19 15.01 8.44
N GLN C 370 4.07 15.13 9.77
CA GLN C 370 3.64 16.40 10.36
C GLN C 370 4.58 17.53 9.99
N ILE C 371 5.89 17.31 10.12
CA ILE C 371 6.87 18.33 9.74
C ILE C 371 6.68 18.68 8.28
N MET C 372 6.44 17.66 7.47
CA MET C 372 6.33 17.83 6.04
C MET C 372 5.11 18.68 5.71
N ALA C 373 4.03 18.56 6.51
CA ALA C 373 2.79 19.28 6.27
C ALA C 373 2.93 20.80 6.43
N THR C 374 4.02 21.29 7.04
CA THR C 374 4.25 22.72 7.20
C THR C 374 4.72 23.41 5.92
N ALA C 375 5.23 22.66 4.94
CA ALA C 375 5.61 23.22 3.65
C ALA C 375 4.42 23.59 2.78
N PHE C 376 3.20 23.29 3.21
CA PHE C 376 2.04 23.59 2.38
C PHE C 376 1.72 25.10 2.39
N MET D 1 -24.33 -20.42 9.89
CA MET D 1 -24.08 -19.82 8.59
C MET D 1 -24.41 -20.78 7.46
N ARG D 2 -24.60 -20.23 6.26
CA ARG D 2 -24.66 -21.04 5.04
C ARG D 2 -24.29 -20.13 3.87
N TYR D 3 -23.12 -20.36 3.29
CA TYR D 3 -22.70 -19.60 2.13
C TYR D 3 -23.36 -20.19 0.89
N GLY D 4 -23.76 -19.32 -0.02
CA GLY D 4 -24.64 -19.74 -1.10
C GLY D 4 -26.10 -19.51 -0.75
N PHE D 5 -26.96 -19.88 -1.68
CA PHE D 5 -28.37 -19.50 -1.63
C PHE D 5 -29.27 -20.73 -1.66
N THR D 6 -30.48 -20.55 -1.14
CA THR D 6 -31.53 -21.55 -1.17
C THR D 6 -31.88 -21.92 -2.60
N GLU D 7 -32.25 -23.18 -2.81
CA GLU D 7 -32.76 -23.59 -4.12
C GLU D 7 -33.96 -22.74 -4.55
N GLU D 8 -34.77 -22.29 -3.59
CA GLU D 8 -35.87 -21.39 -3.91
C GLU D 8 -35.34 -20.01 -4.31
N GLN D 9 -34.27 -19.56 -3.66
CA GLN D 9 -33.63 -18.30 -4.05
C GLN D 9 -32.96 -18.43 -5.42
N GLN D 10 -32.38 -19.59 -5.70
CA GLN D 10 -31.72 -19.73 -7.01
C GLN D 10 -32.77 -19.80 -8.11
N ARG D 11 -33.95 -20.31 -7.79
CA ARG D 11 -34.99 -20.39 -8.82
C ARG D 11 -35.55 -19.01 -9.11
N PHE D 12 -35.76 -18.22 -8.07
CA PHE D 12 -36.20 -16.83 -8.25
C PHE D 12 -35.11 -16.02 -8.98
N ARG D 13 -33.84 -16.27 -8.67
CA ARG D 13 -32.78 -15.58 -9.41
C ARG D 13 -32.84 -15.92 -10.90
N ALA D 14 -33.02 -17.20 -11.24
CA ALA D 14 -33.01 -17.60 -12.64
C ALA D 14 -34.16 -16.98 -13.42
N ASP D 15 -35.31 -16.75 -12.78
CA ASP D 15 -36.44 -16.11 -13.47
C ASP D 15 -36.18 -14.64 -13.73
N VAL D 16 -35.64 -13.94 -12.73
CA VAL D 16 -35.19 -12.57 -12.91
C VAL D 16 -34.19 -12.49 -14.06
N ARG D 17 -33.21 -13.37 -14.02
CA ARG D 17 -32.14 -13.40 -15.04
C ARG D 17 -32.77 -13.56 -16.43
N GLN D 18 -33.67 -14.52 -16.59
CA GLN D 18 -34.34 -14.77 -17.89
C GLN D 18 -35.18 -13.56 -18.31
N ALA D 19 -35.88 -12.93 -17.36
CA ALA D 19 -36.73 -11.75 -17.62
C ALA D 19 -35.87 -10.59 -18.14
N LEU D 20 -34.67 -10.43 -17.59
CA LEU D 20 -33.76 -9.35 -18.02
C LEU D 20 -33.04 -9.71 -19.33
N ARG D 21 -33.13 -10.95 -19.78
CA ARG D 21 -32.46 -11.36 -21.03
C ARG D 21 -33.43 -11.37 -22.21
N SER D 22 -34.60 -10.74 -22.12
CA SER D 22 -35.47 -10.69 -23.28
C SER D 22 -34.93 -9.70 -24.34
N ALA D 23 -35.46 -9.82 -25.56
CA ALA D 23 -35.09 -8.87 -26.61
C ALA D 23 -35.45 -7.45 -26.21
N GLU D 24 -36.65 -7.26 -25.65
CA GLU D 24 -37.07 -5.91 -25.28
C GLU D 24 -36.11 -5.29 -24.28
N VAL D 25 -35.66 -6.06 -23.28
CA VAL D 25 -34.80 -5.51 -22.23
C VAL D 25 -33.41 -5.26 -22.77
N ARG D 26 -32.86 -6.24 -23.50
CA ARG D 26 -31.49 -6.10 -24.00
C ARG D 26 -31.39 -4.94 -24.99
N ALA D 27 -32.41 -4.71 -25.81
CA ALA D 27 -32.39 -3.55 -26.69
C ALA D 27 -32.38 -2.25 -25.89
N ALA D 28 -33.25 -2.16 -24.88
CA ALA D 28 -33.32 -0.95 -24.06
C ALA D 28 -32.07 -0.75 -23.22
N VAL D 29 -31.45 -1.85 -22.79
CA VAL D 29 -30.22 -1.74 -22.00
C VAL D 29 -29.10 -1.17 -22.86
N ALA D 30 -29.01 -1.63 -24.11
CA ALA D 30 -28.04 -1.11 -25.07
C ALA D 30 -28.20 0.40 -25.27
N ASP D 31 -29.44 0.90 -25.39
CA ASP D 31 -29.69 2.33 -25.62
C ASP D 31 -29.43 3.20 -24.39
N ALA D 32 -29.40 2.64 -23.19
CA ALA D 32 -29.36 3.48 -22.01
C ALA D 32 -28.04 3.43 -21.25
N THR D 33 -27.07 2.64 -21.71
CA THR D 33 -25.80 2.49 -21.00
C THR D 33 -24.93 3.72 -21.20
N PRO D 34 -24.57 4.44 -20.14
CA PRO D 34 -23.63 5.54 -20.29
C PRO D 34 -22.28 5.02 -20.77
N ALA D 35 -21.65 5.75 -21.67
CA ALA D 35 -20.30 5.40 -22.20
C ALA D 35 -19.74 6.61 -22.92
N ASP D 36 -18.42 6.73 -22.94
CA ASP D 36 -17.67 7.78 -23.67
C ASP D 36 -18.07 9.19 -23.22
N GLY D 37 -18.40 9.40 -21.95
CA GLY D 37 -18.79 10.75 -21.51
C GLY D 37 -20.22 11.14 -21.82
N VAL D 38 -21.01 10.29 -22.46
CA VAL D 38 -22.43 10.64 -22.72
C VAL D 38 -23.24 9.81 -21.73
N GLU D 39 -24.21 10.47 -21.12
CA GLU D 39 -25.18 9.95 -20.13
C GLU D 39 -26.58 9.92 -20.76
N PRO D 40 -26.99 8.82 -21.40
CA PRO D 40 -28.30 8.75 -22.03
C PRO D 40 -29.49 8.69 -21.06
N ASP D 41 -30.66 9.11 -21.56
CA ASP D 41 -31.92 8.97 -20.86
C ASP D 41 -32.24 7.51 -20.57
N MET D 42 -32.66 7.24 -19.34
CA MET D 42 -32.95 5.90 -18.86
C MET D 42 -34.44 5.67 -18.60
N ARG D 43 -35.28 6.68 -18.84
CA ARG D 43 -36.67 6.62 -18.40
C ARG D 43 -37.42 5.47 -19.06
N THR D 44 -37.09 5.15 -20.32
CA THR D 44 -37.79 4.07 -21.02
C THR D 44 -37.42 2.71 -20.44
N LEU D 45 -36.13 2.47 -20.24
CA LEU D 45 -35.67 1.24 -19.59
C LEU D 45 -36.37 1.03 -18.26
N TYR D 46 -36.46 2.08 -17.46
CA TYR D 46 -36.96 1.92 -16.10
C TYR D 46 -38.47 1.75 -16.09
N ARG D 47 -39.17 2.33 -17.07
CA ARG D 47 -40.57 2.02 -17.30
C ARG D 47 -40.75 0.54 -17.57
N LEU D 48 -39.88 -0.02 -18.43
CA LEU D 48 -39.96 -1.42 -18.77
C LEU D 48 -39.65 -2.31 -17.56
N LEU D 49 -38.68 -1.89 -16.71
CA LEU D 49 -38.37 -2.66 -15.50
C LEU D 49 -39.52 -2.61 -14.51
N GLY D 50 -40.19 -1.45 -14.42
CA GLY D 50 -41.38 -1.35 -13.59
C GLY D 50 -42.51 -2.25 -14.08
N LYS D 51 -42.76 -2.26 -15.40
CA LYS D 51 -43.73 -3.19 -15.96
C LYS D 51 -43.40 -4.63 -15.57
N LEU D 52 -42.13 -5.03 -15.65
CA LEU D 52 -41.77 -6.39 -15.23
C LEU D 52 -41.84 -6.59 -13.73
N GLY D 53 -42.19 -5.56 -12.95
CA GLY D 53 -42.29 -5.67 -11.51
C GLY D 53 -40.99 -5.93 -10.79
N LEU D 54 -39.88 -5.42 -11.33
CA LEU D 54 -38.57 -5.72 -10.78
C LEU D 54 -37.97 -4.61 -9.93
N LEU D 55 -38.63 -3.46 -9.83
CA LEU D 55 -37.94 -2.32 -9.22
C LEU D 55 -37.95 -2.35 -7.70
N ALA D 56 -39.03 -2.84 -7.09
CA ALA D 56 -39.20 -2.76 -5.64
C ALA D 56 -39.86 -4.03 -5.09
N VAL D 57 -39.37 -5.22 -5.44
CA VAL D 57 -40.11 -6.44 -5.10
C VAL D 57 -40.35 -6.63 -3.61
N HIS D 58 -39.64 -5.92 -2.72
CA HIS D 58 -39.81 -6.05 -1.28
C HIS D 58 -40.71 -4.97 -0.66
N TRP D 59 -41.23 -4.07 -1.45
CA TRP D 59 -42.16 -3.09 -0.91
C TRP D 59 -43.54 -3.75 -0.70
N PRO D 60 -44.41 -3.13 0.09
CA PRO D 60 -45.78 -3.63 0.20
C PRO D 60 -46.53 -3.54 -1.13
N ALA D 61 -47.43 -4.51 -1.37
CA ALA D 61 -48.20 -4.51 -2.60
C ALA D 61 -49.04 -3.24 -2.78
N GLU D 62 -49.51 -2.67 -1.67
CA GLU D 62 -50.28 -1.42 -1.77
C GLU D 62 -49.47 -0.34 -2.46
N PHE D 63 -48.14 -0.42 -2.42
CA PHE D 63 -47.28 0.65 -2.91
C PHE D 63 -46.51 0.29 -4.17
N GLY D 64 -46.83 -0.84 -4.81
CA GLY D 64 -46.15 -1.24 -6.03
C GLY D 64 -45.22 -2.42 -5.89
N GLY D 65 -44.95 -2.88 -4.67
CA GLY D 65 -44.07 -4.00 -4.45
C GLY D 65 -44.78 -5.33 -4.63
N ALA D 66 -44.02 -6.40 -4.35
CA ALA D 66 -44.56 -7.75 -4.35
C ALA D 66 -44.40 -8.43 -2.99
N ASP D 67 -44.23 -7.66 -1.92
CA ASP D 67 -44.25 -8.19 -0.54
C ASP D 67 -43.18 -9.25 -0.31
N ARG D 68 -42.05 -9.13 -0.97
CA ARG D 68 -40.97 -10.10 -0.84
C ARG D 68 -40.02 -9.70 0.30
N PRO D 69 -39.24 -10.65 0.82
CA PRO D 69 -38.18 -10.29 1.76
C PRO D 69 -37.15 -9.34 1.16
N LEU D 70 -36.45 -8.62 2.04
CA LEU D 70 -35.40 -7.69 1.58
C LEU D 70 -34.30 -8.42 0.81
N THR D 71 -33.92 -9.61 1.25
CA THR D 71 -32.90 -10.37 0.55
C THR D 71 -33.31 -10.68 -0.88
N ASP D 72 -34.62 -10.79 -1.15
CA ASP D 72 -35.06 -10.99 -2.52
C ASP D 72 -34.81 -9.75 -3.39
N ALA D 73 -34.98 -8.55 -2.82
CA ALA D 73 -34.64 -7.33 -3.59
C ALA D 73 -33.13 -7.21 -3.81
N ALA D 74 -32.31 -7.74 -2.89
CA ALA D 74 -30.87 -7.78 -3.10
C ALA D 74 -30.51 -8.70 -4.26
N ILE D 75 -31.22 -9.82 -4.40
CA ILE D 75 -31.00 -10.71 -5.53
C ILE D 75 -31.37 -10.02 -6.83
N VAL D 76 -32.43 -9.19 -6.82
CA VAL D 76 -32.78 -8.48 -8.04
C VAL D 76 -31.69 -7.47 -8.39
N ALA D 77 -31.29 -6.67 -7.40
CA ALA D 77 -30.22 -5.69 -7.58
C ALA D 77 -28.98 -6.33 -8.19
N GLU D 78 -28.59 -7.50 -7.70
CA GLU D 78 -27.45 -8.20 -8.27
C GLU D 78 -27.67 -8.47 -9.76
N GLU D 79 -28.81 -9.07 -10.11
CA GLU D 79 -29.05 -9.47 -11.49
C GLU D 79 -29.33 -8.28 -12.39
N LEU D 80 -29.82 -7.18 -11.84
CA LEU D 80 -29.96 -5.98 -12.67
C LEU D 80 -28.62 -5.51 -13.19
N VAL D 81 -27.60 -5.48 -12.33
CA VAL D 81 -26.31 -4.95 -12.76
C VAL D 81 -25.61 -5.97 -13.66
N ARG D 82 -25.79 -7.27 -13.37
CA ARG D 82 -25.19 -8.29 -14.21
C ARG D 82 -25.80 -8.35 -15.61
N ALA D 83 -26.96 -7.72 -15.81
CA ALA D 83 -27.62 -7.62 -17.11
C ALA D 83 -27.40 -6.26 -17.77
N GLY D 84 -26.50 -5.43 -17.26
CA GLY D 84 -26.16 -4.18 -17.89
C GLY D 84 -26.99 -2.98 -17.50
N VAL D 85 -28.00 -3.14 -16.65
CA VAL D 85 -28.84 -2.02 -16.26
C VAL D 85 -28.01 -0.99 -15.54
N PRO D 86 -27.95 0.26 -16.00
CA PRO D 86 -27.37 1.34 -15.18
C PRO D 86 -28.23 1.55 -13.94
N ASP D 87 -27.60 1.47 -12.75
CA ASP D 87 -28.38 1.32 -11.53
C ASP D 87 -28.49 2.57 -10.67
N THR D 88 -27.87 3.70 -11.04
CA THR D 88 -27.85 4.87 -10.16
C THR D 88 -29.25 5.43 -9.90
N LEU D 89 -30.09 5.50 -10.95
CA LEU D 89 -31.49 5.87 -10.79
C LEU D 89 -32.22 4.94 -9.83
N HIS D 90 -31.93 3.63 -9.89
CA HIS D 90 -32.55 2.69 -8.96
C HIS D 90 -32.08 2.91 -7.53
N VAL D 91 -30.79 3.21 -7.36
CA VAL D 91 -30.24 3.37 -6.02
C VAL D 91 -30.78 4.63 -5.36
N ASN D 92 -30.83 5.74 -6.12
CA ASN D 92 -31.34 6.99 -5.57
C ASN D 92 -32.85 6.93 -5.34
N THR D 93 -33.61 6.37 -6.29
CA THR D 93 -35.05 6.39 -6.15
C THR D 93 -35.57 5.29 -5.24
N ILE D 94 -35.18 4.03 -5.49
CA ILE D 94 -35.76 2.95 -4.70
C ILE D 94 -35.00 2.77 -3.39
N GLN D 95 -33.67 2.81 -3.42
CA GLN D 95 -32.90 2.40 -2.26
C GLN D 95 -32.59 3.54 -1.30
N ILE D 96 -32.86 4.79 -1.67
CA ILE D 96 -32.59 5.88 -0.75
C ILE D 96 -33.85 6.70 -0.48
N VAL D 97 -34.42 7.31 -1.50
CA VAL D 97 -35.63 8.10 -1.31
C VAL D 97 -36.82 7.19 -1.01
N GLY D 98 -36.99 6.13 -1.81
CA GLY D 98 -38.06 5.18 -1.54
C GLY D 98 -37.96 4.56 -0.15
N GLN D 99 -36.78 4.06 0.21
CA GLN D 99 -36.64 3.45 1.54
C GLN D 99 -36.96 4.46 2.64
N PHE D 100 -36.67 5.75 2.41
CA PHE D 100 -36.89 6.75 3.45
C PHE D 100 -38.36 7.13 3.63
N LEU D 101 -39.18 7.15 2.56
CA LEU D 101 -40.62 7.37 2.76
C LEU D 101 -41.27 6.18 3.46
N LEU D 102 -40.83 4.96 3.13
CA LEU D 102 -41.28 3.76 3.85
C LEU D 102 -41.01 3.89 5.33
N MET D 103 -39.84 4.40 5.70
CA MET D 103 -39.42 4.37 7.10
C MET D 103 -40.03 5.52 7.91
N ALA D 104 -40.31 6.65 7.29
CA ALA D 104 -40.65 7.86 8.01
C ALA D 104 -41.86 8.59 7.45
N GLY D 105 -42.47 8.10 6.39
CA GLY D 105 -43.61 8.75 5.82
C GLY D 105 -44.93 8.26 6.37
N SER D 106 -45.91 9.17 6.37
CA SER D 106 -47.28 8.84 6.72
C SER D 106 -47.97 8.06 5.60
N ALA D 107 -49.10 7.44 5.94
CA ALA D 107 -49.93 6.79 4.92
C ALA D 107 -50.25 7.75 3.78
N GLU D 108 -50.56 9.01 4.09
CA GLU D 108 -50.93 9.95 3.05
C GLU D 108 -49.78 10.17 2.08
N GLN D 109 -48.56 10.34 2.60
CA GLN D 109 -47.43 10.58 1.72
C GLN D 109 -46.88 9.27 1.12
N LYS D 110 -46.84 8.19 1.89
CA LYS D 110 -46.48 6.88 1.35
C LYS D 110 -47.31 6.54 0.12
N ARG D 111 -48.63 6.72 0.21
CA ARG D 111 -49.51 6.31 -0.87
C ARG D 111 -49.42 7.25 -2.07
N ARG D 112 -49.23 8.55 -1.83
CA ARG D 112 -49.22 9.47 -2.95
C ARG D 112 -47.93 9.35 -3.76
N HIS D 113 -46.82 8.95 -3.12
CA HIS D 113 -45.50 8.99 -3.73
C HIS D 113 -44.94 7.63 -4.14
N LEU D 114 -45.01 6.63 -3.25
CA LEU D 114 -44.34 5.35 -3.49
C LEU D 114 -44.73 4.68 -4.81
N PRO D 115 -46.03 4.54 -5.17
CA PRO D 115 -46.37 3.70 -6.34
C PRO D 115 -45.72 4.10 -7.65
N ALA D 116 -45.64 5.39 -7.97
CA ALA D 116 -45.04 5.76 -9.25
C ALA D 116 -43.56 5.44 -9.30
N LEU D 117 -42.89 5.39 -8.14
CA LEU D 117 -41.50 4.97 -8.07
C LEU D 117 -41.35 3.47 -8.35
N ALA D 118 -42.20 2.65 -7.71
CA ALA D 118 -42.15 1.19 -7.92
C ALA D 118 -42.47 0.82 -9.37
N GLN D 119 -43.22 1.66 -10.09
CA GLN D 119 -43.58 1.39 -11.47
C GLN D 119 -42.58 1.99 -12.46
N GLY D 120 -41.57 2.69 -11.97
CA GLY D 120 -40.59 3.29 -12.86
C GLY D 120 -41.12 4.45 -13.65
N GLU D 121 -42.19 5.08 -13.16
CA GLU D 121 -42.77 6.21 -13.86
C GLU D 121 -42.21 7.54 -13.36
N ARG D 122 -41.86 7.59 -12.08
CA ARG D 122 -41.31 8.82 -11.44
C ARG D 122 -39.97 8.48 -10.78
N PHE D 123 -39.08 9.47 -10.64
CA PHE D 123 -37.76 9.26 -10.07
C PHE D 123 -37.41 10.39 -9.12
N ALA D 124 -36.47 10.10 -8.23
CA ALA D 124 -36.05 11.07 -7.22
C ALA D 124 -34.54 11.03 -7.08
N SER D 125 -34.00 12.07 -6.49
CA SER D 125 -32.59 12.09 -6.17
C SER D 125 -32.43 12.74 -4.80
N VAL D 126 -31.19 12.77 -4.34
CA VAL D 126 -30.86 13.17 -2.98
C VAL D 126 -30.19 14.54 -3.05
N LEU D 127 -30.79 15.54 -2.40
CA LEU D 127 -30.25 16.89 -2.43
C LEU D 127 -29.83 17.26 -1.02
N TYR D 128 -28.64 16.79 -0.62
CA TYR D 128 -28.06 17.09 0.68
C TYR D 128 -26.86 18.04 0.56
N THR D 129 -25.85 17.66 -0.22
CA THR D 129 -24.61 18.41 -0.26
C THR D 129 -24.82 19.83 -0.79
N GLU D 130 -24.13 20.79 -0.15
CA GLU D 130 -24.12 22.23 -0.44
C GLU D 130 -22.70 22.66 -0.75
N PRO D 131 -22.47 23.85 -1.30
CA PRO D 131 -21.09 24.29 -1.54
C PRO D 131 -20.22 24.33 -0.30
N ASP D 132 -20.77 24.65 0.87
CA ASP D 132 -20.00 24.64 2.12
C ASP D 132 -20.29 23.43 3.00
N ALA D 133 -21.05 22.45 2.51
CA ALA D 133 -21.47 21.29 3.30
C ALA D 133 -21.28 20.02 2.48
N GLY D 134 -20.09 19.44 2.57
CA GLY D 134 -19.80 18.12 2.01
C GLY D 134 -19.78 17.09 3.13
N SER D 135 -18.58 16.68 3.56
CA SER D 135 -18.43 15.83 4.73
C SER D 135 -19.16 16.42 5.94
N ASP D 136 -18.98 17.73 6.16
CA ASP D 136 -19.66 18.45 7.24
C ASP D 136 -21.08 18.82 6.80
N LEU D 137 -21.97 17.83 6.81
CA LEU D 137 -23.30 18.04 6.27
C LEU D 137 -24.14 18.94 7.16
N GLY D 138 -23.85 18.96 8.47
CA GLY D 138 -24.54 19.88 9.37
C GLY D 138 -24.26 21.35 9.09
N ALA D 139 -23.30 21.66 8.24
CA ALA D 139 -23.05 23.04 7.85
C ALA D 139 -24.03 23.56 6.80
N LEU D 140 -25.03 22.75 6.42
CA LEU D 140 -25.96 23.16 5.38
C LEU D 140 -26.70 24.44 5.80
N ARG D 141 -26.86 25.34 4.84
CA ARG D 141 -27.51 26.62 5.09
C ARG D 141 -28.86 26.76 4.40
N THR D 142 -29.34 25.71 3.73
CA THR D 142 -30.65 25.81 3.10
C THR D 142 -31.72 26.04 4.16
N VAL D 143 -32.61 26.98 3.88
CA VAL D 143 -33.61 27.41 4.84
C VAL D 143 -34.99 27.14 4.26
N ALA D 144 -35.88 26.63 5.10
CA ALA D 144 -37.29 26.43 4.75
C ALA D 144 -38.12 27.31 5.68
N GLU D 145 -38.31 28.59 5.29
CA GLU D 145 -39.07 29.53 6.11
C GLU D 145 -40.57 29.34 5.90
N PRO D 146 -41.35 29.38 6.99
CA PRO D 146 -42.77 28.99 6.92
C PRO D 146 -43.62 29.89 6.03
N ASP D 147 -44.67 29.28 5.47
CA ASP D 147 -45.65 29.97 4.63
C ASP D 147 -47.00 29.28 4.82
N GLY D 148 -47.82 29.81 5.73
CA GLY D 148 -49.06 29.13 6.07
C GLY D 148 -48.74 27.79 6.71
N ASP D 149 -49.41 26.74 6.24
CA ASP D 149 -49.01 25.38 6.59
C ASP D 149 -47.98 24.79 5.62
N GLY D 150 -47.36 25.64 4.79
CA GLY D 150 -46.31 25.21 3.88
C GLY D 150 -45.02 25.98 4.05
N TYR D 151 -44.07 25.80 3.13
CA TYR D 151 -42.73 26.39 3.26
C TYR D 151 -42.23 26.91 1.92
N ARG D 152 -41.26 27.83 2.03
CA ARG D 152 -40.52 28.41 0.89
C ARG D 152 -39.04 28.09 1.18
N LEU D 153 -38.37 27.45 0.24
CA LEU D 153 -37.01 26.95 0.43
C LEU D 153 -36.04 27.78 -0.39
N THR D 154 -34.97 28.26 0.25
CA THR D 154 -33.93 29.02 -0.42
C THR D 154 -32.58 28.42 -0.06
N GLY D 155 -31.83 28.01 -1.08
CA GLY D 155 -30.51 27.44 -0.86
C GLY D 155 -29.88 26.97 -2.16
N THR D 156 -28.80 26.22 -2.01
CA THR D 156 -27.99 25.75 -3.12
C THR D 156 -27.58 24.31 -2.81
N LYS D 157 -27.98 23.37 -3.67
CA LYS D 157 -27.63 21.97 -3.54
C LYS D 157 -26.72 21.55 -4.69
N VAL D 158 -25.58 20.92 -4.39
CA VAL D 158 -24.62 20.59 -5.45
C VAL D 158 -24.16 19.13 -5.34
N PHE D 159 -23.74 18.59 -6.50
CA PHE D 159 -23.07 17.29 -6.67
C PHE D 159 -24.01 16.09 -6.57
N SER D 160 -25.27 16.28 -6.95
CA SER D 160 -26.19 15.15 -7.08
C SER D 160 -26.10 14.57 -8.47
N LEU D 161 -26.39 13.28 -8.59
CA LEU D 161 -26.42 12.64 -9.90
C LEU D 161 -27.86 12.45 -10.34
N LYS D 162 -28.07 12.48 -11.66
CA LYS D 162 -29.32 12.15 -12.34
C LYS D 162 -30.36 13.24 -12.23
N THR D 163 -30.04 14.38 -11.62
CA THR D 163 -31.08 15.28 -11.15
C THR D 163 -31.86 15.90 -12.30
N ARG D 164 -31.19 16.29 -13.40
CA ARG D 164 -31.92 16.85 -14.54
C ARG D 164 -32.84 15.82 -15.22
N PHE D 165 -32.87 14.58 -14.73
CA PHE D 165 -33.74 13.54 -15.26
C PHE D 165 -34.87 13.16 -14.32
N VAL D 166 -34.87 13.64 -13.08
CA VAL D 166 -35.77 13.12 -12.05
C VAL D 166 -36.91 14.10 -11.80
N ASP D 167 -37.85 13.69 -10.95
CA ASP D 167 -39.03 14.47 -10.59
C ASP D 167 -38.99 15.02 -9.18
N LEU D 168 -38.42 14.30 -8.23
CA LEU D 168 -38.47 14.66 -6.82
C LEU D 168 -37.06 14.77 -6.25
N GLY D 169 -36.94 15.60 -5.23
CA GLY D 169 -35.64 15.81 -4.58
C GLY D 169 -35.79 15.69 -3.09
N LEU D 170 -35.11 14.72 -2.48
CA LEU D 170 -35.18 14.65 -1.00
C LEU D 170 -34.25 15.76 -0.56
N CYS D 171 -34.79 16.79 0.06
CA CYS D 171 -33.97 17.98 0.35
C CYS D 171 -33.94 18.30 1.85
N ALA D 172 -32.75 18.43 2.39
CA ALA D 172 -32.61 18.82 3.79
C ALA D 172 -32.59 20.33 3.88
N ALA D 173 -33.36 20.87 4.83
CA ALA D 173 -33.51 22.30 5.00
C ALA D 173 -33.66 22.63 6.47
N ARG D 174 -33.22 23.82 6.85
CA ARG D 174 -33.39 24.27 8.23
C ARG D 174 -34.78 24.86 8.39
N THR D 175 -35.66 24.14 9.09
CA THR D 175 -36.94 24.72 9.48
C THR D 175 -36.82 25.64 10.69
N THR D 176 -35.64 25.72 11.31
CA THR D 176 -35.43 26.58 12.47
C THR D 176 -33.97 26.93 12.51
N PRO D 177 -33.55 27.93 11.74
CA PRO D 177 -32.17 28.39 11.82
C PRO D 177 -31.90 29.04 13.18
N GLY D 178 -30.61 29.07 13.53
CA GLY D 178 -30.20 29.55 14.83
C GLY D 178 -30.37 28.54 15.94
N ALA D 179 -30.76 27.32 15.62
CA ALA D 179 -31.05 26.27 16.59
C ALA D 179 -29.85 25.40 16.92
N GLY D 180 -28.65 25.79 16.49
CA GLY D 180 -27.50 24.92 16.63
C GLY D 180 -27.31 24.03 15.41
N LYS D 181 -26.04 23.67 15.17
CA LYS D 181 -25.58 22.92 13.97
C LYS D 181 -26.50 21.76 13.57
N TYR D 182 -26.76 20.83 14.47
CA TYR D 182 -27.48 19.61 14.13
C TYR D 182 -28.91 19.60 14.68
N GLN D 183 -29.45 20.81 14.81
CA GLN D 183 -30.83 20.98 15.27
C GLN D 183 -31.56 21.86 14.26
N GLY D 184 -32.87 21.74 14.21
CA GLY D 184 -33.67 22.61 13.37
C GLY D 184 -33.83 22.17 11.93
N ILE D 185 -33.49 20.92 11.63
CA ILE D 185 -33.34 20.46 10.25
C ILE D 185 -34.50 19.55 9.93
N SER D 186 -35.13 19.76 8.77
CA SER D 186 -36.20 18.90 8.31
C SER D 186 -35.99 18.52 6.85
N LEU D 187 -36.66 17.43 6.47
CA LEU D 187 -36.58 16.86 5.13
C LEU D 187 -37.81 17.18 4.29
N PHE D 188 -37.59 17.52 3.02
CA PHE D 188 -38.69 17.81 2.11
C PHE D 188 -38.61 16.95 0.86
N LEU D 189 -39.75 16.52 0.38
CA LEU D 189 -39.85 15.91 -0.95
C LEU D 189 -40.23 17.00 -1.94
N VAL D 190 -39.22 17.63 -2.52
CA VAL D 190 -39.42 18.82 -3.35
C VAL D 190 -39.77 18.41 -4.77
N ASP D 191 -40.82 19.03 -5.34
CA ASP D 191 -41.18 18.82 -6.74
C ASP D 191 -40.26 19.66 -7.60
N LEU D 192 -39.33 19.02 -8.32
CA LEU D 192 -38.30 19.75 -9.05
C LEU D 192 -38.83 20.54 -10.24
N THR D 193 -40.14 20.50 -10.50
CA THR D 193 -40.82 21.37 -11.47
C THR D 193 -41.28 22.70 -10.88
N ALA D 194 -41.31 22.83 -9.55
CA ALA D 194 -41.88 24.01 -8.89
C ALA D 194 -41.12 25.28 -9.25
N PRO D 195 -41.80 26.44 -9.25
CA PRO D 195 -41.09 27.69 -9.53
C PRO D 195 -40.00 27.92 -8.50
N GLY D 196 -38.89 28.50 -8.95
CA GLY D 196 -37.74 28.71 -8.10
C GLY D 196 -36.70 27.61 -8.16
N VAL D 197 -37.01 26.46 -8.77
CA VAL D 197 -36.02 25.40 -8.95
C VAL D 197 -35.35 25.60 -10.31
N THR D 198 -34.03 25.77 -10.30
CA THR D 198 -33.22 25.74 -11.51
C THR D 198 -32.17 24.65 -11.35
N VAL D 199 -32.20 23.65 -12.23
CA VAL D 199 -31.25 22.54 -12.25
C VAL D 199 -30.30 22.77 -13.41
N SER D 200 -29.00 22.60 -13.17
CA SER D 200 -27.95 22.75 -14.17
C SER D 200 -26.85 21.72 -13.89
N VAL D 201 -25.99 21.48 -14.86
CA VAL D 201 -24.97 20.42 -14.74
C VAL D 201 -23.64 21.01 -14.33
N ILE D 202 -22.97 20.31 -13.41
CA ILE D 202 -21.55 20.50 -13.16
C ILE D 202 -20.80 19.41 -13.93
N PRO D 203 -20.09 19.75 -15.00
CA PRO D 203 -19.42 18.69 -15.78
C PRO D 203 -18.47 17.91 -14.89
N GLY D 204 -18.50 16.58 -15.02
CA GLY D 204 -17.54 15.72 -14.35
C GLY D 204 -16.90 14.72 -15.30
N VAL D 205 -15.74 14.21 -14.89
CA VAL D 205 -14.97 13.29 -15.75
C VAL D 205 -15.73 11.99 -15.99
N SER D 206 -16.57 11.59 -15.05
CA SER D 206 -17.36 10.38 -15.16
C SER D 206 -18.36 10.53 -16.32
N ASP D 207 -18.99 9.41 -16.72
CA ASP D 207 -20.08 9.46 -17.69
C ASP D 207 -21.27 10.22 -17.13
N GLU D 208 -21.69 9.86 -15.92
CA GLU D 208 -22.82 10.51 -15.29
C GLU D 208 -22.37 11.82 -14.67
N GLN D 209 -23.13 12.89 -14.95
CA GLN D 209 -22.76 14.26 -14.61
C GLN D 209 -23.31 14.67 -13.24
N PHE D 210 -22.64 15.62 -12.61
CA PHE D 210 -23.13 16.22 -11.39
C PHE D 210 -24.05 17.39 -11.71
N HIS D 211 -24.78 17.84 -10.68
CA HIS D 211 -25.80 18.86 -10.86
C HIS D 211 -25.72 19.89 -9.75
N ARG D 212 -26.08 21.11 -10.12
CA ARG D 212 -26.33 22.18 -9.18
C ARG D 212 -27.83 22.46 -9.17
N VAL D 213 -28.42 22.51 -8.00
CA VAL D 213 -29.83 22.79 -7.83
C VAL D 213 -29.91 24.08 -7.04
N ASP D 214 -30.43 25.14 -7.66
CA ASP D 214 -30.65 26.41 -6.98
C ASP D 214 -32.11 26.49 -6.55
N LEU D 215 -32.33 26.83 -5.29
CA LEU D 215 -33.67 26.94 -4.72
C LEU D 215 -33.89 28.40 -4.31
N ASP D 216 -34.81 29.07 -5.02
CA ASP D 216 -35.17 30.48 -4.82
C ASP D 216 -36.65 30.57 -4.42
N ALA D 217 -36.92 30.61 -3.12
CA ALA D 217 -38.27 30.71 -2.58
C ALA D 217 -39.21 29.68 -3.21
N VAL D 218 -38.73 28.43 -3.28
CA VAL D 218 -39.52 27.34 -3.86
C VAL D 218 -40.61 26.95 -2.86
N PRO D 219 -41.88 26.87 -3.28
CA PRO D 219 -42.95 26.43 -2.38
C PRO D 219 -42.95 24.93 -2.17
N VAL D 220 -43.07 24.52 -0.90
CA VAL D 220 -43.12 23.11 -0.53
C VAL D 220 -44.34 22.91 0.34
N SER D 221 -45.28 22.06 -0.12
CA SER D 221 -46.50 21.80 0.63
C SER D 221 -46.15 21.23 2.00
N GLY D 222 -47.01 21.51 2.97
CA GLY D 222 -46.80 20.99 4.32
C GLY D 222 -46.84 19.47 4.37
N ASP D 223 -47.69 18.86 3.55
CA ASP D 223 -47.79 17.39 3.49
C ASP D 223 -46.58 16.75 2.76
N ASP D 224 -45.57 17.55 2.40
CA ASP D 224 -44.34 17.08 1.80
C ASP D 224 -43.15 17.18 2.73
N LEU D 225 -43.33 17.71 3.93
CA LEU D 225 -42.32 17.56 4.98
C LEU D 225 -42.53 16.18 5.58
N ILE D 226 -41.58 15.29 5.36
CA ILE D 226 -41.75 13.89 5.73
C ILE D 226 -40.83 13.58 6.91
N GLY D 227 -41.37 12.85 7.88
CA GLY D 227 -40.76 12.73 9.19
C GLY D 227 -41.20 13.86 10.09
N ALA D 228 -40.84 13.74 11.37
CA ALA D 228 -41.18 14.78 12.34
C ALA D 228 -40.47 16.09 11.98
N ARG D 229 -41.21 17.18 12.03
CA ARG D 229 -40.61 18.49 11.79
C ARG D 229 -39.42 18.72 12.74
N ASP D 230 -38.35 19.31 12.19
CA ASP D 230 -37.13 19.71 12.88
C ASP D 230 -36.31 18.53 13.38
N GLN D 231 -36.80 17.31 13.14
CA GLN D 231 -36.06 16.11 13.59
C GLN D 231 -35.39 15.44 12.38
N GLY D 232 -35.07 16.23 11.37
CA GLY D 232 -34.44 15.77 10.13
C GLY D 232 -33.04 15.20 10.31
N TRP D 233 -32.21 15.78 11.17
CA TRP D 233 -30.80 15.31 11.25
C TRP D 233 -30.68 13.86 11.66
N PRO D 234 -31.39 13.37 12.70
CA PRO D 234 -31.32 11.98 13.05
C PRO D 234 -31.87 11.09 11.93
N LEU D 235 -32.95 11.52 11.31
CA LEU D 235 -33.60 10.73 10.23
C LEU D 235 -32.64 10.52 9.06
N LEU D 236 -31.81 11.50 8.71
CA LEU D 236 -30.89 11.29 7.56
C LEU D 236 -29.90 10.20 7.93
N ASN D 237 -29.35 10.30 9.14
CA ASN D 237 -28.33 9.32 9.58
C ASN D 237 -28.94 7.93 9.64
N GLU D 238 -30.16 7.80 10.14
CA GLU D 238 -30.78 6.45 10.24
C GLU D 238 -30.93 5.90 8.83
N ALA D 239 -31.42 6.74 7.92
CA ALA D 239 -31.63 6.27 6.54
C ALA D 239 -30.30 5.84 5.93
N LEU D 240 -29.24 6.63 6.12
CA LEU D 240 -27.94 6.29 5.48
C LEU D 240 -27.46 4.95 6.02
N ALA D 241 -27.54 4.77 7.34
CA ALA D 241 -27.01 3.52 7.91
C ALA D 241 -27.80 2.34 7.35
N ILE D 242 -29.12 2.47 7.28
CA ILE D 242 -29.94 1.34 6.73
C ILE D 242 -29.56 1.06 5.27
N GLU D 243 -29.33 2.11 4.49
CA GLU D 243 -28.93 2.04 3.05
C GLU D 243 -27.57 1.33 2.84
N ARG D 244 -26.59 1.53 3.73
CA ARG D 244 -25.21 1.01 3.55
C ARG D 244 -25.06 -0.52 3.56
N THR D 245 -24.75 -1.18 2.42
CA THR D 245 -24.49 -2.61 2.42
C THR D 245 -23.19 -3.01 1.74
N GLY D 246 -22.65 -2.18 0.86
CA GLY D 246 -21.56 -2.60 0.01
C GLY D 246 -21.99 -3.40 -1.21
N LEU D 247 -23.27 -3.68 -1.38
CA LEU D 247 -23.66 -4.51 -2.52
C LEU D 247 -23.41 -3.78 -3.84
N ASP D 248 -23.72 -2.49 -3.91
CA ASP D 248 -23.55 -1.78 -5.18
C ASP D 248 -22.09 -1.73 -5.62
N TYR D 249 -21.16 -1.47 -4.71
CA TYR D 249 -19.75 -1.46 -5.09
C TYR D 249 -19.23 -2.86 -5.41
N PHE D 250 -19.71 -3.87 -4.68
CA PHE D 250 -19.34 -5.25 -5.00
C PHE D 250 -19.66 -5.55 -6.46
N LEU D 251 -20.82 -5.07 -6.94
CA LEU D 251 -21.24 -5.36 -8.31
C LEU D 251 -20.44 -4.56 -9.35
N LYS D 252 -19.97 -3.35 -9.01
CA LYS D 252 -19.08 -2.66 -9.95
C LYS D 252 -17.76 -3.40 -10.08
N ALA D 253 -17.22 -3.86 -8.97
CA ALA D 253 -15.96 -4.60 -8.98
C ALA D 253 -16.09 -5.89 -9.75
N GLU D 254 -17.21 -6.60 -9.59
CA GLU D 254 -17.41 -7.87 -10.30
C GLU D 254 -17.55 -7.66 -11.81
N ARG D 255 -18.35 -6.68 -12.21
CA ARG D 255 -18.41 -6.28 -13.61
C ARG D 255 -17.01 -5.97 -14.17
N TRP D 256 -16.21 -5.17 -13.44
CA TRP D 256 -14.97 -4.69 -14.03
C TRP D 256 -13.93 -5.80 -14.09
N LEU D 257 -13.84 -6.62 -13.04
CA LEU D 257 -12.95 -7.78 -13.08
C LEU D 257 -13.32 -8.72 -14.23
N GLU D 258 -14.62 -8.93 -14.43
CA GLU D 258 -15.09 -9.75 -15.55
C GLU D 258 -14.85 -9.12 -16.92
N ALA D 259 -14.94 -7.79 -17.03
CA ALA D 259 -14.58 -7.15 -18.29
C ALA D 259 -13.10 -7.34 -18.57
N ALA D 260 -12.26 -7.30 -17.54
CA ALA D 260 -10.82 -7.41 -17.73
C ALA D 260 -10.44 -8.83 -18.11
N LEU D 261 -11.14 -9.82 -17.57
CA LEU D 261 -10.90 -11.21 -17.97
C LEU D 261 -11.32 -11.46 -19.41
N GLU D 262 -12.45 -10.87 -19.82
CA GLU D 262 -12.89 -10.95 -21.21
C GLU D 262 -11.82 -10.39 -22.14
N ALA D 263 -11.30 -9.20 -21.82
CA ALA D 263 -10.28 -8.58 -22.64
C ALA D 263 -9.05 -9.48 -22.76
N LEU D 264 -8.63 -10.08 -21.65
CA LEU D 264 -7.42 -10.89 -21.65
C LEU D 264 -7.64 -12.22 -22.35
N ALA D 265 -8.82 -12.81 -22.14
CA ALA D 265 -9.08 -14.13 -22.72
C ALA D 265 -9.06 -14.06 -24.24
N ASP D 266 -9.61 -12.99 -24.82
CA ASP D 266 -9.65 -12.84 -26.27
C ASP D 266 -8.34 -12.25 -26.78
N ARG D 267 -7.24 -12.97 -26.50
CA ARG D 267 -5.90 -12.47 -26.84
C ARG D 267 -4.83 -13.54 -26.56
N ASP D 268 -3.74 -13.53 -27.34
CA ASP D 268 -2.75 -14.60 -27.28
C ASP D 268 -2.11 -14.69 -25.88
N PRO D 269 -1.61 -15.89 -25.49
CA PRO D 269 -1.00 -16.09 -24.16
C PRO D 269 0.36 -15.40 -23.99
N HIS D 273 0.20 -14.26 -20.11
CA HIS D 273 -0.26 -13.20 -19.21
C HIS D 273 0.25 -13.41 -17.79
N ASP D 274 1.49 -13.87 -17.65
CA ASP D 274 2.04 -14.11 -16.32
C ASP D 274 2.03 -12.84 -15.48
N ALA D 275 2.01 -11.67 -16.13
CA ALA D 275 1.99 -10.40 -15.42
C ALA D 275 0.72 -10.24 -14.59
N HIS D 276 -0.42 -10.59 -15.17
CA HIS D 276 -1.70 -10.30 -14.56
C HIS D 276 -2.16 -11.31 -13.52
N LEU D 277 -1.52 -12.48 -13.45
CA LEU D 277 -2.08 -13.59 -12.69
C LEU D 277 -2.31 -13.21 -11.23
N GLU D 278 -1.33 -12.55 -10.62
CA GLU D 278 -1.44 -12.21 -9.21
C GLU D 278 -2.59 -11.24 -8.96
N HIS D 279 -2.75 -10.24 -9.81
CA HIS D 279 -3.85 -9.32 -9.62
C HIS D 279 -5.18 -10.02 -9.81
N ILE D 280 -5.26 -10.93 -10.78
CA ILE D 280 -6.51 -11.63 -11.00
C ILE D 280 -6.89 -12.42 -9.77
N GLY D 281 -5.89 -13.10 -9.18
CA GLY D 281 -6.08 -13.92 -8.01
C GLY D 281 -6.55 -13.12 -6.81
N ARG D 282 -5.79 -12.10 -6.43
CA ARG D 282 -6.14 -11.31 -5.25
C ARG D 282 -7.49 -10.63 -5.44
N PHE D 283 -7.74 -10.11 -6.64
CA PHE D 283 -9.01 -9.44 -6.88
C PHE D 283 -10.19 -10.41 -6.83
N ASP D 284 -10.02 -11.63 -7.33
CA ASP D 284 -11.12 -12.59 -7.27
C ASP D 284 -11.36 -13.07 -5.84
N GLY D 285 -10.29 -13.23 -5.04
CA GLY D 285 -10.48 -13.55 -3.63
C GLY D 285 -11.10 -12.42 -2.83
N ALA D 286 -10.63 -11.19 -3.04
CA ALA D 286 -11.21 -10.05 -2.33
C ALA D 286 -12.67 -9.86 -2.72
N LEU D 287 -13.01 -10.11 -3.98
CA LEU D 287 -14.42 -10.09 -4.37
C LEU D 287 -15.21 -11.13 -3.59
N ALA D 288 -14.65 -12.33 -3.45
CA ALA D 288 -15.28 -13.39 -2.67
C ALA D 288 -15.52 -12.95 -1.24
N ALA D 289 -14.52 -12.35 -0.62
CA ALA D 289 -14.71 -11.83 0.74
C ALA D 289 -15.79 -10.75 0.75
N ASP D 290 -15.83 -9.95 -0.31
CA ASP D 290 -16.71 -8.80 -0.28
C ASP D 290 -18.17 -9.17 -0.50
N HIS D 291 -18.43 -10.22 -1.30
CA HIS D 291 -19.78 -10.74 -1.45
C HIS D 291 -20.34 -11.17 -0.09
N VAL D 292 -19.53 -11.87 0.69
CA VAL D 292 -19.93 -12.39 1.99
C VAL D 292 -20.22 -11.25 2.97
N LEU D 293 -19.31 -10.26 3.03
CA LEU D 293 -19.55 -9.12 3.92
C LEU D 293 -20.83 -8.39 3.55
N ALA D 294 -21.10 -8.22 2.25
CA ALA D 294 -22.30 -7.52 1.84
C ALA D 294 -23.54 -8.27 2.32
N TRP D 295 -23.62 -9.57 2.02
CA TRP D 295 -24.75 -10.37 2.43
C TRP D 295 -24.83 -10.54 3.95
N GLU D 296 -23.71 -10.37 4.67
CA GLU D 296 -23.74 -10.33 6.11
C GLU D 296 -24.61 -9.18 6.62
N VAL D 297 -24.46 -7.99 6.01
CA VAL D 297 -25.29 -6.87 6.48
C VAL D 297 -26.73 -7.01 6.02
N LEU D 298 -26.97 -7.57 4.82
CA LEU D 298 -28.35 -7.77 4.37
C LEU D 298 -29.08 -8.80 5.23
N THR D 299 -28.40 -9.87 5.59
CA THR D 299 -28.97 -10.86 6.49
C THR D 299 -29.46 -10.21 7.77
N GLY D 300 -28.58 -9.41 8.40
CA GLY D 300 -28.97 -8.71 9.61
C GLY D 300 -30.08 -7.70 9.40
N LEU D 301 -30.03 -6.94 8.30
CA LEU D 301 -31.10 -5.99 8.02
C LEU D 301 -32.43 -6.73 7.88
N ALA D 302 -32.40 -7.89 7.22
CA ALA D 302 -33.57 -8.75 7.09
C ALA D 302 -34.15 -9.15 8.45
N SER D 303 -33.34 -9.18 9.51
CA SER D 303 -33.77 -9.58 10.83
C SER D 303 -33.83 -8.41 11.81
N GLY D 304 -34.07 -7.19 11.31
CA GLY D 304 -34.21 -6.02 12.14
C GLY D 304 -32.95 -5.51 12.81
N ARG D 305 -31.88 -6.31 12.86
CA ARG D 305 -30.62 -5.90 13.47
C ARG D 305 -29.96 -4.81 12.62
N VAL D 306 -29.77 -3.64 13.20
CA VAL D 306 -28.97 -2.58 12.59
C VAL D 306 -27.63 -2.56 13.31
N ASP D 307 -26.55 -2.54 12.54
CA ASP D 307 -25.19 -2.62 13.08
C ASP D 307 -24.29 -1.70 12.26
N PRO D 308 -24.06 -0.47 12.72
CA PRO D 308 -23.33 0.50 11.88
C PRO D 308 -21.91 0.07 11.52
N VAL D 309 -21.22 -0.61 12.44
CA VAL D 309 -19.82 -0.96 12.23
C VAL D 309 -19.67 -1.96 11.09
N THR D 310 -20.45 -3.05 11.12
CA THR D 310 -20.38 -4.04 10.05
C THR D 310 -20.79 -3.43 8.72
N ALA D 311 -21.75 -2.51 8.73
CA ALA D 311 -22.11 -1.85 7.48
C ALA D 311 -20.98 -0.95 6.98
N ALA D 312 -20.25 -0.30 7.89
CA ALA D 312 -19.12 0.54 7.48
C ALA D 312 -17.97 -0.30 6.93
N VAL D 313 -17.69 -1.44 7.58
CA VAL D 313 -16.69 -2.39 7.07
C VAL D 313 -17.02 -2.76 5.63
N ALA D 314 -18.27 -3.09 5.35
CA ALA D 314 -18.64 -3.59 4.03
C ALA D 314 -18.55 -2.48 2.98
N LYS D 315 -19.11 -1.31 3.29
CA LYS D 315 -18.98 -0.15 2.43
C LYS D 315 -17.51 0.13 2.11
N TYR D 316 -16.65 0.19 3.15
CA TYR D 316 -15.25 0.52 2.94
C TYR D 316 -14.56 -0.54 2.09
N HIS D 317 -14.68 -1.81 2.50
CA HIS D 317 -14.01 -2.88 1.77
C HIS D 317 -14.46 -2.93 0.31
N SER D 318 -15.76 -2.75 0.05
CA SER D 318 -16.26 -2.89 -1.31
C SER D 318 -15.95 -1.67 -2.17
N SER D 319 -16.10 -0.46 -1.63
CA SER D 319 -15.78 0.72 -2.41
C SER D 319 -14.29 0.77 -2.74
N GLU D 320 -13.43 0.47 -1.77
CA GLU D 320 -11.99 0.47 -2.00
C GLU D 320 -11.57 -0.60 -3.01
N LEU D 321 -12.16 -1.77 -2.91
CA LEU D 321 -11.85 -2.83 -3.88
C LEU D 321 -12.27 -2.42 -5.28
N ALA D 322 -13.46 -1.82 -5.42
CA ALA D 322 -13.92 -1.43 -6.75
C ALA D 322 -12.97 -0.39 -7.38
N ARG D 323 -12.46 0.53 -6.56
CA ARG D 323 -11.47 1.49 -7.07
C ARG D 323 -10.20 0.78 -7.54
N ASP D 324 -9.70 -0.16 -6.72
CA ASP D 324 -8.49 -0.91 -7.08
C ASP D 324 -8.69 -1.73 -8.34
N VAL D 325 -9.87 -2.34 -8.49
CA VAL D 325 -10.14 -3.13 -9.69
C VAL D 325 -10.21 -2.20 -10.91
N ALA D 326 -10.91 -1.08 -10.78
CA ALA D 326 -10.99 -0.15 -11.91
C ALA D 326 -9.61 0.39 -12.31
N GLU D 327 -8.78 0.76 -11.33
CA GLU D 327 -7.48 1.31 -11.68
C GLU D 327 -6.62 0.28 -12.40
N TRP D 328 -6.59 -0.95 -11.88
CA TRP D 328 -5.79 -2.00 -12.50
C TRP D 328 -6.32 -2.34 -13.88
N ALA D 329 -7.63 -2.56 -13.97
CA ALA D 329 -8.19 -3.16 -15.17
C ALA D 329 -8.24 -2.20 -16.34
N ALA D 330 -8.22 -0.89 -16.07
CA ALA D 330 -8.17 0.09 -17.16
C ALA D 330 -6.90 -0.09 -18.00
N GLY D 331 -5.83 -0.61 -17.42
CA GLY D 331 -4.66 -0.86 -18.25
C GLY D 331 -4.64 -2.20 -18.96
N VAL D 332 -5.71 -2.99 -18.87
CA VAL D 332 -5.67 -4.34 -19.41
C VAL D 332 -5.96 -4.35 -20.91
N PRO D 333 -6.98 -3.64 -21.42
CA PRO D 333 -7.21 -3.63 -22.87
C PRO D 333 -6.01 -3.11 -23.64
N ASP D 334 -5.63 -3.86 -24.69
CA ASP D 334 -4.49 -3.47 -25.49
C ASP D 334 -4.92 -2.47 -26.55
N PRO D 335 -3.97 -1.91 -27.32
CA PRO D 335 -4.35 -0.82 -28.22
C PRO D 335 -5.37 -1.22 -29.27
N GLY D 336 -5.28 -2.42 -29.85
CA GLY D 336 -6.28 -2.84 -30.82
C GLY D 336 -7.69 -2.88 -30.24
N GLN D 337 -7.83 -3.40 -29.01
CA GLN D 337 -9.15 -3.47 -28.40
C GLN D 337 -9.71 -2.07 -28.14
N ARG D 338 -8.85 -1.13 -27.74
CA ARG D 338 -9.30 0.25 -27.59
C ARG D 338 -9.73 0.83 -28.93
N ALA D 339 -8.95 0.58 -29.99
CA ALA D 339 -9.31 1.09 -31.30
C ALA D 339 -10.61 0.46 -31.78
N ASP D 340 -10.77 -0.84 -31.57
CA ASP D 340 -11.95 -1.54 -32.05
C ASP D 340 -13.18 -1.31 -31.19
N ARG D 341 -13.06 -0.55 -30.09
CA ARG D 341 -14.12 -0.43 -29.11
C ARG D 341 -14.66 -1.81 -28.72
N ALA D 342 -13.76 -2.72 -28.38
CA ALA D 342 -14.18 -3.94 -27.70
C ALA D 342 -15.04 -3.56 -26.50
N PRO D 343 -16.23 -4.16 -26.33
CA PRO D 343 -17.12 -3.74 -25.23
C PRO D 343 -16.43 -3.74 -23.86
N ALA D 344 -15.54 -4.71 -23.62
CA ALA D 344 -14.75 -4.67 -22.41
C ALA D 344 -13.98 -3.35 -22.29
N ALA D 345 -13.39 -2.88 -23.39
CA ALA D 345 -12.62 -1.64 -23.34
C ALA D 345 -13.52 -0.46 -23.00
N VAL D 346 -14.70 -0.39 -23.62
CA VAL D 346 -15.64 0.68 -23.32
C VAL D 346 -15.97 0.67 -21.83
N VAL D 347 -16.33 -0.50 -21.31
CA VAL D 347 -16.73 -0.61 -19.91
C VAL D 347 -15.60 -0.20 -18.98
N LEU D 348 -14.37 -0.58 -19.32
CA LEU D 348 -13.25 -0.26 -18.45
C LEU D 348 -12.83 1.20 -18.57
N ASP D 349 -13.01 1.82 -19.73
CA ASP D 349 -12.77 3.26 -19.83
C ASP D 349 -13.75 4.03 -18.95
N SER D 350 -15.03 3.63 -18.97
CA SER D 350 -15.99 4.20 -18.04
C SER D 350 -15.55 3.99 -16.60
N ALA D 351 -15.11 2.77 -16.28
CA ALA D 351 -14.80 2.41 -14.91
C ALA D 351 -13.68 3.29 -14.32
N TYR D 352 -12.60 3.49 -15.07
CA TYR D 352 -11.50 4.34 -14.61
C TYR D 352 -11.99 5.73 -14.26
N ARG D 353 -12.79 6.34 -15.14
CA ARG D 353 -13.31 7.68 -14.87
C ARG D 353 -14.36 7.69 -13.76
N GLU D 354 -15.02 6.57 -13.50
CA GLU D 354 -15.95 6.54 -12.37
C GLU D 354 -15.22 6.38 -11.03
N ALA D 355 -14.19 5.52 -10.98
CA ALA D 355 -13.53 5.08 -9.75
C ALA D 355 -13.30 6.14 -8.67
N PRO D 356 -12.85 7.37 -8.96
CA PRO D 356 -12.57 8.31 -7.85
C PRO D 356 -13.79 8.62 -6.99
N GLY D 357 -15.00 8.50 -7.54
CA GLY D 357 -16.17 8.84 -6.73
C GLY D 357 -16.55 7.81 -5.69
N LEU D 358 -16.16 6.55 -5.90
CA LEU D 358 -16.70 5.46 -5.09
C LEU D 358 -16.29 5.57 -3.62
N THR D 359 -15.08 6.08 -3.35
CA THR D 359 -14.63 6.25 -1.98
C THR D 359 -15.06 7.59 -1.41
N LEU D 360 -15.92 8.32 -2.13
CA LEU D 360 -16.47 9.61 -1.72
C LEU D 360 -17.98 9.62 -1.54
N SER D 361 -18.73 8.81 -2.28
CA SER D 361 -20.19 8.87 -2.21
C SER D 361 -20.74 8.00 -1.09
N ALA D 362 -21.84 8.46 -0.49
CA ALA D 362 -22.59 7.69 0.51
C ALA D 362 -21.77 7.48 1.78
N GLY D 363 -20.93 8.47 2.13
CA GLY D 363 -19.96 8.36 3.20
C GLY D 363 -18.57 8.12 2.64
N THR D 364 -17.62 9.00 2.96
CA THR D 364 -16.25 8.83 2.48
C THR D 364 -15.55 7.71 3.22
N SER D 365 -14.43 7.27 2.64
CA SER D 365 -13.64 6.23 3.27
C SER D 365 -13.17 6.64 4.67
N GLU D 366 -12.83 7.92 4.84
CA GLU D 366 -12.45 8.45 6.14
C GLU D 366 -13.58 8.34 7.14
N VAL D 367 -14.81 8.66 6.74
CA VAL D 367 -15.91 8.56 7.70
C VAL D 367 -16.22 7.09 8.01
N MET D 368 -16.02 6.17 7.06
CA MET D 368 -16.23 4.76 7.37
C MET D 368 -15.26 4.28 8.44
N LEU D 369 -14.00 4.76 8.37
CA LEU D 369 -13.00 4.37 9.37
C LEU D 369 -13.34 4.93 10.73
N GLN D 370 -13.82 6.18 10.77
CA GLN D 370 -14.29 6.75 12.02
C GLN D 370 -15.40 5.93 12.63
N ILE D 371 -16.38 5.51 11.81
CA ILE D 371 -17.43 4.66 12.33
C ILE D 371 -16.87 3.35 12.85
N MET D 372 -15.83 2.80 12.19
CA MET D 372 -15.27 1.55 12.69
C MET D 372 -14.58 1.74 14.04
N ALA D 373 -13.87 2.84 14.22
CA ALA D 373 -13.21 3.03 15.51
C ALA D 373 -14.21 3.01 16.65
N THR D 374 -15.49 3.29 16.38
CA THR D 374 -16.56 3.20 17.38
C THR D 374 -16.57 1.84 18.09
N ALA D 375 -16.24 0.76 17.36
CA ALA D 375 -16.20 -0.58 17.94
C ALA D 375 -15.14 -0.73 19.03
N PHE D 376 -14.05 0.04 18.95
CA PHE D 376 -12.93 -0.09 19.88
C PHE D 376 -13.27 0.34 21.30
N ASP D 377 -14.35 1.12 21.48
CA ASP D 377 -14.84 1.57 22.77
C ASP D 377 -16.00 0.73 23.28
N SER D 378 -16.34 -0.35 22.59
CA SER D 378 -17.41 -1.24 22.99
C SER D 378 -16.87 -2.45 23.75
N LEU D 379 -17.52 -2.80 24.86
CA LEU D 379 -17.11 -3.95 25.65
C LEU D 379 -17.45 -5.26 24.95
N GLY D 380 -18.38 -5.23 24.02
CA GLY D 380 -18.73 -6.45 23.29
C GLY D 380 -17.91 -6.58 22.03
N GLN D 381 -16.66 -6.14 22.07
CA GLN D 381 -15.76 -6.15 20.89
C GLN D 381 -15.54 -7.58 20.41
N GLU D 382 -15.25 -8.50 21.31
CA GLU D 382 -14.99 -9.90 20.92
C GLU D 382 -16.29 -10.70 21.03
PA FAD E . 3.98 6.63 21.37
O1A FAD E . 4.32 8.01 21.78
O2A FAD E . 3.36 5.77 22.38
O5B FAD E . 3.11 6.68 20.05
C5B FAD E . 2.45 5.51 19.56
C4B FAD E . 2.14 5.69 18.09
O4B FAD E . 1.31 6.86 17.93
C3B FAD E . 3.34 5.88 17.16
O3B FAD E . 3.17 5.23 15.92
C2B FAD E . 3.35 7.40 16.94
O2B FAD E . 3.86 7.77 15.70
C1B FAD E . 1.86 7.71 16.98
N9A FAD E . 1.63 9.06 17.42
C8A FAD E . 1.96 9.59 18.62
N7A FAD E . 1.61 10.83 18.73
C5A FAD E . 1.02 11.14 17.52
C6A FAD E . 0.45 12.31 17.01
N6A FAD E . 0.36 13.45 17.69
N1A FAD E . -0.07 12.27 15.76
C2A FAD E . 0.02 11.13 15.09
N3A FAD E . 0.55 9.96 15.46
C4A FAD E . 1.03 10.04 16.70
N1 FAD E . 14.66 7.25 23.36
C2 FAD E . 15.70 7.84 23.95
O2 FAD E . 15.53 8.69 24.79
N3 FAD E . 16.96 7.55 23.64
C4 FAD E . 17.27 6.62 22.70
O4 FAD E . 18.44 6.39 22.47
C4X FAD E . 16.22 5.96 22.07
N5 FAD E . 16.51 5.07 21.17
C5X FAD E . 15.47 4.43 20.58
C6 FAD E . 15.75 3.44 19.63
C7 FAD E . 14.75 2.76 18.99
C7M FAD E . 15.08 1.72 17.96
C8 FAD E . 13.42 3.05 19.29
C8M FAD E . 12.31 2.31 18.60
C9 FAD E . 13.13 4.01 20.22
C9A FAD E . 14.13 4.71 20.88
N10 FAD E . 13.87 5.69 21.83
C10 FAD E . 14.90 6.34 22.47
C1' FAD E . 12.48 6.01 22.17
C2' FAD E . 11.73 6.65 21.03
O2' FAD E . 12.10 7.99 20.92
C3' FAD E . 10.21 6.54 21.17
O3' FAD E . 9.85 5.28 20.74
C4' FAD E . 9.47 7.58 20.34
O4' FAD E . 9.70 8.89 20.86
C5' FAD E . 7.98 7.36 20.24
O5' FAD E . 7.44 6.98 21.50
P FAD E . 6.62 5.64 21.62
O1P FAD E . 7.36 4.51 21.05
O2P FAD E . 6.15 5.53 23.01
O3P FAD E . 5.29 5.93 20.82
OH2 1PE F . 31.15 26.62 5.39
C12 1PE F . 30.53 25.74 6.30
C22 1PE F . 31.22 24.43 6.34
OH3 1PE F . 30.53 23.52 7.18
C13 1PE F . 30.38 22.41 9.24
C23 1PE F . 30.97 23.57 8.52
OH4 1PE F . 30.75 21.20 8.59
C14 1PE F . 32.25 20.37 10.27
C24 1PE F . 32.10 20.82 8.85
OH5 1PE F . 31.09 19.66 10.72
C15 1PE F . 28.97 20.05 11.71
C25 1PE F . 30.42 20.36 11.77
OH6 1PE F . 28.26 21.17 12.21
C16 1PE F . 26.18 22.35 12.38
C26 1PE F . 26.88 21.15 11.84
OH7 1PE F . 26.10 22.36 13.78
PA FAD G . -14.66 17.39 1.48
O1A FAD G . -15.73 17.47 2.48
O2A FAD G . -14.03 18.65 1.06
O5B FAD G . -13.57 16.37 1.97
C5B FAD G . -12.28 16.31 1.35
C4B FAD G . -11.57 15.06 1.83
O4B FAD G . -11.26 15.19 3.23
C3B FAD G . -12.35 13.75 1.70
O3B FAD G . -11.50 12.66 1.40
C2B FAD G . -12.96 13.59 3.08
O2B FAD G . -13.17 12.24 3.40
C1B FAD G . -11.85 14.15 3.96
N9A FAD G . -12.37 14.70 5.17
C8A FAD G . -13.27 15.71 5.32
N7A FAD G . -13.55 15.96 6.56
C5A FAD G . -12.79 15.06 7.28
C6A FAD G . -12.64 14.80 8.65
N6A FAD G . -13.26 15.48 9.61
N1A FAD G . -11.79 13.81 9.01
C2A FAD G . -11.16 13.15 8.05
N3A FAD G . -11.22 13.29 6.74
C4A FAD G . -12.06 14.27 6.42
N1 FAD G . -24.46 14.62 -2.59
C2 FAD G . -25.78 14.73 -2.59
O2 FAD G . -26.33 15.52 -1.86
N3 FAD G . -26.56 13.98 -3.35
C4 FAD G . -26.06 13.04 -4.19
O4 FAD G . -26.81 12.38 -4.88
C4X FAD G . -24.69 12.90 -4.26
N5 FAD G . -24.20 12.02 -5.08
C5X FAD G . -22.84 11.91 -5.13
C6 FAD G . -22.30 10.98 -6.02
C7 FAD G . -20.95 10.83 -6.14
C7M FAD G . -20.39 9.82 -7.11
C8 FAD G . -20.09 11.61 -5.36
C8M FAD G . -18.59 11.44 -5.47
C9 FAD G . -20.61 12.52 -4.47
C9A FAD G . -21.99 12.69 -4.34
N10 FAD G . -22.56 13.61 -3.47
C10 FAD G . -23.92 13.75 -3.41
C1' FAD G . -21.70 14.47 -2.63
C2' FAD G . -20.91 13.70 -1.62
O2' FAD G . -21.74 13.41 -0.50
C3' FAD G . -19.73 14.53 -1.12
O3' FAD G . -18.65 14.27 -1.97
C4' FAD G . -19.33 14.22 0.30
O4' FAD G . -20.51 14.16 1.09
C5' FAD G . -18.47 15.29 0.92
O5' FAD G . -17.20 15.22 0.28
P FAD G . -16.62 16.47 -0.49
O1P FAD G . -17.26 17.76 -0.24
O2P FAD G . -16.47 15.98 -1.86
O3P FAD G . -15.20 16.60 0.21
#